data_1SQX
#
_entry.id   1SQX
#
_cell.length_a   154.385
_cell.length_b   154.385
_cell.length_c   590.271
_cell.angle_alpha   90.00
_cell.angle_beta   90.00
_cell.angle_gamma   90.00
#
_symmetry.space_group_name_H-M   'I 41 2 2'
#
loop_
_entity.id
_entity.type
_entity.pdbx_description
1 polymer 'Ubiquinol-cytochrome-c reductase complex core protein I, mitochondrial precursor'
2 polymer 'Ubiquinol-cytochrome-c reductase complex core protein 2, mitochondrial precursor'
3 polymer 'Cytochrome b'
4 polymer 'Cytochrome c1, heme protein, mitochondrial'
5 polymer 'Ubiquinol-cytochrome c reductase iron-sulfur subunit, mitochondrial precursor (EC 1.10.2.2) (Rieske iron-sulfur protein) (RISP) [Contains: Ubiquinol-cytochrome c reductase 8 kDa protein (Complex III subunit IX)]'
6 polymer 'Ubiquinol-cytochrome C reductase complex 14 kDa protein'
7 polymer 'Ubiquinol-cytochrome C reductase complex ubiquinone-binding protein QP-C'
8 polymer 'Ubiquinol-cytochrome C reductase complex 11 kDa protein'
9 polymer 'Ubiquinol-cytochrome c reductase iron-sulfur subunit, mitochondrial precursor (EC 1.10.2.2) (Rieske iron-sulfur protein) (RISP) [Contains: Ubiquinol-cytochrome c reductase 8 kDa protein (Complex III subunit IX)]'
10 polymer 'Ubiquinol-cytochrome C reductase complex 7.2 kDa protein'
11 polymer 'Ubiquinol-cytochrome C reductase complex 6.4 kDa protein'
12 non-polymer UBIQUINONE-2
13 non-polymer 'HEME C'
14 non-polymer 'STIGMATELLIN A'
15 non-polymer 'FE2/S2 (INORGANIC) CLUSTER'
16 water water
#
loop_
_entity_poly.entity_id
_entity_poly.type
_entity_poly.pdbx_seq_one_letter_code
_entity_poly.pdbx_strand_id
1 'polypeptide(L)'
;TATYAQALQSVPETQVSQLDNGLRVASEQSSQPTCTVGVWIDAGSRYESEKNNGAGYFVEHLAFKGTKNRPGNALEKEVE
SMGAHLNAYSTREHTAYYIKALSKDLPKAVELLADIVQNCSLEDSQIEKERDVILQELQENDTSMRDVVFNYLHATAFQG
TPLAQSVEGPSENVRKLSRADLTEYLSRHYKAPRMVLAAAGGLEHRQLLDLAQKHFSGLSGTYDEDAVPTLSPCRFTGSQ
ICHREDGLPLAHVAIAVEGPGWAHPDNVALQVANAIIGHYDCTYGGGAHLSSPLASIAATNKLCQSFQTFNICYADTGLL
GAHFVCDHMSIDDMMFVLQGQWMRLCTSATESEVLRGKNLLRNALVSHLDGTTPVCEDIGRSLLTYGRRIPLAEWESRIA
EVDARVVREVCSKYFYDQCPAVAGFGPIEQLPDYNRIRSGMFWLRF
;
A
2 'polypeptide(L)'
;SLKVAPKVKATEAPAGVPPHPQDLEFTRLPNGLVIASLENYAPASRIGLFIKAGSRYENSNNLGTSHLLRLASSLTTKGA
SSFKITRGIEAVGGKLSVTSTRENMAYTVECLRDDVDILMEFLLNVTTAPEFRRWEVAALQPQLRIDKAVALQNPQAHVI
ENLHAAAYRNALANSLYCPDYRIGKVTPVELHDYVQNHFTSARMALIGLGVSHPVLKQVAEQFLNIRGGLGLSGAKAKYH
GGEIREQNGDSLVHAALVAESAAIGSAEANAFSVLQHVLGAGPHVKRGSNATSSLYQAVAKGVHQPFDVSAFNASYSDSG
LFGFYTISQAASAGDVIKAAYNQVKTIAQGNLSNPDVQAAKNKLKAGYLMSVESSEGFLDEVGSQALAAGSYTPPSTVLQ
QIDAVADADVINAAKKFVSGRKSMAASGNLGHTPFIDEL
;
B
3 'polypeptide(L)'
;MTNIRKSHPLMKIVNNAFIDLPAPSNISSWWNFGSLLGICLILQILTGLFLAMHYTSDTTTAFSSVTHICRDVNYGWIIR
YMHANGASMFFICLYMHVGRGLYYGSYTFLETWNIGVILLLTVMATAFMGYVLPWGQMSFWGATVITNLLSAIPYIGTNL
VEWIWGGFSVDKATLTRFFAFHFILPFIIMAIAMVHLLFLHETGSNNPTGISSDVDKIPFHPYYTIKDILGALLLILALM
LLVLFAPDLLGDPDNYTPANPLNTPPHIKPEWYFLFAYAILRSIPNKLGGVLALAFSILILALIPLLHTSKQRSMMFRPL
SQCLFWALVADLLTLTWIGGQPVEHPYITIGQLASVLYFLLILVLMPTAGTIENKLLKW
;
C
4 'polypeptide(L)'
;SHTDIKVPDFSDYRRPEVLDSTKSSKESSEARKGFSYLVTATTTVGVAYAAKNVVSQFVSSMSASADVLAMSKIEIKLSD
IPEGKNMAFKWRGKPLFVRHRTKKEIDQEAAVEVSQLRDPQHDLERVKKPEWVILIGVCTHLGCVPIANAGDFGGYYCPC
HGSHYDASGRIRKGPAPLNLEVPSYEFTSDDMVIVG
;
E
5 'polypeptide(L)'
;SDLELHPPSYPWSHRGLLSSLDHTSIRRGFQVYKQVCSSCHSMDYVAYRHLVGVCYTEDEAKALAEEVEVQDGPNEDGEM
FMRPGKLSDYFPKPYPNPEAARAANNGALPPDLSYIVRARHGGEDYVFSLLTGYCEPPTGVSLREGLYFNPYFPGQAIGM
APPIYNEVLEFDDGTPATMSQVAKDVCTFLRWAAEPEHDHRKRMGLKMLLMMGLLLPLVYAMKRHKWSVLKSRKLAYRPP
K
;
D
6 'polypeptide(L)'
;GRQFGHLTRVRHVITYSLSPFEQRAFPHYFSKGIPNVLRRTRACILRVAPPFVAFYLVYTWGTQEFEKSKRKNPAAYEND
R
;
G
7 'polypeptide(L)' MLSVAARSGPFAPVLSATSRGVAGALRPLVQAAVPATSESPVLDLKRSVLCRESLRGQAAGRPLVASVSLNVPASVRY I
8 'polypeptide(L)'
;AGRPAVSASSRWLEGIRKWYYNAAGFNKLGLMRDDTIHENDDVKEAIRRLPENLYDDRVFRIKRALDLSMRQQILPKEQW
TKYEEDKSYLEPYLKEVIRERKEREEWAKK
;
F
9 'polypeptide(L)' MLTRFLGPRYRQLARNWVPTASLWGAVGAVGLVWATDWRLILDWVPYINGKFKKDD K
10 'polypeptide(L)' GDPKEEEEEEEELVDPLTTVREQCEQLEKCVKARERLELCDERVSSRSQTEEDCTEELLDFLHARDHCVAHKLFNSLK H
11 'polypeptide(L)' VAPTLTARLYSLLFRRTSTFALTIVVGALFFERAFDQGADAIYEHINEGKLWKHIKHKYENK J
#
loop_
_chem_comp.id
_chem_comp.type
_chem_comp.name
_chem_comp.formula
FES non-polymer 'FE2/S2 (INORGANIC) CLUSTER' 'Fe2 S2'
HEC non-polymer 'HEME C' 'C34 H34 Fe N4 O4'
SMA non-polymer 'STIGMATELLIN A' 'C30 H42 O7'
UQ2 non-polymer UBIQUINONE-2 'C19 H26 O4'
#
# COMPACT_ATOMS: atom_id res chain seq x y z
N THR A 1 52.35 23.21 -11.77
CA THR A 1 51.13 23.19 -12.67
C THR A 1 49.96 23.98 -12.08
N ALA A 2 49.03 24.37 -12.95
CA ALA A 2 47.73 24.91 -12.58
C ALA A 2 46.92 23.94 -11.70
N THR A 3 46.09 24.51 -10.82
CA THR A 3 45.04 23.76 -10.11
C THR A 3 43.78 23.64 -10.99
N TYR A 4 42.84 22.80 -10.55
CA TYR A 4 41.44 22.82 -11.04
C TYR A 4 40.79 24.21 -10.98
N ALA A 5 40.96 24.89 -9.84
CA ALA A 5 40.45 26.24 -9.62
C ALA A 5 41.00 27.25 -10.65
N GLN A 6 42.31 27.22 -10.87
CA GLN A 6 42.97 28.06 -11.89
C GLN A 6 42.48 27.73 -13.31
N ALA A 7 42.27 26.44 -13.57
CA ALA A 7 41.93 25.94 -14.90
C ALA A 7 40.58 26.44 -15.41
N LEU A 8 39.65 26.71 -14.47
CA LEU A 8 38.33 27.25 -14.76
C LEU A 8 38.34 28.73 -15.13
N GLN A 9 39.28 29.48 -14.52
CA GLN A 9 39.51 30.90 -14.88
C GLN A 9 40.08 31.05 -16.29
N SER A 10 40.93 30.10 -16.71
CA SER A 10 41.62 30.13 -18.01
C SER A 10 40.70 29.79 -19.21
N VAL A 11 39.49 29.28 -18.91
CA VAL A 11 38.41 29.09 -19.91
C VAL A 11 37.95 30.48 -20.42
N PRO A 12 38.10 30.74 -21.73
CA PRO A 12 37.81 32.07 -22.31
C PRO A 12 36.32 32.41 -22.27
N GLU A 13 36.03 33.67 -21.97
CA GLU A 13 34.66 34.20 -21.87
C GLU A 13 33.90 34.06 -23.20
N THR A 14 32.65 33.61 -23.12
CA THR A 14 31.70 33.69 -24.23
C THR A 14 31.38 35.16 -24.52
N GLN A 15 31.66 35.59 -25.75
CA GLN A 15 31.28 36.93 -26.23
C GLN A 15 29.85 36.92 -26.82
N VAL A 16 29.03 37.88 -26.37
CA VAL A 16 27.63 38.04 -26.81
C VAL A 16 27.45 39.39 -27.50
N SER A 17 26.78 39.37 -28.65
CA SER A 17 26.26 40.58 -29.29
C SER A 17 24.79 40.46 -29.69
N GLN A 18 24.06 41.57 -29.62
CA GLN A 18 22.71 41.67 -30.20
C GLN A 18 22.72 42.42 -31.52
N LEU A 19 22.16 41.76 -32.53
CA LEU A 19 21.83 42.36 -33.83
C LEU A 19 20.57 43.21 -33.70
N ASP A 20 20.39 44.14 -34.65
CA ASP A 20 19.35 45.18 -34.56
C ASP A 20 17.90 44.65 -34.58
N ASN A 21 17.68 43.54 -35.28
CA ASN A 21 16.42 42.79 -35.25
C ASN A 21 16.14 41.97 -33.95
N GLY A 22 17.18 41.80 -33.12
CA GLY A 22 17.05 41.11 -31.84
C GLY A 22 17.64 39.70 -31.79
N LEU A 23 18.16 39.23 -32.94
CA LEU A 23 19.02 38.03 -33.01
C LEU A 23 20.28 38.20 -32.13
N ARG A 24 20.42 37.34 -31.14
CA ARG A 24 21.65 37.26 -30.34
C ARG A 24 22.68 36.40 -31.04
N VAL A 25 23.92 36.90 -31.06
CA VAL A 25 25.05 36.18 -31.66
C VAL A 25 26.19 35.94 -30.68
N ALA A 26 26.50 34.68 -30.46
CA ALA A 26 27.43 34.33 -29.38
C ALA A 26 28.45 33.25 -29.71
N SER A 27 29.68 33.44 -29.18
CA SER A 27 30.83 32.62 -29.54
C SER A 27 31.81 32.42 -28.41
N GLU A 28 32.23 31.16 -28.23
CA GLU A 28 33.40 30.83 -27.45
C GLU A 28 34.55 30.47 -28.40
N GLN A 29 35.60 31.28 -28.39
CA GLN A 29 36.79 31.03 -29.20
C GLN A 29 37.76 30.10 -28.51
N SER A 30 38.12 29.00 -29.22
CA SER A 30 39.34 28.23 -28.94
C SER A 30 40.32 28.25 -30.14
N SER A 31 41.35 27.41 -30.06
CA SER A 31 42.42 27.33 -31.08
C SER A 31 42.13 26.33 -32.22
N GLN A 32 40.98 25.65 -32.12
CA GLN A 32 40.59 24.51 -32.96
C GLN A 32 40.56 24.82 -34.49
N PRO A 33 41.00 23.86 -35.34
CA PRO A 33 40.84 24.00 -36.81
C PRO A 33 39.39 23.80 -37.32
N THR A 34 38.49 23.32 -36.45
CA THR A 34 37.08 23.05 -36.78
C THR A 34 36.17 23.81 -35.83
N CYS A 35 34.90 23.93 -36.22
CA CYS A 35 33.92 24.65 -35.44
C CYS A 35 32.57 23.95 -35.45
N THR A 36 31.68 24.38 -34.56
CA THR A 36 30.26 24.13 -34.68
C THR A 36 29.50 25.47 -34.66
N VAL A 37 28.62 25.66 -35.65
CA VAL A 37 27.69 26.79 -35.72
C VAL A 37 26.26 26.31 -35.83
N GLY A 38 25.34 27.09 -35.26
CA GLY A 38 23.95 26.75 -35.31
C GLY A 38 22.98 27.78 -34.78
N VAL A 39 21.72 27.55 -35.13
CA VAL A 39 20.61 28.37 -34.68
C VAL A 39 19.81 27.60 -33.65
N TRP A 40 19.75 28.15 -32.44
CA TRP A 40 18.85 27.67 -31.39
C TRP A 40 17.59 28.57 -31.33
N ILE A 41 16.43 27.94 -31.54
CA ILE A 41 15.13 28.66 -31.51
C ILE A 41 14.36 28.30 -30.24
N ASP A 42 13.74 29.34 -29.62
CA ASP A 42 12.72 29.15 -28.59
C ASP A 42 11.38 28.67 -29.19
N ALA A 43 11.42 27.45 -29.75
CA ALA A 43 10.27 26.80 -30.36
C ALA A 43 10.32 25.31 -30.11
N GLY A 44 9.15 24.74 -29.80
CA GLY A 44 8.96 23.30 -29.64
C GLY A 44 7.52 22.98 -29.30
N SER A 45 7.25 21.71 -28.97
CA SER A 45 5.88 21.17 -28.87
C SER A 45 5.00 21.81 -27.77
N ARG A 46 5.64 22.38 -26.74
CA ARG A 46 4.96 23.18 -25.70
C ARG A 46 4.27 24.45 -26.25
N TYR A 47 4.78 24.98 -27.36
CA TYR A 47 4.14 26.10 -28.06
C TYR A 47 2.97 25.68 -28.95
N GLU A 48 2.97 24.41 -29.34
CA GLU A 48 1.94 23.86 -30.26
C GLU A 48 0.62 23.59 -29.54
N SER A 49 -0.48 23.91 -30.23
CA SER A 49 -1.84 23.51 -29.82
C SER A 49 -2.11 22.06 -30.20
N GLU A 50 -3.18 21.48 -29.63
CA GLU A 50 -3.75 20.19 -30.05
C GLU A 50 -3.75 19.96 -31.57
N LYS A 51 -4.16 20.99 -32.32
CA LYS A 51 -4.43 20.84 -33.76
C LYS A 51 -3.18 20.87 -34.63
N ASN A 52 -2.16 21.62 -34.22
CA ASN A 52 -0.88 21.68 -34.95
C ASN A 52 0.32 20.93 -34.32
N ASN A 53 0.07 20.18 -33.23
CA ASN A 53 1.08 19.36 -32.54
C ASN A 53 1.83 18.40 -33.50
N GLY A 54 3.16 18.50 -33.49
CA GLY A 54 4.01 17.79 -34.43
C GLY A 54 4.48 18.59 -35.65
N ALA A 55 4.09 19.88 -35.72
CA ALA A 55 4.46 20.79 -36.83
C ALA A 55 5.96 21.07 -36.93
N GLY A 56 6.57 21.40 -35.78
CA GLY A 56 8.00 21.68 -35.71
C GLY A 56 8.82 20.49 -36.13
N TYR A 57 8.42 19.32 -35.64
CA TYR A 57 8.93 18.02 -36.09
C TYR A 57 8.82 17.80 -37.60
N PHE A 58 7.69 18.19 -38.17
CA PHE A 58 7.47 18.19 -39.63
C PHE A 58 8.41 19.17 -40.36
N VAL A 59 8.57 20.37 -39.81
CA VAL A 59 9.53 21.38 -40.33
C VAL A 59 10.98 20.86 -40.31
N GLU A 60 11.35 20.20 -39.20
CA GLU A 60 12.66 19.54 -39.04
C GLU A 60 12.96 18.55 -40.16
N HIS A 61 11.92 17.82 -40.59
CA HIS A 61 11.98 16.92 -41.73
C HIS A 61 12.12 17.63 -43.07
N LEU A 62 11.71 18.91 -43.13
CA LEU A 62 11.69 19.68 -44.39
C LEU A 62 12.86 20.66 -44.55
N ALA A 63 13.46 21.04 -43.43
CA ALA A 63 14.49 22.09 -43.34
C ALA A 63 15.71 21.88 -44.25
N PHE A 64 16.06 20.61 -44.49
CA PHE A 64 17.27 20.27 -45.24
C PHE A 64 17.01 19.81 -46.68
N LYS A 65 15.73 19.86 -47.11
CA LYS A 65 15.30 19.25 -48.37
C LYS A 65 15.14 20.25 -49.53
N GLY A 66 15.39 21.53 -49.24
CA GLY A 66 15.49 22.57 -50.27
C GLY A 66 15.12 23.97 -49.80
N THR A 67 15.83 24.98 -50.32
CA THR A 67 15.45 26.40 -50.14
C THR A 67 15.07 27.08 -51.46
N LYS A 68 14.69 28.37 -51.37
CA LYS A 68 14.43 29.23 -52.55
C LYS A 68 15.70 29.48 -53.40
N ASN A 69 16.87 29.42 -52.77
CA ASN A 69 18.18 29.56 -53.45
C ASN A 69 18.84 28.22 -53.77
N ARG A 70 18.63 27.23 -52.89
CA ARG A 70 19.20 25.90 -53.05
C ARG A 70 18.08 24.82 -53.11
N PRO A 71 17.42 24.67 -54.28
CA PRO A 71 16.26 23.75 -54.38
C PRO A 71 16.67 22.28 -54.44
N GLY A 72 15.84 21.41 -53.84
CA GLY A 72 16.10 19.97 -53.79
C GLY A 72 17.36 19.63 -53.01
N ASN A 73 18.21 18.82 -53.63
CA ASN A 73 19.41 18.26 -52.98
C ASN A 73 20.64 19.19 -53.00
N ALA A 74 20.47 20.43 -53.46
CA ALA A 74 21.58 21.36 -53.66
C ALA A 74 22.30 21.76 -52.37
N LEU A 75 21.54 21.89 -51.27
CA LEU A 75 22.09 22.23 -49.96
C LEU A 75 22.97 21.13 -49.38
N GLU A 76 22.46 19.90 -49.39
CA GLU A 76 23.20 18.75 -48.90
C GLU A 76 24.44 18.44 -49.72
N LYS A 77 24.37 18.69 -51.03
CA LYS A 77 25.51 18.65 -51.95
C LYS A 77 26.65 19.61 -51.53
N GLU A 78 26.29 20.79 -51.01
CA GLU A 78 27.28 21.80 -50.59
C GLU A 78 27.92 21.45 -49.23
N VAL A 79 27.07 21.01 -48.29
CA VAL A 79 27.48 20.54 -46.98
C VAL A 79 28.43 19.31 -47.08
N GLU A 80 27.99 18.29 -47.84
CA GLU A 80 28.80 17.11 -48.12
C GLU A 80 30.16 17.46 -48.76
N SER A 81 30.14 18.33 -49.78
CA SER A 81 31.33 18.66 -50.59
C SER A 81 32.48 19.34 -49.83
N MET A 82 32.14 20.11 -48.79
CA MET A 82 33.17 20.70 -47.92
C MET A 82 33.49 19.85 -46.68
N GLY A 83 32.82 18.69 -46.59
CA GLY A 83 33.05 17.75 -45.52
C GLY A 83 32.40 18.15 -44.22
N ALA A 84 31.32 18.94 -44.32
CA ALA A 84 30.58 19.42 -43.16
C ALA A 84 29.49 18.43 -42.71
N HIS A 85 29.06 18.56 -41.45
CA HIS A 85 27.94 17.78 -40.92
C HIS A 85 26.80 18.66 -40.48
N LEU A 86 25.63 18.42 -41.07
CA LEU A 86 24.45 19.21 -40.84
C LEU A 86 23.45 18.39 -40.06
N ASN A 87 23.08 18.88 -38.88
CA ASN A 87 22.26 18.14 -37.92
C ASN A 87 21.16 19.00 -37.32
N ALA A 88 20.16 18.34 -36.72
CA ALA A 88 18.98 19.00 -36.16
C ALA A 88 18.41 18.22 -34.99
N TYR A 89 17.83 18.94 -34.01
CA TYR A 89 16.94 18.32 -33.00
C TYR A 89 15.75 19.19 -32.55
N SER A 90 14.73 18.51 -32.02
CA SER A 90 13.50 19.14 -31.52
C SER A 90 13.12 18.55 -30.19
N THR A 91 12.99 19.41 -29.18
CA THR A 91 12.46 19.01 -27.89
C THR A 91 11.09 19.65 -27.68
N ARG A 92 10.58 19.57 -26.45
CA ARG A 92 9.36 20.28 -26.08
C ARG A 92 9.52 21.82 -26.05
N GLU A 93 10.76 22.30 -25.91
CA GLU A 93 11.04 23.73 -25.67
C GLU A 93 12.02 24.40 -26.66
N HIS A 94 12.87 23.59 -27.30
CA HIS A 94 13.98 24.09 -28.13
C HIS A 94 14.09 23.34 -29.46
N THR A 95 14.29 24.10 -30.53
CA THR A 95 14.72 23.57 -31.83
C THR A 95 16.14 24.05 -32.15
N ALA A 96 16.92 23.18 -32.78
CA ALA A 96 18.30 23.49 -33.18
C ALA A 96 18.61 22.96 -34.56
N TYR A 97 19.27 23.79 -35.36
CA TYR A 97 19.95 23.34 -36.58
C TYR A 97 21.40 23.77 -36.51
N TYR A 98 22.32 22.80 -36.61
CA TYR A 98 23.75 23.07 -36.49
C TYR A 98 24.65 22.40 -37.54
N ILE A 99 25.74 23.11 -37.89
CA ILE A 99 26.78 22.59 -38.80
C ILE A 99 28.10 22.38 -38.05
N LYS A 100 28.58 21.13 -38.09
CA LYS A 100 29.97 20.83 -37.82
C LYS A 100 30.75 21.05 -39.12
N ALA A 101 31.73 21.97 -39.06
CA ALA A 101 32.54 22.35 -40.23
C ALA A 101 33.96 22.78 -39.85
N LEU A 102 34.87 22.73 -40.84
CA LEU A 102 36.15 23.46 -40.81
C LEU A 102 35.94 24.94 -40.51
N SER A 103 36.87 25.51 -39.76
CA SER A 103 36.77 26.90 -39.28
C SER A 103 36.84 27.91 -40.44
N LYS A 104 37.71 27.63 -41.42
CA LYS A 104 37.76 28.36 -42.72
C LYS A 104 36.44 28.33 -43.53
N ASP A 105 35.50 27.46 -43.13
CA ASP A 105 34.21 27.29 -43.83
C ASP A 105 33.02 27.96 -43.09
N LEU A 106 33.30 28.62 -41.96
CA LEU A 106 32.32 29.40 -41.20
C LEU A 106 31.51 30.48 -42.01
N PRO A 107 32.14 31.21 -42.97
CA PRO A 107 31.36 32.05 -43.90
C PRO A 107 30.19 31.33 -44.60
N LYS A 108 30.46 30.23 -45.32
CA LYS A 108 29.41 29.47 -46.01
C LYS A 108 28.43 28.79 -45.05
N ALA A 109 28.94 28.32 -43.91
CA ALA A 109 28.15 27.61 -42.90
C ALA A 109 27.08 28.50 -42.28
N VAL A 110 27.43 29.74 -41.99
CA VAL A 110 26.46 30.74 -41.52
C VAL A 110 25.44 31.09 -42.64
N GLU A 111 25.94 31.26 -43.88
CA GLU A 111 25.10 31.50 -45.07
C GLU A 111 24.05 30.39 -45.32
N LEU A 112 24.46 29.13 -45.14
CA LEU A 112 23.55 28.00 -45.27
C LEU A 112 22.48 27.95 -44.16
N LEU A 113 22.91 28.24 -42.92
CA LEU A 113 22.02 28.20 -41.74
C LEU A 113 20.88 29.22 -41.86
N ALA A 114 21.24 30.44 -42.32
CA ALA A 114 20.28 31.51 -42.62
C ALA A 114 19.31 31.12 -43.71
N ASP A 115 19.82 30.44 -44.75
CA ASP A 115 19.03 29.98 -45.87
C ASP A 115 17.98 28.94 -45.45
N ILE A 116 18.39 28.02 -44.54
CA ILE A 116 17.51 27.01 -43.95
C ILE A 116 16.40 27.65 -43.09
N VAL A 117 16.77 28.60 -42.23
CA VAL A 117 15.82 29.22 -41.27
C VAL A 117 14.80 30.13 -41.96
N GLN A 118 15.29 31.03 -42.81
CA GLN A 118 14.48 32.06 -43.45
C GLN A 118 13.70 31.54 -44.67
N ASN A 119 14.34 30.67 -45.46
CA ASN A 119 13.89 30.39 -46.85
C ASN A 119 13.51 28.94 -47.14
N CYS A 120 12.89 28.28 -46.15
CA CYS A 120 12.41 26.90 -46.29
C CYS A 120 11.32 26.73 -47.36
N SER A 121 11.75 26.17 -48.51
CA SER A 121 10.89 26.00 -49.68
C SER A 121 10.12 24.69 -49.57
N LEU A 122 9.05 24.70 -48.77
CA LEU A 122 8.33 23.47 -48.39
C LEU A 122 7.42 23.00 -49.55
N GLU A 123 8.05 22.39 -50.56
CA GLU A 123 7.34 21.96 -51.78
C GLU A 123 6.34 20.86 -51.46
N ASP A 124 5.11 21.01 -51.95
CA ASP A 124 3.96 20.15 -51.61
C ASP A 124 4.25 18.64 -51.72
N SER A 125 4.95 18.27 -52.80
CA SER A 125 5.42 16.90 -53.05
C SER A 125 6.40 16.39 -51.98
N GLN A 126 7.29 17.30 -51.52
CA GLN A 126 8.23 17.02 -50.42
C GLN A 126 7.53 16.79 -49.10
N ILE A 127 6.52 17.63 -48.79
CA ILE A 127 5.73 17.46 -47.53
C ILE A 127 4.89 16.18 -47.53
N GLU A 128 4.53 15.72 -48.73
CA GLU A 128 3.86 14.43 -48.93
C GLU A 128 4.78 13.23 -48.74
N LYS A 129 6.03 13.33 -49.23
CA LYS A 129 7.04 12.30 -48.98
C LYS A 129 7.36 12.13 -47.49
N GLU A 130 7.44 13.27 -46.79
CA GLU A 130 7.76 13.31 -45.36
C GLU A 130 6.66 12.77 -44.46
N ARG A 131 5.42 12.87 -44.92
CA ARG A 131 4.26 12.28 -44.26
C ARG A 131 4.50 10.80 -43.91
N ASP A 132 4.86 10.00 -44.94
CA ASP A 132 5.13 8.56 -44.80
C ASP A 132 6.37 8.26 -43.96
N VAL A 133 7.39 9.14 -44.04
CA VAL A 133 8.66 8.97 -43.31
C VAL A 133 8.43 9.12 -41.78
N ILE A 134 7.80 10.23 -41.37
CA ILE A 134 7.37 10.47 -39.96
C ILE A 134 6.47 9.34 -39.44
N LEU A 135 5.50 8.90 -40.25
CA LEU A 135 4.62 7.78 -39.86
C LEU A 135 5.38 6.50 -39.54
N GLN A 136 6.33 6.13 -40.39
CA GLN A 136 7.25 5.00 -40.14
C GLN A 136 8.09 5.19 -38.86
N GLU A 137 8.57 6.42 -38.65
CA GLU A 137 9.34 6.79 -37.44
C GLU A 137 8.56 6.61 -36.16
N LEU A 138 7.25 6.90 -36.22
CA LEU A 138 6.35 6.65 -35.11
C LEU A 138 6.24 5.17 -34.77
N GLN A 139 6.23 4.32 -35.82
CA GLN A 139 6.17 2.86 -35.67
C GLN A 139 7.45 2.34 -35.07
N GLU A 140 8.56 2.95 -35.49
CA GLU A 140 9.89 2.66 -34.95
C GLU A 140 10.01 3.01 -33.47
N ASN A 141 9.51 4.22 -33.09
CA ASN A 141 9.61 4.71 -31.72
C ASN A 141 8.73 3.91 -30.75
N ASP A 142 7.61 3.37 -31.23
CA ASP A 142 6.78 2.40 -30.49
C ASP A 142 7.57 1.21 -29.90
N THR A 143 8.65 0.80 -30.56
CA THR A 143 9.43 -0.35 -30.13
C THR A 143 10.49 0.00 -29.08
N SER A 144 10.77 1.30 -28.91
CA SER A 144 11.68 1.76 -27.89
C SER A 144 10.93 2.00 -26.59
N MET A 145 11.07 1.07 -25.64
CA MET A 145 10.35 1.16 -24.38
C MET A 145 10.73 2.38 -23.53
N ARG A 146 12.00 2.80 -23.59
CA ARG A 146 12.48 4.06 -22.94
C ARG A 146 11.73 5.30 -23.44
N ASP A 147 11.62 5.45 -24.77
CA ASP A 147 11.01 6.64 -25.39
C ASP A 147 9.51 6.69 -25.14
N VAL A 148 8.87 5.51 -25.13
CA VAL A 148 7.45 5.37 -24.81
C VAL A 148 7.15 5.79 -23.37
N VAL A 149 7.89 5.26 -22.36
CA VAL A 149 7.64 5.63 -20.92
C VAL A 149 7.83 7.10 -20.59
N PHE A 150 8.79 7.73 -21.25
CA PHE A 150 9.04 9.15 -21.06
C PHE A 150 7.99 10.04 -21.72
N ASN A 151 7.49 9.62 -22.90
CA ASN A 151 6.28 10.19 -23.47
C ASN A 151 5.05 9.99 -22.60
N TYR A 152 4.91 8.78 -22.02
CA TYR A 152 3.83 8.46 -21.07
C TYR A 152 3.89 9.28 -19.79
N LEU A 153 5.09 9.41 -19.21
CA LEU A 153 5.33 10.22 -18.00
C LEU A 153 5.02 11.70 -18.20
N HIS A 154 5.39 12.26 -19.37
CA HIS A 154 4.95 13.61 -19.79
C HIS A 154 3.44 13.74 -19.95
N ALA A 155 2.83 12.74 -20.60
CA ALA A 155 1.38 12.72 -20.86
C ALA A 155 0.54 12.64 -19.59
N THR A 156 1.07 11.99 -18.55
CA THR A 156 0.38 11.91 -17.26
C THR A 156 0.75 13.02 -16.26
N ALA A 157 2.04 13.37 -16.17
CA ALA A 157 2.51 14.48 -15.31
C ALA A 157 1.87 15.80 -15.70
N PHE A 158 1.78 16.05 -17.00
CA PHE A 158 1.34 17.34 -17.51
C PHE A 158 -0.01 17.29 -18.24
N GLN A 159 -0.71 16.17 -18.09
CA GLN A 159 -2.20 16.09 -18.09
C GLN A 159 -2.96 17.38 -18.44
N GLY A 160 -3.39 17.47 -19.70
CA GLY A 160 -4.24 18.57 -20.17
C GLY A 160 -3.54 19.90 -20.37
N THR A 161 -2.20 19.89 -20.30
CA THR A 161 -1.38 21.08 -20.59
C THR A 161 -0.56 20.81 -21.88
N PRO A 162 0.07 21.84 -22.49
CA PRO A 162 0.87 21.60 -23.70
C PRO A 162 2.12 20.73 -23.49
N LEU A 163 2.63 20.66 -22.26
CA LEU A 163 3.78 19.80 -21.92
C LEU A 163 3.47 18.29 -21.89
N ALA A 164 2.17 17.93 -21.95
CA ALA A 164 1.72 16.53 -22.07
C ALA A 164 1.99 15.91 -23.44
N GLN A 165 2.10 16.77 -24.45
CA GLN A 165 2.22 16.35 -25.85
C GLN A 165 3.63 15.82 -26.17
N SER A 166 3.67 14.85 -27.08
CA SER A 166 4.88 14.40 -27.75
C SER A 166 5.36 15.46 -28.76
N VAL A 167 6.67 15.45 -29.03
CA VAL A 167 7.31 16.30 -30.02
C VAL A 167 6.80 15.99 -31.46
N GLU A 168 6.63 14.69 -31.74
CA GLU A 168 6.30 14.20 -33.09
C GLU A 168 4.81 14.37 -33.43
N GLY A 169 3.98 14.53 -32.40
CA GLY A 169 2.53 14.64 -32.56
C GLY A 169 1.83 13.29 -32.66
N PRO A 170 0.49 13.27 -32.62
CA PRO A 170 -0.28 12.05 -32.96
C PRO A 170 -0.24 11.75 -34.45
N SER A 171 -0.56 10.52 -34.83
CA SER A 171 -0.61 10.12 -36.24
C SER A 171 -1.61 10.91 -37.12
N GLU A 172 -2.77 11.28 -36.54
CA GLU A 172 -3.79 12.09 -37.26
C GLU A 172 -3.33 13.49 -37.66
N ASN A 173 -2.61 14.16 -36.75
CA ASN A 173 -1.81 15.36 -37.07
C ASN A 173 -0.77 15.19 -38.18
N VAL A 174 -0.10 14.03 -38.21
CA VAL A 174 0.94 13.76 -39.22
C VAL A 174 0.31 13.61 -40.61
N ARG A 175 -0.85 12.97 -40.66
CA ARG A 175 -1.53 12.75 -41.91
C ARG A 175 -2.43 13.89 -42.41
N LYS A 176 -2.76 14.86 -41.52
CA LYS A 176 -3.58 16.04 -41.93
C LYS A 176 -2.98 17.45 -41.86
N LEU A 177 -1.80 17.61 -41.22
CA LEU A 177 -1.08 18.90 -41.20
C LEU A 177 -0.75 19.38 -42.63
N SER A 178 -1.31 20.52 -43.01
CA SER A 178 -1.07 21.13 -44.35
C SER A 178 0.16 22.08 -44.38
N ARG A 179 0.56 22.48 -45.61
CA ARG A 179 1.61 23.48 -45.83
C ARG A 179 1.32 24.84 -45.13
N ALA A 180 0.04 25.27 -45.18
CA ALA A 180 -0.45 26.49 -44.50
C ALA A 180 -0.29 26.45 -42.97
N ASP A 181 -0.64 25.29 -42.37
CA ASP A 181 -0.31 24.97 -40.96
C ASP A 181 1.18 25.14 -40.66
N LEU A 182 2.03 24.70 -41.60
CA LEU A 182 3.49 24.70 -41.41
C LEU A 182 4.11 26.09 -41.52
N THR A 183 3.68 26.86 -42.54
CA THR A 183 4.14 28.24 -42.76
C THR A 183 3.66 29.22 -41.68
N GLU A 184 2.42 28.99 -41.19
CA GLU A 184 1.87 29.71 -40.01
C GLU A 184 2.72 29.53 -38.75
N TYR A 185 3.10 28.26 -38.47
CA TYR A 185 4.08 27.91 -37.42
C TYR A 185 5.41 28.65 -37.59
N LEU A 186 5.95 28.61 -38.81
CA LEU A 186 7.21 29.29 -39.17
C LEU A 186 7.13 30.80 -38.98
N SER A 187 6.02 31.39 -39.46
CA SER A 187 5.74 32.82 -39.31
C SER A 187 5.67 33.27 -37.85
N ARG A 188 4.95 32.50 -37.02
CA ARG A 188 4.71 32.84 -35.62
C ARG A 188 5.96 32.72 -34.73
N HIS A 189 6.82 31.75 -35.05
CA HIS A 189 7.82 31.24 -34.10
C HIS A 189 9.28 31.52 -34.45
N TYR A 190 9.60 31.48 -35.76
CA TYR A 190 10.98 31.71 -36.23
C TYR A 190 11.25 33.21 -36.38
N LYS A 191 11.30 33.89 -35.23
CA LYS A 191 11.41 35.34 -35.16
C LYS A 191 12.65 35.72 -34.36
N ALA A 192 13.36 36.76 -34.85
CA ALA A 192 14.73 37.10 -34.40
C ALA A 192 15.02 37.18 -32.86
N PRO A 193 14.16 37.86 -32.04
CA PRO A 193 14.36 37.89 -30.58
C PRO A 193 14.24 36.54 -29.87
N ARG A 194 13.79 35.52 -30.59
CA ARG A 194 13.56 34.19 -30.01
C ARG A 194 14.61 33.15 -30.45
N MET A 195 15.54 33.55 -31.32
CA MET A 195 16.59 32.66 -31.79
C MET A 195 18.03 33.18 -31.63
N VAL A 196 18.98 32.23 -31.48
CA VAL A 196 20.40 32.53 -31.16
C VAL A 196 21.33 31.87 -32.18
N LEU A 197 22.20 32.68 -32.81
CA LEU A 197 23.34 32.16 -33.54
C LEU A 197 24.54 31.90 -32.61
N ALA A 198 24.75 30.61 -32.33
CA ALA A 198 25.83 30.14 -31.49
C ALA A 198 26.97 29.56 -32.33
N ALA A 199 28.20 29.77 -31.87
CA ALA A 199 29.39 29.17 -32.44
C ALA A 199 30.43 28.78 -31.38
N ALA A 200 31.18 27.71 -31.63
CA ALA A 200 32.38 27.40 -30.83
C ALA A 200 33.50 26.88 -31.71
N GLY A 201 34.69 27.50 -31.56
CA GLY A 201 35.91 26.99 -32.15
C GLY A 201 36.90 28.04 -32.61
N GLY A 202 37.55 27.78 -33.73
CA GLY A 202 38.56 28.66 -34.30
C GLY A 202 37.97 29.81 -35.08
N LEU A 203 37.41 30.77 -34.37
CA LEU A 203 36.75 31.93 -34.97
C LEU A 203 36.89 33.17 -34.07
N GLU A 204 36.99 34.33 -34.69
CA GLU A 204 36.75 35.60 -34.00
C GLU A 204 35.25 35.87 -33.89
N HIS A 205 34.84 36.44 -32.75
CA HIS A 205 33.46 36.91 -32.53
C HIS A 205 33.02 37.97 -33.56
N ARG A 206 33.97 38.84 -33.95
CA ARG A 206 33.78 39.92 -34.95
C ARG A 206 33.19 39.42 -36.28
N GLN A 207 33.74 38.34 -36.82
CA GLN A 207 33.28 37.76 -38.09
C GLN A 207 31.97 36.99 -37.99
N LEU A 208 31.75 36.34 -36.83
CA LEU A 208 30.43 35.78 -36.47
C LEU A 208 29.34 36.85 -36.46
N LEU A 209 29.64 37.99 -35.82
CA LEU A 209 28.82 39.21 -35.86
C LEU A 209 28.62 39.76 -37.29
N ASP A 210 29.71 39.79 -38.08
CA ASP A 210 29.67 40.29 -39.47
C ASP A 210 28.72 39.46 -40.34
N LEU A 211 28.87 38.13 -40.25
CA LEU A 211 28.06 37.17 -41.01
C LEU A 211 26.59 37.16 -40.59
N ALA A 212 26.35 37.49 -39.32
CA ALA A 212 25.01 37.62 -38.76
C ALA A 212 24.24 38.81 -39.34
N GLN A 213 24.91 39.96 -39.48
CA GLN A 213 24.35 41.11 -40.21
C GLN A 213 24.25 40.83 -41.73
N LYS A 214 25.20 40.04 -42.26
CA LYS A 214 25.23 39.68 -43.68
C LYS A 214 24.03 38.84 -44.14
N HIS A 215 23.60 37.90 -43.30
CA HIS A 215 22.70 36.81 -43.72
C HIS A 215 21.39 36.68 -42.91
N PHE A 216 21.34 37.32 -41.74
CA PHE A 216 20.20 37.19 -40.81
C PHE A 216 19.34 38.46 -40.62
N SER A 217 19.80 39.59 -41.17
CA SER A 217 19.25 40.93 -40.87
C SER A 217 17.86 41.26 -41.48
N GLY A 218 17.38 40.38 -42.37
CA GLY A 218 16.05 40.53 -42.96
C GLY A 218 14.96 39.73 -42.26
N LEU A 219 15.05 39.61 -40.93
CA LEU A 219 14.21 38.68 -40.16
C LEU A 219 13.09 39.34 -39.34
N SER A 220 13.45 40.36 -38.54
CA SER A 220 12.49 41.11 -37.69
C SER A 220 12.82 42.63 -37.60
N GLY A 221 13.23 43.20 -38.75
CA GLY A 221 13.43 44.64 -38.89
C GLY A 221 12.13 45.46 -38.85
N THR A 222 11.03 44.85 -39.30
CA THR A 222 9.65 45.38 -39.09
C THR A 222 8.59 44.26 -38.88
N TYR A 223 9.07 43.05 -38.54
CA TYR A 223 8.22 41.87 -38.35
C TYR A 223 7.80 41.63 -36.87
N ASP A 224 8.08 42.64 -36.02
CA ASP A 224 7.77 42.60 -34.58
C ASP A 224 6.28 42.94 -34.35
N GLU A 225 5.43 41.91 -34.47
CA GLU A 225 3.96 42.06 -34.55
C GLU A 225 3.23 40.76 -34.15
N ASP A 226 1.90 40.89 -33.91
CA ASP A 226 1.02 39.81 -33.38
C ASP A 226 1.37 39.32 -31.94
N ALA A 227 0.48 38.49 -31.36
CA ALA A 227 0.60 38.02 -29.97
C ALA A 227 1.87 37.15 -29.76
N VAL A 228 2.94 37.81 -29.30
CA VAL A 228 4.31 37.26 -29.33
C VAL A 228 4.85 36.72 -27.98
N PRO A 229 4.96 35.39 -27.83
CA PRO A 229 3.81 34.48 -27.68
C PRO A 229 3.87 33.72 -26.31
N THR A 230 3.25 34.30 -25.26
CA THR A 230 3.44 33.87 -23.84
C THR A 230 3.19 32.36 -23.63
N LEU A 231 4.06 31.73 -22.84
CA LEU A 231 4.02 30.28 -22.69
C LEU A 231 2.88 29.76 -21.81
N SER A 232 2.75 30.33 -20.59
CA SER A 232 1.80 29.87 -19.55
C SER A 232 2.24 28.59 -18.79
N PRO A 233 2.15 28.62 -17.44
CA PRO A 233 2.54 27.46 -16.60
C PRO A 233 1.78 26.17 -16.91
N CYS A 234 2.47 25.06 -16.77
CA CYS A 234 1.88 23.74 -16.91
C CYS A 234 1.65 23.10 -15.55
N ARG A 235 0.37 22.82 -15.28
CA ARG A 235 -0.08 22.05 -14.11
C ARG A 235 0.46 20.62 -14.17
N PHE A 236 1.41 20.34 -13.27
CA PHE A 236 1.79 18.97 -12.88
C PHE A 236 0.65 18.32 -12.09
N THR A 237 0.47 17.02 -12.30
CA THR A 237 -0.55 16.28 -11.57
C THR A 237 -0.12 15.43 -10.35
N GLY A 238 0.48 14.26 -10.57
CA GLY A 238 0.51 13.26 -9.50
C GLY A 238 -0.54 12.22 -9.82
N SER A 239 -0.09 11.19 -10.54
CA SER A 239 -0.98 10.29 -11.29
C SER A 239 -0.19 9.13 -11.87
N GLN A 240 -0.90 8.18 -12.47
CA GLN A 240 -0.30 6.95 -12.97
C GLN A 240 -0.86 6.58 -14.33
N ILE A 241 0.05 6.28 -15.26
CA ILE A 241 -0.28 5.56 -16.49
C ILE A 241 0.42 4.19 -16.54
N CYS A 242 -0.37 3.13 -16.71
CA CYS A 242 0.13 1.75 -16.72
C CYS A 242 -0.32 1.03 -17.98
N HIS A 243 0.59 0.97 -18.96
CA HIS A 243 0.42 0.15 -20.15
C HIS A 243 0.92 -1.27 -19.87
N ARG A 244 -0.01 -2.13 -19.46
CA ARG A 244 0.27 -3.54 -19.21
C ARG A 244 0.42 -4.33 -20.52
N GLU A 245 1.65 -4.76 -20.79
CA GLU A 245 1.96 -5.67 -21.91
C GLU A 245 2.89 -6.82 -21.47
N ASP A 246 2.30 -7.99 -21.14
CA ASP A 246 3.08 -9.15 -20.64
C ASP A 246 3.89 -9.85 -21.74
N GLY A 247 3.60 -9.51 -23.00
CA GLY A 247 4.35 -9.99 -24.16
C GLY A 247 5.74 -9.40 -24.30
N LEU A 248 6.01 -8.29 -23.62
CA LEU A 248 7.36 -7.70 -23.59
C LEU A 248 8.19 -8.29 -22.41
N PRO A 249 9.48 -8.60 -22.65
CA PRO A 249 10.26 -9.39 -21.66
C PRO A 249 10.80 -8.60 -20.44
N LEU A 250 10.83 -7.26 -20.53
CA LEU A 250 11.25 -6.42 -19.40
C LEU A 250 10.36 -5.20 -19.15
N ALA A 251 10.12 -4.92 -17.87
CA ALA A 251 9.32 -3.78 -17.44
C ALA A 251 10.13 -2.50 -17.48
N HIS A 252 9.56 -1.46 -18.09
CA HIS A 252 10.01 -0.06 -17.91
C HIS A 252 9.11 0.70 -16.96
N VAL A 253 9.73 1.40 -16.01
CA VAL A 253 9.04 2.27 -15.04
C VAL A 253 9.84 3.59 -14.97
N ALA A 254 9.14 4.71 -15.13
CA ALA A 254 9.69 6.04 -14.81
C ALA A 254 8.82 6.72 -13.81
N ILE A 255 9.46 7.32 -12.80
CA ILE A 255 8.78 7.96 -11.67
C ILE A 255 9.43 9.33 -11.42
N ALA A 256 8.58 10.35 -11.24
CA ALA A 256 9.07 11.71 -11.02
C ALA A 256 8.15 12.52 -10.15
N VAL A 257 8.74 13.32 -9.27
CA VAL A 257 8.07 14.48 -8.68
C VAL A 257 8.27 15.72 -9.54
N GLU A 258 7.42 16.75 -9.33
CA GLU A 258 7.56 18.01 -10.04
C GLU A 258 8.82 18.73 -9.63
N GLY A 259 9.71 18.92 -10.61
CA GLY A 259 10.89 19.74 -10.44
C GLY A 259 10.58 21.22 -10.64
N PRO A 260 11.51 22.10 -10.26
CA PRO A 260 11.41 23.51 -10.64
C PRO A 260 12.03 23.72 -12.04
N GLY A 261 11.71 24.85 -12.68
CA GLY A 261 12.26 25.18 -13.98
C GLY A 261 13.77 25.41 -14.08
N TRP A 262 14.21 25.71 -15.31
CA TRP A 262 15.58 26.14 -15.65
C TRP A 262 16.21 27.17 -14.70
N ALA A 263 15.41 28.15 -14.27
CA ALA A 263 15.90 29.33 -13.53
C ALA A 263 16.44 29.02 -12.13
N HIS A 264 15.84 28.01 -11.48
CA HIS A 264 15.92 27.83 -10.02
C HIS A 264 17.30 27.37 -9.56
N PRO A 265 17.91 28.08 -8.58
CA PRO A 265 19.15 27.62 -7.90
C PRO A 265 19.11 26.19 -7.32
N ASP A 266 17.90 25.70 -6.96
CA ASP A 266 17.69 24.36 -6.39
C ASP A 266 18.18 23.18 -7.27
N ASN A 267 18.30 23.44 -8.58
CA ASN A 267 18.79 22.47 -9.55
C ASN A 267 20.16 21.88 -9.26
N VAL A 268 21.07 22.71 -8.75
CA VAL A 268 22.45 22.30 -8.46
C VAL A 268 22.51 21.24 -7.33
N ALA A 269 21.80 21.50 -6.22
CA ALA A 269 21.66 20.55 -5.11
C ALA A 269 20.91 19.26 -5.48
N LEU A 270 19.85 19.40 -6.30
CA LEU A 270 19.10 18.24 -6.81
C LEU A 270 19.97 17.36 -7.69
N GLN A 271 20.84 18.00 -8.48
CA GLN A 271 21.78 17.29 -9.32
C GLN A 271 22.87 16.57 -8.53
N VAL A 272 23.35 17.21 -7.45
CA VAL A 272 24.23 16.54 -6.45
C VAL A 272 23.56 15.27 -5.88
N ALA A 273 22.30 15.40 -5.47
CA ALA A 273 21.55 14.31 -4.86
C ALA A 273 21.27 13.15 -5.83
N ASN A 274 20.99 13.51 -7.09
CA ASN A 274 20.83 12.56 -8.19
C ASN A 274 22.11 11.83 -8.54
N ALA A 275 23.25 12.55 -8.44
CA ALA A 275 24.58 11.95 -8.63
C ALA A 275 24.94 10.88 -7.55
N ILE A 276 24.61 11.16 -6.27
CA ILE A 276 24.70 10.20 -5.13
C ILE A 276 23.92 8.89 -5.41
N ILE A 277 22.70 9.01 -5.95
CA ILE A 277 21.91 7.81 -6.33
C ILE A 277 22.44 7.23 -7.65
N GLY A 278 22.87 8.11 -8.55
CA GLY A 278 23.58 7.74 -9.76
C GLY A 278 22.78 6.99 -10.79
N HIS A 279 23.52 6.27 -11.63
CA HIS A 279 22.98 5.39 -12.66
C HIS A 279 23.59 3.98 -12.53
N TYR A 280 23.00 3.03 -13.24
CA TYR A 280 23.54 1.67 -13.32
C TYR A 280 23.06 1.03 -14.60
N ASP A 281 23.93 0.21 -15.21
CA ASP A 281 23.46 -0.97 -15.95
C ASP A 281 24.27 -2.23 -15.79
N CYS A 282 23.83 -3.30 -16.45
CA CYS A 282 24.38 -4.64 -16.26
C CYS A 282 25.82 -4.82 -16.78
N THR A 283 26.32 -3.84 -17.54
CA THR A 283 27.71 -3.88 -18.10
C THR A 283 28.71 -3.06 -17.29
N TYR A 284 28.24 -2.43 -16.20
CA TYR A 284 29.14 -1.74 -15.25
C TYR A 284 30.04 -2.74 -14.58
N GLY A 285 31.33 -2.41 -14.57
CA GLY A 285 32.32 -3.19 -13.87
C GLY A 285 32.17 -3.02 -12.38
N GLY A 286 32.55 -4.08 -11.64
CA GLY A 286 32.42 -4.15 -10.19
C GLY A 286 31.08 -3.57 -9.66
N GLY A 287 30.08 -4.44 -9.43
CA GLY A 287 28.77 -4.04 -8.96
C GLY A 287 28.65 -3.88 -7.45
N ALA A 288 28.93 -4.97 -6.71
CA ALA A 288 28.88 -4.99 -5.21
C ALA A 288 29.50 -3.77 -4.49
N HIS A 289 30.63 -3.30 -5.03
CA HIS A 289 31.43 -2.26 -4.40
C HIS A 289 31.08 -0.83 -4.78
N LEU A 290 30.09 -0.64 -5.68
CA LEU A 290 29.68 0.73 -6.08
C LEU A 290 29.20 1.57 -4.90
N SER A 291 29.46 2.87 -4.96
CA SER A 291 29.21 3.74 -3.80
C SER A 291 27.72 3.93 -3.53
N SER A 292 26.95 4.23 -4.59
CA SER A 292 25.49 4.36 -4.51
C SER A 292 24.85 3.09 -3.89
N PRO A 293 24.17 3.24 -2.75
CA PRO A 293 23.44 2.12 -2.12
C PRO A 293 22.43 1.46 -3.06
N LEU A 294 21.68 2.24 -3.85
CA LEU A 294 20.78 1.69 -4.85
C LEU A 294 21.53 0.85 -5.91
N ALA A 295 22.56 1.42 -6.52
CA ALA A 295 23.37 0.75 -7.53
C ALA A 295 24.05 -0.51 -6.99
N SER A 296 24.47 -0.45 -5.73
CA SER A 296 25.14 -1.57 -5.08
C SER A 296 24.15 -2.73 -4.82
N ILE A 297 22.97 -2.40 -4.30
CA ILE A 297 21.95 -3.38 -3.93
C ILE A 297 21.35 -4.00 -5.21
N ALA A 298 21.18 -3.17 -6.26
CA ALA A 298 20.64 -3.59 -7.55
C ALA A 298 21.55 -4.56 -8.27
N ALA A 299 22.86 -4.27 -8.25
CA ALA A 299 23.88 -5.17 -8.79
C ALA A 299 23.94 -6.50 -8.07
N THR A 300 23.96 -6.48 -6.72
CA THR A 300 24.18 -7.72 -5.92
C THR A 300 23.00 -8.67 -5.97
N ASN A 301 21.78 -8.10 -5.84
CA ASN A 301 20.56 -8.86 -5.74
C ASN A 301 19.82 -9.00 -7.09
N LYS A 302 20.51 -8.64 -8.17
CA LYS A 302 19.98 -8.66 -9.56
C LYS A 302 18.57 -8.03 -9.69
N LEU A 303 18.45 -6.81 -9.17
CA LEU A 303 17.16 -6.12 -9.06
C LEU A 303 16.71 -5.44 -10.34
N CYS A 304 17.66 -5.14 -11.24
CA CYS A 304 17.35 -4.48 -12.52
C CYS A 304 18.38 -4.76 -13.60
N GLN A 305 18.09 -4.27 -14.80
CA GLN A 305 19.00 -4.26 -15.94
C GLN A 305 19.74 -2.93 -15.99
N SER A 306 18.99 -1.85 -15.77
CA SER A 306 19.50 -0.50 -15.73
C SER A 306 18.59 0.36 -14.87
N PHE A 307 19.17 1.40 -14.29
CA PHE A 307 18.43 2.58 -13.88
C PHE A 307 19.21 3.86 -14.19
N GLN A 308 18.49 4.97 -14.26
CA GLN A 308 19.07 6.29 -14.37
C GLN A 308 18.22 7.21 -13.54
N THR A 309 18.87 8.10 -12.80
CA THR A 309 18.23 9.30 -12.24
C THR A 309 18.21 10.41 -13.28
N PHE A 310 17.24 11.32 -13.19
CA PHE A 310 17.17 12.49 -14.09
C PHE A 310 16.62 13.73 -13.41
N ASN A 311 16.88 14.89 -14.03
CA ASN A 311 16.24 16.16 -13.70
C ASN A 311 15.92 16.95 -15.00
N ILE A 312 14.79 16.62 -15.63
CA ILE A 312 14.40 17.28 -16.87
C ILE A 312 13.80 18.65 -16.52
N CYS A 313 14.37 19.70 -17.12
CA CYS A 313 13.94 21.08 -16.90
C CYS A 313 13.09 21.60 -18.04
N TYR A 314 11.97 22.23 -17.67
CA TYR A 314 11.24 23.14 -18.57
C TYR A 314 11.10 24.53 -17.93
N ALA A 315 10.53 25.47 -18.67
CA ALA A 315 10.16 26.78 -18.11
C ALA A 315 9.19 26.63 -16.93
N ASP A 316 9.73 26.94 -15.73
CA ASP A 316 8.96 27.04 -14.47
C ASP A 316 8.42 25.71 -13.89
N THR A 317 8.80 24.61 -14.53
CA THR A 317 8.48 23.26 -14.06
C THR A 317 9.56 22.22 -14.49
N GLY A 318 9.44 21.00 -13.98
CA GLY A 318 10.14 19.88 -14.56
C GLY A 318 9.79 18.53 -14.00
N LEU A 319 10.55 17.52 -14.43
CA LEU A 319 10.42 16.16 -13.96
C LEU A 319 11.69 15.70 -13.27
N LEU A 320 11.57 15.49 -11.96
CA LEU A 320 12.68 15.06 -11.14
C LEU A 320 12.39 13.69 -10.61
N GLY A 321 13.21 12.71 -11.00
CA GLY A 321 13.14 11.39 -10.42
C GLY A 321 14.08 10.42 -11.06
N ALA A 322 13.56 9.22 -11.34
CA ALA A 322 14.36 8.13 -11.90
C ALA A 322 13.56 7.32 -12.89
N HIS A 323 14.27 6.57 -13.73
CA HIS A 323 13.68 5.51 -14.56
C HIS A 323 14.50 4.22 -14.43
N PHE A 324 13.81 3.07 -14.50
CA PHE A 324 14.48 1.77 -14.53
C PHE A 324 13.84 0.73 -15.45
N VAL A 325 14.63 -0.32 -15.70
CA VAL A 325 14.30 -1.43 -16.59
C VAL A 325 14.63 -2.69 -15.80
N CYS A 326 13.62 -3.54 -15.56
CA CYS A 326 13.80 -4.76 -14.77
C CYS A 326 12.85 -5.88 -15.16
N ASP A 327 13.21 -7.08 -14.69
CA ASP A 327 12.41 -8.30 -14.76
C ASP A 327 11.10 -8.11 -14.00
N HIS A 328 10.03 -8.79 -14.48
CA HIS A 328 8.70 -8.83 -13.85
C HIS A 328 8.60 -9.09 -12.33
N MET A 329 9.48 -9.93 -11.79
CA MET A 329 9.50 -10.22 -10.33
C MET A 329 10.36 -9.27 -9.49
N SER A 330 10.77 -8.14 -10.08
CA SER A 330 11.71 -7.22 -9.42
C SER A 330 11.26 -5.77 -9.21
N ILE A 331 10.08 -5.40 -9.75
CA ILE A 331 9.63 -4.00 -9.74
C ILE A 331 9.42 -3.48 -8.34
N ASP A 332 8.82 -4.32 -7.49
CA ASP A 332 8.55 -3.98 -6.08
C ASP A 332 9.84 -3.66 -5.31
N ASP A 333 10.82 -4.58 -5.38
CA ASP A 333 12.13 -4.36 -4.76
C ASP A 333 12.86 -3.14 -5.29
N MET A 334 12.80 -2.90 -6.61
CA MET A 334 13.44 -1.73 -7.22
C MET A 334 12.84 -0.44 -6.66
N MET A 335 11.50 -0.40 -6.60
CA MET A 335 10.75 0.80 -6.18
C MET A 335 11.00 1.09 -4.71
N PHE A 336 10.95 0.04 -3.88
CA PHE A 336 11.33 0.11 -2.48
C PHE A 336 12.68 0.78 -2.26
N VAL A 337 13.72 0.24 -2.93
CA VAL A 337 15.09 0.71 -2.71
C VAL A 337 15.29 2.14 -3.25
N LEU A 338 14.67 2.44 -4.40
CA LEU A 338 14.73 3.78 -4.99
C LEU A 338 14.17 4.84 -4.00
N GLN A 339 12.97 4.55 -3.48
CA GLN A 339 12.22 5.46 -2.62
C GLN A 339 12.92 5.66 -1.29
N GLY A 340 13.51 4.57 -0.76
CA GLY A 340 14.29 4.59 0.45
C GLY A 340 15.48 5.51 0.36
N GLN A 341 16.16 5.51 -0.79
CA GLN A 341 17.24 6.45 -1.09
C GLN A 341 16.82 7.92 -1.13
N TRP A 342 15.68 8.21 -1.78
CA TRP A 342 15.08 9.55 -1.77
C TRP A 342 14.80 10.01 -0.34
N MET A 343 14.18 9.11 0.44
CA MET A 343 13.81 9.34 1.83
C MET A 343 15.00 9.52 2.73
N ARG A 344 16.00 8.65 2.56
CA ARG A 344 17.28 8.76 3.24
C ARG A 344 17.97 10.11 3.01
N LEU A 345 17.98 10.56 1.76
CA LEU A 345 18.61 11.83 1.43
C LEU A 345 17.87 13.06 2.00
N CYS A 346 16.52 13.02 1.98
CA CYS A 346 15.67 14.01 2.67
C CYS A 346 15.99 14.16 4.19
N THR A 347 16.17 13.01 4.86
CA THR A 347 16.15 12.95 6.33
C THR A 347 17.55 12.91 6.96
N SER A 348 18.51 12.22 6.30
CA SER A 348 19.74 11.74 6.93
C SER A 348 20.97 11.68 6.00
N ALA A 349 20.99 12.54 4.97
CA ALA A 349 22.15 12.70 4.09
C ALA A 349 23.37 13.17 4.86
N THR A 350 24.54 12.66 4.48
CA THR A 350 25.79 12.89 5.21
C THR A 350 26.82 13.58 4.33
N GLU A 351 27.83 14.18 4.98
CA GLU A 351 28.81 15.04 4.36
C GLU A 351 29.62 14.37 3.23
N SER A 352 29.97 13.10 3.43
CA SER A 352 30.94 12.39 2.59
C SER A 352 30.37 12.04 1.18
N GLU A 353 29.13 11.54 1.17
CA GLU A 353 28.44 11.18 -0.08
C GLU A 353 28.08 12.44 -0.90
N VAL A 354 27.90 13.58 -0.21
CA VAL A 354 27.59 14.86 -0.86
C VAL A 354 28.82 15.40 -1.61
N LEU A 355 29.99 15.33 -0.97
CA LEU A 355 31.28 15.50 -1.64
C LEU A 355 31.42 14.63 -2.93
N ARG A 356 31.05 13.35 -2.83
CA ARG A 356 31.09 12.42 -3.98
C ARG A 356 30.18 12.86 -5.12
N GLY A 357 28.95 13.25 -4.78
CA GLY A 357 28.03 13.87 -5.71
C GLY A 357 28.50 15.19 -6.29
N LYS A 358 29.08 16.06 -5.45
CA LYS A 358 29.67 17.32 -5.91
C LYS A 358 30.77 17.03 -6.97
N ASN A 359 31.69 16.12 -6.63
CA ASN A 359 32.80 15.71 -7.49
C ASN A 359 32.36 15.10 -8.82
N LEU A 360 31.31 14.25 -8.75
CA LEU A 360 30.69 13.64 -9.92
C LEU A 360 30.08 14.68 -10.87
N LEU A 361 29.67 15.81 -10.33
CA LEU A 361 29.02 16.85 -11.09
C LEU A 361 30.03 17.79 -11.76
N ARG A 362 31.09 18.14 -11.03
CA ARG A 362 32.27 18.81 -11.62
C ARG A 362 32.88 17.99 -12.77
N ASN A 363 33.02 16.68 -12.57
CA ASN A 363 33.52 15.76 -13.60
C ASN A 363 32.59 15.58 -14.78
N ALA A 364 31.28 15.56 -14.52
CA ALA A 364 30.27 15.50 -15.58
C ALA A 364 30.22 16.78 -16.40
N LEU A 365 30.25 17.93 -15.72
CA LEU A 365 30.12 19.24 -16.36
C LEU A 365 31.27 19.51 -17.31
N VAL A 366 32.47 19.20 -16.83
CA VAL A 366 33.69 19.51 -17.52
C VAL A 366 33.88 18.53 -18.68
N SER A 367 33.61 17.25 -18.42
CA SER A 367 33.68 16.18 -19.43
C SER A 367 32.62 16.33 -20.53
N HIS A 368 31.47 16.92 -20.19
CA HIS A 368 30.46 17.27 -21.18
C HIS A 368 30.88 18.40 -22.12
N LEU A 369 31.48 19.48 -21.59
CA LEU A 369 31.84 20.65 -22.39
C LEU A 369 33.19 20.46 -23.11
N ASP A 370 33.23 19.45 -23.97
CA ASP A 370 34.47 18.89 -24.50
C ASP A 370 34.27 18.51 -25.96
N GLY A 371 34.73 19.40 -26.85
CA GLY A 371 34.32 19.42 -28.25
C GLY A 371 33.64 20.72 -28.59
N THR A 372 33.74 21.15 -29.86
CA THR A 372 33.02 22.35 -30.37
C THR A 372 31.50 22.24 -30.26
N THR A 373 30.97 21.05 -30.56
CA THR A 373 29.52 20.79 -30.59
C THR A 373 28.78 20.95 -29.25
N PRO A 374 29.21 20.26 -28.15
CA PRO A 374 28.54 20.42 -26.86
C PRO A 374 28.65 21.84 -26.27
N VAL A 375 29.75 22.53 -26.59
CA VAL A 375 29.97 23.91 -26.17
C VAL A 375 29.04 24.88 -26.92
N CYS A 376 28.92 24.67 -28.25
CA CYS A 376 27.99 25.41 -29.11
C CYS A 376 26.53 25.23 -28.72
N GLU A 377 26.14 23.98 -28.45
CA GLU A 377 24.84 23.66 -27.83
C GLU A 377 24.61 24.42 -26.54
N ASP A 378 25.63 24.46 -25.69
CA ASP A 378 25.52 25.11 -24.38
C ASP A 378 25.42 26.63 -24.45
N ILE A 379 26.21 27.27 -25.33
CA ILE A 379 26.03 28.69 -25.67
C ILE A 379 24.58 28.96 -26.14
N GLY A 380 24.14 28.21 -27.15
CA GLY A 380 22.82 28.36 -27.74
C GLY A 380 21.69 28.15 -26.76
N ARG A 381 21.72 27.01 -26.04
CA ARG A 381 20.68 26.64 -25.09
C ARG A 381 20.61 27.60 -23.90
N SER A 382 21.78 27.97 -23.37
CA SER A 382 21.89 28.80 -22.16
C SER A 382 21.34 30.19 -22.34
N LEU A 383 21.55 30.76 -23.52
CA LEU A 383 21.02 32.08 -23.87
C LEU A 383 19.51 32.11 -24.05
N LEU A 384 18.93 30.97 -24.44
CA LEU A 384 17.48 30.80 -24.43
C LEU A 384 16.90 30.66 -23.02
N THR A 385 17.61 29.95 -22.13
CA THR A 385 17.06 29.54 -20.81
C THR A 385 17.45 30.48 -19.64
N TYR A 386 18.73 30.85 -19.58
CA TYR A 386 19.26 31.73 -18.52
C TYR A 386 19.42 33.17 -18.99
N GLY A 387 19.52 33.36 -20.31
CA GLY A 387 19.77 34.67 -20.92
C GLY A 387 21.22 35.11 -20.88
N ARG A 388 22.03 34.39 -20.10
CA ARG A 388 23.50 34.48 -20.15
C ARG A 388 24.07 33.13 -20.54
N ARG A 389 25.39 33.10 -20.80
CA ARG A 389 26.20 31.93 -20.48
C ARG A 389 26.68 32.02 -19.03
N ILE A 390 26.30 31.02 -18.23
CA ILE A 390 26.83 30.84 -16.88
C ILE A 390 28.22 30.17 -16.96
N PRO A 391 29.30 30.93 -16.66
CA PRO A 391 30.68 30.43 -16.83
C PRO A 391 30.97 29.26 -15.91
N LEU A 392 31.95 28.43 -16.30
CA LEU A 392 32.33 27.25 -15.53
C LEU A 392 32.66 27.52 -14.04
N ALA A 393 33.33 28.66 -13.78
CA ALA A 393 33.70 29.06 -12.42
C ALA A 393 32.49 29.39 -11.50
N GLU A 394 31.39 29.88 -12.10
CA GLU A 394 30.12 30.06 -11.40
C GLU A 394 29.46 28.75 -10.96
N TRP A 395 29.38 27.76 -11.86
CA TRP A 395 28.87 26.42 -11.52
C TRP A 395 29.63 25.82 -10.35
N GLU A 396 30.97 25.89 -10.41
CA GLU A 396 31.85 25.44 -9.33
C GLU A 396 31.56 26.11 -8.00
N SER A 397 31.38 27.43 -8.03
CA SER A 397 30.89 28.18 -6.87
C SER A 397 29.52 27.66 -6.35
N ARG A 398 28.59 27.39 -7.27
CA ARG A 398 27.27 26.84 -6.92
C ARG A 398 27.30 25.39 -6.41
N ILE A 399 28.15 24.57 -7.02
CA ILE A 399 28.42 23.21 -6.55
C ILE A 399 29.04 23.22 -5.13
N ALA A 400 30.09 24.04 -4.94
CA ALA A 400 30.86 24.11 -3.68
C ALA A 400 30.01 24.43 -2.45
N GLU A 401 28.99 25.28 -2.66
CA GLU A 401 28.03 25.69 -1.62
C GLU A 401 27.20 24.54 -1.05
N VAL A 402 26.94 23.52 -1.90
CA VAL A 402 26.13 22.36 -1.52
C VAL A 402 26.88 21.53 -0.47
N ASP A 403 26.24 21.35 0.67
CA ASP A 403 26.64 20.38 1.68
C ASP A 403 25.43 19.49 2.08
N ALA A 404 25.64 18.59 3.04
CA ALA A 404 24.59 17.70 3.54
C ALA A 404 23.26 18.41 3.92
N ARG A 405 23.37 19.53 4.67
CA ARG A 405 22.21 20.37 5.06
C ARG A 405 21.39 20.85 3.87
N VAL A 406 22.09 21.27 2.81
CA VAL A 406 21.44 21.71 1.55
C VAL A 406 20.71 20.53 0.86
N VAL A 407 21.37 19.36 0.81
CA VAL A 407 20.80 18.16 0.18
C VAL A 407 19.53 17.70 0.92
N ARG A 408 19.59 17.73 2.26
CA ARG A 408 18.44 17.42 3.13
C ARG A 408 17.28 18.41 2.97
N GLU A 409 17.62 19.71 2.91
CA GLU A 409 16.63 20.79 2.67
C GLU A 409 15.96 20.67 1.29
N VAL A 410 16.79 20.55 0.24
CA VAL A 410 16.35 20.68 -1.14
C VAL A 410 15.65 19.41 -1.60
N CYS A 411 16.10 18.25 -1.12
CA CYS A 411 15.40 16.97 -1.42
C CYS A 411 14.03 16.90 -0.75
N SER A 412 13.97 17.25 0.55
CA SER A 412 12.72 17.37 1.31
C SER A 412 11.68 18.24 0.63
N LYS A 413 12.10 19.42 0.17
CA LYS A 413 11.27 20.38 -0.60
C LYS A 413 10.53 19.75 -1.81
N TYR A 414 11.23 18.91 -2.59
CA TYR A 414 10.67 18.32 -3.82
C TYR A 414 10.17 16.89 -3.71
N PHE A 415 10.80 16.10 -2.82
CA PHE A 415 10.52 14.66 -2.72
C PHE A 415 9.58 14.33 -1.57
N TYR A 416 9.89 14.83 -0.36
CA TYR A 416 9.22 14.40 0.86
C TYR A 416 7.73 14.74 0.85
N ASP A 417 6.90 13.68 0.85
CA ASP A 417 5.44 13.74 1.00
C ASP A 417 4.80 14.47 -0.19
N GLN A 418 5.35 14.22 -1.37
CA GLN A 418 4.85 14.78 -2.61
C GLN A 418 4.26 13.68 -3.48
N CYS A 419 3.30 14.06 -4.33
CA CYS A 419 2.67 13.12 -5.23
C CYS A 419 3.53 12.92 -6.48
N PRO A 420 4.04 11.69 -6.70
CA PRO A 420 4.76 11.39 -7.95
C PRO A 420 3.82 11.21 -9.12
N ALA A 421 4.30 11.57 -10.31
CA ALA A 421 3.85 11.02 -11.57
C ALA A 421 4.58 9.72 -11.83
N VAL A 422 3.82 8.68 -12.23
CA VAL A 422 4.33 7.31 -12.48
C VAL A 422 3.90 6.82 -13.89
N ALA A 423 4.86 6.28 -14.63
CA ALA A 423 4.60 5.65 -15.92
C ALA A 423 5.18 4.24 -15.96
N GLY A 424 4.32 3.28 -16.30
CA GLY A 424 4.68 1.86 -16.38
C GLY A 424 4.34 1.27 -17.74
N PHE A 425 5.30 0.54 -18.33
CA PHE A 425 5.12 -0.19 -19.60
C PHE A 425 5.74 -1.60 -19.51
N GLY A 426 4.98 -2.60 -19.98
CA GLY A 426 5.48 -3.97 -20.08
C GLY A 426 4.85 -4.94 -19.08
N PRO A 427 5.62 -5.94 -18.60
CA PRO A 427 5.11 -6.89 -17.60
C PRO A 427 5.05 -6.30 -16.17
N ILE A 428 3.96 -5.56 -15.90
CA ILE A 428 3.91 -4.62 -14.76
C ILE A 428 2.87 -4.99 -13.68
N GLU A 429 2.47 -6.28 -13.65
CA GLU A 429 1.60 -6.81 -12.56
C GLU A 429 2.14 -6.49 -11.18
N GLN A 430 3.46 -6.55 -11.01
CA GLN A 430 4.10 -6.36 -9.70
C GLN A 430 4.46 -4.89 -9.41
N LEU A 431 4.17 -3.99 -10.37
CA LEU A 431 4.26 -2.56 -10.14
C LEU A 431 3.33 -2.20 -8.98
N PRO A 432 3.92 -1.64 -7.90
CA PRO A 432 3.14 -1.29 -6.69
C PRO A 432 2.00 -0.36 -7.02
N ASP A 433 0.87 -0.56 -6.33
CA ASP A 433 -0.29 0.32 -6.41
C ASP A 433 0.10 1.76 -6.08
N TYR A 434 -0.62 2.73 -6.65
CA TYR A 434 -0.23 4.14 -6.50
C TYR A 434 -0.25 4.63 -5.05
N ASN A 435 -1.26 4.22 -4.28
CA ASN A 435 -1.30 4.52 -2.83
C ASN A 435 -0.03 4.08 -2.09
N ARG A 436 0.51 2.95 -2.51
CA ARG A 436 1.69 2.40 -1.89
C ARG A 436 2.98 3.02 -2.40
N ILE A 437 2.93 3.57 -3.62
CA ILE A 437 3.98 4.46 -4.13
C ILE A 437 3.92 5.84 -3.42
N ARG A 438 2.70 6.38 -3.22
CA ARG A 438 2.49 7.64 -2.43
C ARG A 438 3.01 7.52 -0.99
N SER A 439 2.80 6.37 -0.39
CA SER A 439 3.22 6.07 0.96
C SER A 439 4.74 5.94 1.10
N GLY A 440 5.38 5.54 -0.01
CA GLY A 440 6.85 5.54 -0.13
C GLY A 440 7.49 6.93 -0.20
N MET A 441 6.67 7.98 -0.26
CA MET A 441 7.16 9.36 -0.43
C MET A 441 7.35 10.10 0.89
N PHE A 442 6.96 9.47 1.99
CA PHE A 442 7.31 9.92 3.34
C PHE A 442 7.77 8.73 4.20
N TRP A 443 8.25 9.03 5.41
CA TRP A 443 8.64 8.02 6.38
C TRP A 443 7.92 8.23 7.71
N LEU A 444 7.31 7.15 8.23
CA LEU A 444 6.64 7.18 9.54
C LEU A 444 7.58 7.40 10.71
N ARG A 445 8.85 6.98 10.56
CA ARG A 445 9.87 7.16 11.59
C ARG A 445 10.36 8.61 11.79
N PHE A 446 10.09 9.51 10.83
CA PHE A 446 10.70 10.84 10.78
C PHE A 446 9.80 11.97 11.32
N VAL B 17 38.69 34.96 -26.64
CA VAL B 17 40.17 35.10 -26.81
C VAL B 17 40.98 34.07 -25.96
N PRO B 18 41.45 32.97 -26.61
CA PRO B 18 42.06 31.84 -25.88
C PRO B 18 43.58 32.04 -25.59
N PRO B 19 44.19 31.24 -24.67
CA PRO B 19 45.67 31.22 -24.56
C PRO B 19 46.30 30.58 -25.80
N HIS B 20 47.47 31.11 -26.21
CA HIS B 20 48.38 30.41 -27.14
C HIS B 20 48.71 28.99 -26.61
N PRO B 21 48.29 27.94 -27.37
CA PRO B 21 48.33 26.56 -26.85
C PRO B 21 49.75 25.98 -26.79
N GLN B 22 49.99 25.11 -25.82
CA GLN B 22 51.24 24.35 -25.70
C GLN B 22 51.37 23.33 -26.84
N ASP B 23 52.62 23.07 -27.24
CA ASP B 23 52.96 21.89 -28.06
C ASP B 23 52.92 20.62 -27.23
N LEU B 24 52.47 19.54 -27.87
CA LEU B 24 52.67 18.17 -27.39
C LEU B 24 54.15 17.85 -27.25
N GLU B 25 54.48 17.16 -26.16
CA GLU B 25 55.82 16.61 -25.92
C GLU B 25 55.82 15.10 -26.01
N PHE B 26 56.92 14.54 -26.52
CA PHE B 26 57.00 13.13 -26.92
C PHE B 26 58.38 12.57 -26.59
N THR B 27 58.40 11.38 -25.98
CA THR B 27 59.66 10.73 -25.58
C THR B 27 59.57 9.22 -25.80
N ARG B 28 60.56 8.69 -26.52
CA ARG B 28 60.88 7.28 -26.55
C ARG B 28 61.99 7.01 -25.53
N LEU B 29 61.72 6.10 -24.60
CA LEU B 29 62.76 5.59 -23.71
C LEU B 29 63.54 4.46 -24.39
N PRO B 30 64.83 4.29 -24.02
CA PRO B 30 65.65 3.13 -24.48
C PRO B 30 64.93 1.77 -24.44
N ASN B 31 64.16 1.48 -23.38
CA ASN B 31 63.39 0.23 -23.29
C ASN B 31 62.22 0.08 -24.28
N GLY B 32 61.98 1.13 -25.06
CA GLY B 32 61.00 1.10 -26.14
C GLY B 32 59.67 1.77 -25.82
N LEU B 33 59.42 2.02 -24.52
CA LEU B 33 58.25 2.73 -24.05
C LEU B 33 58.21 4.17 -24.54
N VAL B 34 57.00 4.61 -24.84
CA VAL B 34 56.72 5.91 -25.43
C VAL B 34 55.84 6.73 -24.47
N ILE B 35 56.29 7.94 -24.16
CA ILE B 35 55.52 8.88 -23.34
C ILE B 35 55.17 10.09 -24.19
N ALA B 36 53.87 10.40 -24.24
CA ALA B 36 53.40 11.64 -24.91
C ALA B 36 52.41 12.41 -24.04
N SER B 37 52.59 13.73 -23.94
CA SER B 37 51.75 14.57 -23.09
C SER B 37 51.39 15.90 -23.72
N LEU B 38 50.21 16.41 -23.35
CA LEU B 38 49.78 17.77 -23.69
C LEU B 38 49.23 18.47 -22.47
N GLU B 39 49.80 19.64 -22.18
CA GLU B 39 49.21 20.60 -21.26
C GLU B 39 48.28 21.55 -22.04
N ASN B 40 47.07 21.08 -22.33
CA ASN B 40 45.89 21.95 -22.36
C ASN B 40 45.64 22.41 -20.94
N TYR B 41 45.25 23.66 -20.76
CA TYR B 41 45.06 24.15 -19.40
C TYR B 41 43.67 23.83 -18.80
N ALA B 42 43.23 22.59 -19.07
CA ALA B 42 41.86 22.13 -18.90
C ALA B 42 41.58 21.77 -17.42
N PRO B 43 40.30 21.88 -16.97
CA PRO B 43 39.92 21.48 -15.60
C PRO B 43 40.10 19.98 -15.31
N ALA B 44 39.93 19.14 -16.33
CA ALA B 44 40.09 17.70 -16.19
C ALA B 44 41.38 17.21 -16.80
N SER B 45 41.86 16.07 -16.29
CA SER B 45 42.94 15.33 -16.90
C SER B 45 42.47 14.00 -17.46
N ARG B 46 43.05 13.63 -18.60
CA ARG B 46 42.86 12.31 -19.19
C ARG B 46 44.23 11.60 -19.25
N ILE B 47 44.30 10.35 -18.76
CA ILE B 47 45.51 9.52 -18.89
C ILE B 47 45.18 8.12 -19.44
N GLY B 48 45.87 7.75 -20.52
CA GLY B 48 45.78 6.42 -21.09
C GLY B 48 47.11 5.67 -21.15
N LEU B 49 47.07 4.39 -20.79
CA LEU B 49 48.12 3.43 -21.13
C LEU B 49 47.66 2.50 -22.24
N PHE B 50 48.29 2.68 -23.40
CA PHE B 50 47.98 1.92 -24.61
C PHE B 50 48.97 0.77 -24.74
N ILE B 51 48.44 -0.44 -24.92
CA ILE B 51 49.24 -1.68 -24.90
C ILE B 51 48.88 -2.47 -26.13
N LYS B 52 49.90 -2.95 -26.85
CA LYS B 52 49.76 -3.94 -27.93
C LYS B 52 49.37 -5.28 -27.34
N ALA B 53 48.09 -5.39 -26.96
CA ALA B 53 47.61 -6.53 -26.19
C ALA B 53 46.22 -7.02 -26.64
N GLY B 54 45.75 -6.49 -27.79
CA GLY B 54 44.48 -6.85 -28.37
C GLY B 54 44.36 -8.31 -28.74
N SER B 55 43.21 -8.66 -29.28
CA SER B 55 42.77 -10.05 -29.45
C SER B 55 43.62 -10.85 -30.44
N ARG B 56 44.25 -10.17 -31.40
CA ARG B 56 45.21 -10.81 -32.32
C ARG B 56 46.40 -11.57 -31.65
N TYR B 57 46.67 -11.28 -30.37
CA TYR B 57 47.77 -11.89 -29.63
C TYR B 57 47.35 -13.14 -28.87
N GLU B 58 46.05 -13.42 -28.87
CA GLU B 58 45.53 -14.71 -28.43
C GLU B 58 45.83 -15.75 -29.49
N ASN B 59 45.87 -17.00 -29.06
CA ASN B 59 45.92 -18.13 -29.98
C ASN B 59 44.79 -19.14 -29.67
N SER B 60 44.82 -20.30 -30.35
CA SER B 60 43.73 -21.26 -30.27
C SER B 60 43.57 -21.97 -28.92
N ASN B 61 44.58 -21.85 -28.05
CA ASN B 61 44.50 -22.38 -26.68
C ASN B 61 43.98 -21.42 -25.61
N ASN B 62 43.99 -20.12 -25.89
CA ASN B 62 43.58 -19.12 -24.90
C ASN B 62 42.55 -18.08 -25.39
N LEU B 63 41.70 -18.46 -26.34
CA LEU B 63 40.72 -17.53 -26.92
C LEU B 63 39.82 -16.89 -25.85
N GLY B 64 39.65 -15.58 -25.96
CA GLY B 64 38.78 -14.87 -25.05
C GLY B 64 39.47 -14.27 -23.82
N THR B 65 40.77 -14.58 -23.66
CA THR B 65 41.53 -14.12 -22.50
C THR B 65 41.60 -12.59 -22.41
N SER B 66 41.68 -11.92 -23.56
CA SER B 66 41.74 -10.45 -23.58
C SER B 66 40.39 -9.80 -23.42
N HIS B 67 39.33 -10.57 -23.64
CA HIS B 67 37.97 -10.15 -23.28
C HIS B 67 37.81 -10.14 -21.78
N LEU B 68 38.07 -11.27 -21.11
CA LEU B 68 37.98 -11.32 -19.66
C LEU B 68 38.90 -10.31 -18.96
N LEU B 69 40.12 -10.14 -19.50
CA LEU B 69 41.02 -9.07 -19.11
C LEU B 69 40.38 -7.67 -19.22
N ARG B 70 39.66 -7.42 -20.31
CA ARG B 70 39.02 -6.13 -20.55
C ARG B 70 37.95 -5.88 -19.47
N LEU B 71 37.35 -6.98 -18.98
CA LEU B 71 36.33 -6.92 -17.95
C LEU B 71 36.89 -6.91 -16.51
N ALA B 72 38.22 -7.08 -16.35
CA ALA B 72 38.81 -7.44 -15.05
C ALA B 72 39.48 -6.29 -14.33
N SER B 73 39.27 -5.06 -14.80
CA SER B 73 40.10 -3.92 -14.44
C SER B 73 39.90 -3.38 -13.04
N SER B 74 38.73 -3.65 -12.43
CA SER B 74 38.51 -3.37 -10.99
C SER B 74 38.61 -4.56 -10.02
N LEU B 75 39.17 -5.69 -10.49
CA LEU B 75 39.62 -6.76 -9.58
C LEU B 75 40.87 -6.33 -8.73
N THR B 76 41.17 -7.08 -7.66
CA THR B 76 42.20 -6.67 -6.69
C THR B 76 43.60 -6.67 -7.27
N THR B 77 44.32 -5.60 -6.98
CA THR B 77 45.71 -5.43 -7.32
C THR B 77 46.56 -5.47 -6.04
N LYS B 78 47.88 -5.44 -6.17
CA LYS B 78 48.77 -5.33 -4.99
C LYS B 78 48.70 -3.92 -4.39
N GLY B 79 48.47 -3.85 -3.09
CA GLY B 79 47.93 -2.63 -2.46
C GLY B 79 47.03 -1.68 -3.33
N ALA B 80 46.03 -2.24 -4.00
CA ALA B 80 44.69 -1.61 -4.13
C ALA B 80 43.63 -2.68 -4.31
N SER B 81 42.79 -2.85 -3.28
CA SER B 81 41.68 -3.81 -3.36
C SER B 81 40.57 -3.40 -4.39
N SER B 82 39.73 -4.38 -4.74
CA SER B 82 38.58 -4.19 -5.61
C SER B 82 37.65 -3.07 -5.11
N PHE B 83 37.26 -3.20 -3.84
CA PHE B 83 36.55 -2.14 -3.11
C PHE B 83 37.21 -0.75 -3.22
N LYS B 84 38.53 -0.69 -2.97
CA LYS B 84 39.27 0.59 -2.99
C LYS B 84 39.31 1.28 -4.36
N ILE B 85 39.49 0.48 -5.43
CA ILE B 85 39.51 1.00 -6.80
C ILE B 85 38.15 1.63 -7.17
N THR B 86 37.07 0.90 -6.91
CA THR B 86 35.71 1.39 -7.11
C THR B 86 35.40 2.63 -6.27
N ARG B 87 35.65 2.56 -4.95
CA ARG B 87 35.31 3.66 -4.06
C ARG B 87 36.18 4.89 -4.23
N GLY B 88 37.51 4.69 -4.35
CA GLY B 88 38.47 5.76 -4.52
C GLY B 88 38.30 6.58 -5.78
N ILE B 89 38.13 5.89 -6.90
CA ILE B 89 37.77 6.52 -8.19
C ILE B 89 36.44 7.30 -8.14
N GLU B 90 35.44 6.73 -7.48
CA GLU B 90 34.10 7.32 -7.47
C GLU B 90 34.01 8.49 -6.51
N ALA B 91 34.80 8.41 -5.43
CA ALA B 91 34.93 9.50 -4.44
C ALA B 91 35.38 10.84 -5.05
N VAL B 92 36.30 10.77 -6.01
CA VAL B 92 36.73 11.97 -6.78
C VAL B 92 35.99 12.18 -8.13
N GLY B 93 34.93 11.39 -8.34
CA GLY B 93 34.07 11.51 -9.52
C GLY B 93 34.69 11.02 -10.80
N GLY B 94 35.67 10.10 -10.71
CA GLY B 94 36.49 9.72 -11.84
C GLY B 94 35.93 8.58 -12.67
N LYS B 95 36.58 8.29 -13.80
CA LYS B 95 36.32 7.05 -14.54
C LYS B 95 37.60 6.22 -14.73
N LEU B 96 37.40 4.90 -14.83
CA LEU B 96 38.37 3.99 -15.41
C LEU B 96 37.70 3.16 -16.51
N SER B 97 38.23 3.27 -17.72
CA SER B 97 37.73 2.48 -18.86
C SER B 97 38.79 1.62 -19.55
N VAL B 98 38.35 0.51 -20.14
CA VAL B 98 39.22 -0.26 -21.01
C VAL B 98 38.61 -0.58 -22.36
N THR B 99 39.27 -0.04 -23.37
CA THR B 99 38.87 -0.25 -24.74
C THR B 99 39.88 -1.01 -25.56
N SER B 100 39.36 -1.89 -26.41
CA SER B 100 40.15 -2.89 -27.10
C SER B 100 39.84 -2.89 -28.56
N THR B 101 40.89 -3.02 -29.35
CA THR B 101 40.75 -3.33 -30.75
C THR B 101 41.37 -4.71 -30.95
N ARG B 102 41.34 -5.22 -32.18
CA ARG B 102 42.08 -6.45 -32.54
C ARG B 102 43.58 -6.31 -32.27
N GLU B 103 44.08 -5.07 -32.22
CA GLU B 103 45.50 -4.82 -32.01
C GLU B 103 45.86 -4.33 -30.61
N ASN B 104 45.07 -3.40 -30.08
CA ASN B 104 45.43 -2.70 -28.82
C ASN B 104 44.44 -2.96 -27.73
N MET B 105 44.94 -2.88 -26.49
CA MET B 105 44.14 -2.50 -25.33
C MET B 105 44.57 -1.10 -24.83
N ALA B 106 43.64 -0.38 -24.21
CA ALA B 106 43.82 1.02 -23.84
C ALA B 106 43.14 1.25 -22.52
N TYR B 107 43.95 1.47 -21.49
CA TYR B 107 43.43 1.65 -20.17
C TYR B 107 43.42 3.13 -19.89
N THR B 108 42.25 3.73 -19.95
CA THR B 108 42.14 5.16 -19.65
C THR B 108 41.38 5.58 -18.41
N VAL B 109 41.71 6.79 -17.95
CA VAL B 109 41.47 7.22 -16.59
C VAL B 109 41.24 8.75 -16.65
N GLU B 110 40.06 9.19 -16.19
CA GLU B 110 39.75 10.62 -16.15
C GLU B 110 39.36 11.14 -14.77
N CYS B 111 39.79 12.36 -14.48
CA CYS B 111 39.44 13.07 -13.25
C CYS B 111 39.74 14.56 -13.42
N LEU B 112 39.39 15.34 -12.39
CA LEU B 112 39.86 16.72 -12.28
C LEU B 112 41.36 16.77 -12.03
N ARG B 113 42.00 17.82 -12.56
CA ARG B 113 43.42 18.18 -12.40
C ARG B 113 44.08 17.74 -11.07
N ASP B 114 43.42 18.08 -9.94
CA ASP B 114 43.95 17.90 -8.58
C ASP B 114 44.07 16.42 -8.16
N ASP B 115 43.46 15.53 -8.94
CA ASP B 115 43.25 14.14 -8.53
C ASP B 115 44.02 13.12 -9.35
N VAL B 116 44.89 13.59 -10.27
CA VAL B 116 45.73 12.73 -11.13
C VAL B 116 46.54 11.66 -10.40
N ASP B 117 47.17 12.04 -9.28
CA ASP B 117 48.01 11.14 -8.49
C ASP B 117 47.29 9.87 -8.04
N ILE B 118 46.09 10.00 -7.47
CA ILE B 118 45.33 8.82 -7.04
C ILE B 118 44.84 7.92 -8.17
N LEU B 119 44.46 8.54 -9.30
CA LEU B 119 44.02 7.80 -10.46
C LEU B 119 45.14 7.17 -11.26
N MET B 120 46.29 7.87 -11.34
CA MET B 120 47.56 7.28 -11.78
C MET B 120 47.93 6.03 -10.99
N GLU B 121 47.85 6.11 -9.66
CA GLU B 121 48.17 5.00 -8.78
C GLU B 121 47.26 3.79 -9.02
N PHE B 122 45.97 4.05 -9.23
CA PHE B 122 45.00 3.01 -9.56
C PHE B 122 45.30 2.39 -10.93
N LEU B 123 45.59 3.24 -11.92
CA LEU B 123 46.00 2.83 -13.28
C LEU B 123 47.20 1.87 -13.28
N LEU B 124 48.25 2.24 -12.53
CA LEU B 124 49.51 1.48 -12.50
C LEU B 124 49.35 0.16 -11.80
N ASN B 125 48.54 0.16 -10.76
CA ASN B 125 48.09 -1.04 -10.08
C ASN B 125 47.31 -2.03 -10.96
N VAL B 126 46.32 -1.52 -11.70
CA VAL B 126 45.48 -2.32 -12.62
C VAL B 126 46.33 -3.02 -13.70
N THR B 127 47.30 -2.27 -14.24
CA THR B 127 48.04 -2.66 -15.45
C THR B 127 49.32 -3.41 -15.17
N THR B 128 49.91 -3.21 -13.98
CA THR B 128 51.22 -3.81 -13.66
C THR B 128 51.24 -4.68 -12.40
N ALA B 129 50.20 -4.57 -11.58
CA ALA B 129 50.09 -5.38 -10.38
C ALA B 129 48.72 -6.13 -10.14
N PRO B 130 47.99 -6.58 -11.19
CA PRO B 130 46.73 -7.32 -10.93
C PRO B 130 47.02 -8.69 -10.32
N GLU B 131 46.21 -9.06 -9.32
CA GLU B 131 46.39 -10.31 -8.60
C GLU B 131 45.66 -11.51 -9.23
N PHE B 132 44.61 -11.24 -10.02
CA PHE B 132 43.73 -12.27 -10.62
C PHE B 132 43.35 -13.40 -9.66
N ARG B 133 42.84 -13.01 -8.50
CA ARG B 133 42.43 -13.95 -7.45
C ARG B 133 41.37 -14.89 -7.98
N ARG B 134 41.64 -16.19 -7.80
CA ARG B 134 40.80 -17.31 -8.25
C ARG B 134 39.27 -17.09 -8.18
N TRP B 135 38.80 -16.64 -7.01
CA TRP B 135 37.38 -16.44 -6.75
C TRP B 135 36.82 -15.18 -7.39
N GLU B 136 37.64 -14.12 -7.47
CA GLU B 136 37.26 -12.89 -8.19
C GLU B 136 37.11 -13.15 -9.67
N VAL B 137 38.06 -13.91 -10.24
CA VAL B 137 38.01 -14.35 -11.64
C VAL B 137 36.73 -15.20 -11.92
N ALA B 138 36.39 -16.09 -10.97
CA ALA B 138 35.20 -16.95 -11.05
C ALA B 138 33.88 -16.16 -11.06
N ALA B 139 33.78 -15.18 -10.15
CA ALA B 139 32.57 -14.33 -10.04
C ALA B 139 32.39 -13.44 -11.24
N LEU B 140 33.49 -13.21 -11.95
CA LEU B 140 33.50 -12.44 -13.20
C LEU B 140 33.13 -13.20 -14.51
N GLN B 141 33.36 -14.51 -14.55
CA GLN B 141 33.07 -15.34 -15.77
C GLN B 141 31.65 -15.12 -16.42
N PRO B 142 30.54 -15.13 -15.64
CA PRO B 142 29.21 -14.78 -16.19
C PRO B 142 29.12 -13.43 -16.89
N GLN B 143 29.99 -12.48 -16.55
CA GLN B 143 29.99 -11.14 -17.16
C GLN B 143 30.36 -11.15 -18.63
N LEU B 144 31.18 -12.13 -19.05
CA LEU B 144 31.49 -12.37 -20.47
C LEU B 144 30.24 -12.60 -21.32
N ARG B 145 29.29 -13.39 -20.77
CA ARG B 145 28.04 -13.71 -21.42
C ARG B 145 27.15 -12.45 -21.59
N ILE B 146 26.97 -11.69 -20.48
CA ILE B 146 26.21 -10.40 -20.48
C ILE B 146 26.80 -9.40 -21.53
N ASP B 147 28.11 -9.17 -21.41
CA ASP B 147 28.87 -8.28 -22.28
C ASP B 147 28.79 -8.67 -23.79
N LYS B 148 29.09 -9.94 -24.10
CA LYS B 148 28.88 -10.49 -25.44
C LYS B 148 27.43 -10.35 -25.92
N ALA B 149 26.45 -10.69 -25.07
CA ALA B 149 25.04 -10.60 -25.41
C ALA B 149 24.63 -9.18 -25.79
N VAL B 150 25.06 -8.19 -25.01
CA VAL B 150 24.73 -6.80 -25.24
C VAL B 150 25.33 -6.31 -26.57
N ALA B 151 26.64 -6.56 -26.75
CA ALA B 151 27.36 -6.21 -27.99
C ALA B 151 26.76 -6.81 -29.25
N LEU B 152 26.44 -8.11 -29.18
CA LEU B 152 25.87 -8.88 -30.32
C LEU B 152 24.38 -8.62 -30.62
N GLN B 153 23.77 -7.66 -29.93
CA GLN B 153 22.44 -7.14 -30.28
C GLN B 153 22.44 -6.29 -31.53
N ASN B 154 23.56 -5.61 -31.80
CA ASN B 154 23.84 -5.00 -33.10
C ASN B 154 24.29 -6.09 -34.10
N PRO B 155 23.50 -6.30 -35.20
CA PRO B 155 23.88 -7.25 -36.26
C PRO B 155 25.29 -7.02 -36.85
N GLN B 156 25.72 -5.76 -36.92
CA GLN B 156 27.07 -5.33 -37.30
C GLN B 156 28.18 -6.03 -36.56
N ALA B 157 27.97 -6.28 -35.27
CA ALA B 157 28.96 -7.00 -34.45
C ALA B 157 29.20 -8.45 -34.90
N HIS B 158 28.11 -9.22 -35.10
CA HIS B 158 28.18 -10.57 -35.71
C HIS B 158 28.94 -10.54 -37.06
N VAL B 159 28.54 -9.62 -37.93
CA VAL B 159 29.06 -9.57 -39.30
C VAL B 159 30.57 -9.29 -39.33
N ILE B 160 31.01 -8.26 -38.63
CA ILE B 160 32.40 -7.86 -38.64
C ILE B 160 33.33 -8.89 -37.93
N GLU B 161 32.82 -9.58 -36.89
CA GLU B 161 33.53 -10.70 -36.27
C GLU B 161 33.68 -11.88 -37.24
N ASN B 162 32.56 -12.28 -37.86
CA ASN B 162 32.59 -13.31 -38.90
C ASN B 162 33.45 -12.92 -40.11
N LEU B 163 33.49 -11.61 -40.43
CA LEU B 163 34.26 -11.08 -41.57
C LEU B 163 35.75 -11.30 -41.35
N HIS B 164 36.19 -11.12 -40.10
CA HIS B 164 37.59 -11.22 -39.75
C HIS B 164 38.02 -12.67 -39.65
N ALA B 165 37.15 -13.52 -39.05
CA ALA B 165 37.29 -14.98 -39.04
C ALA B 165 37.38 -15.59 -40.45
N ALA B 166 36.55 -15.09 -41.37
CA ALA B 166 36.56 -15.53 -42.77
C ALA B 166 37.83 -15.09 -43.48
N ALA B 167 38.21 -13.82 -43.30
CA ALA B 167 39.34 -13.21 -44.00
C ALA B 167 40.69 -13.82 -43.66
N TYR B 168 40.90 -14.15 -42.37
CA TYR B 168 42.22 -14.47 -41.84
C TYR B 168 42.36 -15.89 -41.35
N ARG B 169 43.58 -16.43 -41.44
CA ARG B 169 43.95 -17.76 -40.94
C ARG B 169 44.17 -17.79 -39.42
N ASN B 170 44.31 -16.60 -38.84
CA ASN B 170 45.33 -16.30 -37.87
C ASN B 170 44.92 -15.02 -37.14
N ALA B 171 45.45 -14.79 -35.92
CA ALA B 171 45.67 -13.43 -35.33
C ALA B 171 44.47 -12.44 -35.46
N LEU B 172 44.36 -11.75 -36.59
CA LEU B 172 43.20 -10.87 -36.87
C LEU B 172 41.84 -11.58 -37.06
N ALA B 173 41.87 -12.90 -37.27
CA ALA B 173 40.66 -13.75 -37.31
C ALA B 173 39.92 -13.85 -35.97
N ASN B 174 40.69 -13.67 -34.88
CA ASN B 174 40.19 -13.79 -33.51
C ASN B 174 39.12 -12.76 -33.24
N SER B 175 38.11 -13.15 -32.48
CA SER B 175 37.09 -12.22 -32.03
C SER B 175 37.51 -11.34 -30.86
N LEU B 176 36.97 -10.12 -30.85
CA LEU B 176 36.97 -9.22 -29.69
C LEU B 176 36.25 -9.78 -28.46
N TYR B 177 35.34 -10.73 -28.68
CA TYR B 177 34.51 -11.31 -27.63
C TYR B 177 34.87 -12.74 -27.50
N CYS B 178 34.85 -13.22 -26.26
CA CYS B 178 35.13 -14.59 -25.92
C CYS B 178 34.18 -15.58 -26.67
N PRO B 179 34.74 -16.60 -27.35
CA PRO B 179 33.94 -17.75 -27.84
C PRO B 179 33.15 -18.40 -26.72
N ASP B 180 31.89 -18.74 -27.00
CA ASP B 180 30.96 -19.30 -25.99
C ASP B 180 31.56 -20.44 -25.19
N TYR B 181 32.28 -21.35 -25.86
CA TYR B 181 32.85 -22.55 -25.22
C TYR B 181 33.92 -22.21 -24.18
N ARG B 182 34.55 -21.04 -24.34
CA ARG B 182 35.55 -20.53 -23.40
C ARG B 182 34.99 -19.82 -22.17
N ILE B 183 33.70 -19.47 -22.20
CA ILE B 183 33.07 -18.76 -21.07
C ILE B 183 32.95 -19.69 -19.89
N GLY B 184 33.54 -19.29 -18.77
CA GLY B 184 33.70 -20.16 -17.62
C GLY B 184 35.01 -20.91 -17.57
N LYS B 185 35.81 -20.85 -18.65
CA LYS B 185 36.99 -21.73 -18.86
C LYS B 185 38.36 -20.97 -18.94
N VAL B 186 38.30 -19.65 -19.09
CA VAL B 186 39.50 -18.83 -18.98
C VAL B 186 39.99 -18.71 -17.53
N THR B 187 41.29 -18.92 -17.32
CA THR B 187 41.81 -19.18 -15.99
C THR B 187 42.60 -17.99 -15.45
N PRO B 188 42.78 -17.89 -14.11
CA PRO B 188 43.76 -16.96 -13.53
C PRO B 188 45.17 -17.05 -14.13
N VAL B 189 45.70 -18.27 -14.34
CA VAL B 189 47.02 -18.43 -15.00
C VAL B 189 47.09 -17.78 -16.39
N GLU B 190 46.07 -18.03 -17.23
CA GLU B 190 46.00 -17.47 -18.60
C GLU B 190 46.01 -15.94 -18.63
N LEU B 191 45.28 -15.34 -17.66
CA LEU B 191 45.32 -13.88 -17.39
C LEU B 191 46.68 -13.35 -16.96
N HIS B 192 47.32 -14.04 -16.01
CA HIS B 192 48.67 -13.73 -15.58
C HIS B 192 49.66 -13.83 -16.72
N ASP B 193 49.59 -14.93 -17.48
CA ASP B 193 50.48 -15.14 -18.64
C ASP B 193 50.27 -14.08 -19.72
N TYR B 194 49.01 -13.68 -19.94
CA TYR B 194 48.67 -12.66 -20.93
C TYR B 194 49.26 -11.29 -20.60
N VAL B 195 49.12 -10.87 -19.33
CA VAL B 195 49.66 -9.59 -18.86
C VAL B 195 51.21 -9.59 -18.90
N GLN B 196 51.82 -10.72 -18.55
CA GLN B 196 53.27 -10.80 -18.41
C GLN B 196 53.99 -10.91 -19.73
N ASN B 197 53.30 -11.38 -20.77
CA ASN B 197 53.93 -11.35 -22.10
C ASN B 197 53.49 -10.32 -23.11
N HIS B 198 52.50 -9.52 -22.72
CA HIS B 198 52.02 -8.41 -23.54
C HIS B 198 52.11 -7.01 -22.94
N PHE B 199 52.02 -6.91 -21.60
CA PHE B 199 51.97 -5.60 -20.91
C PHE B 199 53.42 -5.17 -20.53
N THR B 200 54.28 -5.00 -21.55
CA THR B 200 55.72 -4.80 -21.34
C THR B 200 56.17 -3.48 -21.96
N SER B 201 57.30 -2.92 -21.48
CA SER B 201 57.77 -1.56 -21.89
C SER B 201 57.75 -1.29 -23.40
N ALA B 202 58.25 -2.25 -24.17
CA ALA B 202 58.41 -2.11 -25.62
C ALA B 202 57.11 -2.32 -26.39
N ARG B 203 56.03 -2.59 -25.65
CA ARG B 203 54.67 -2.79 -26.19
C ARG B 203 53.69 -1.76 -25.64
N MET B 204 54.22 -0.78 -24.88
CA MET B 204 53.36 0.17 -24.20
C MET B 204 53.58 1.63 -24.59
N ALA B 205 52.53 2.42 -24.46
CA ALA B 205 52.61 3.86 -24.54
C ALA B 205 51.84 4.49 -23.41
N LEU B 206 52.44 5.49 -22.77
CA LEU B 206 51.74 6.25 -21.70
C LEU B 206 51.42 7.67 -22.15
N ILE B 207 50.13 7.92 -22.37
CA ILE B 207 49.64 9.22 -22.87
C ILE B 207 48.86 9.93 -21.80
N GLY B 208 49.09 11.24 -21.71
CA GLY B 208 48.41 12.09 -20.73
C GLY B 208 48.00 13.45 -21.26
N LEU B 209 46.74 13.78 -21.02
CA LEU B 209 46.21 15.12 -21.26
C LEU B 209 45.97 15.87 -19.98
N GLY B 210 46.54 17.07 -19.91
CA GLY B 210 46.44 17.92 -18.73
C GLY B 210 47.34 17.48 -17.59
N VAL B 211 48.37 16.69 -17.92
CA VAL B 211 49.53 16.43 -17.04
C VAL B 211 50.83 17.01 -17.63
N SER B 212 51.78 17.32 -16.75
CA SER B 212 53.15 17.68 -17.16
C SER B 212 53.93 16.47 -17.70
N HIS B 213 54.80 16.73 -18.68
CA HIS B 213 55.75 15.74 -19.20
C HIS B 213 56.76 15.17 -18.16
N PRO B 214 57.37 16.00 -17.28
CA PRO B 214 58.20 15.47 -16.19
C PRO B 214 57.49 14.47 -15.27
N VAL B 215 56.22 14.72 -14.92
CA VAL B 215 55.43 13.80 -14.08
C VAL B 215 55.20 12.44 -14.79
N LEU B 216 54.78 12.49 -16.06
CA LEU B 216 54.59 11.29 -16.87
C LEU B 216 55.89 10.51 -17.08
N LYS B 217 56.95 11.21 -17.56
CA LYS B 217 58.30 10.64 -17.70
C LYS B 217 58.78 9.94 -16.40
N GLN B 218 58.60 10.62 -15.26
CA GLN B 218 58.90 10.07 -13.93
C GLN B 218 58.09 8.79 -13.62
N VAL B 219 56.77 8.86 -13.85
CA VAL B 219 55.87 7.71 -13.65
C VAL B 219 56.33 6.51 -14.50
N ALA B 220 56.71 6.80 -15.74
CA ALA B 220 57.12 5.80 -16.73
C ALA B 220 58.41 5.08 -16.32
N GLU B 221 59.36 5.87 -15.81
CA GLU B 221 60.68 5.39 -15.43
C GLU B 221 60.66 4.64 -14.10
N GLN B 222 59.79 5.07 -13.19
CA GLN B 222 59.63 4.40 -11.88
C GLN B 222 58.78 3.11 -11.95
N PHE B 223 57.69 3.14 -12.71
CA PHE B 223 56.65 2.09 -12.59
C PHE B 223 56.43 1.20 -13.80
N LEU B 224 56.91 1.64 -14.99
CA LEU B 224 56.62 0.93 -16.26
C LEU B 224 57.82 0.31 -16.97
N ASN B 225 58.86 0.00 -16.19
CA ASN B 225 60.00 -0.76 -16.67
C ASN B 225 59.80 -2.28 -16.45
N ILE B 226 59.05 -2.88 -17.40
CA ILE B 226 58.84 -4.32 -17.50
C ILE B 226 59.45 -4.80 -18.81
N ARG B 227 60.16 -5.92 -18.79
CA ARG B 227 60.11 -6.88 -19.90
C ARG B 227 60.35 -8.30 -19.47
N GLY B 228 59.45 -9.17 -19.92
CA GLY B 228 59.73 -10.58 -20.16
C GLY B 228 58.67 -11.15 -21.08
N GLY B 229 58.55 -10.53 -22.27
CA GLY B 229 57.48 -10.83 -23.20
C GLY B 229 57.91 -11.00 -24.63
N LEU B 230 56.92 -10.91 -25.53
CA LEU B 230 57.11 -11.02 -26.98
C LEU B 230 57.67 -9.70 -27.58
N GLY B 231 58.00 -9.70 -28.88
CA GLY B 231 58.61 -8.55 -29.54
C GLY B 231 57.75 -7.83 -30.59
N LEU B 232 57.28 -8.60 -31.59
CA LEU B 232 56.71 -8.07 -32.84
C LEU B 232 55.28 -7.44 -32.66
N SER B 233 54.73 -6.91 -33.76
CA SER B 233 53.26 -6.78 -33.94
C SER B 233 52.56 -8.14 -34.33
N GLY B 234 53.34 -9.25 -34.29
CA GLY B 234 52.89 -10.54 -33.77
C GLY B 234 53.53 -11.78 -34.41
N ALA B 235 52.81 -12.91 -34.39
CA ALA B 235 52.74 -13.80 -35.57
C ALA B 235 51.95 -13.06 -36.65
N LYS B 236 52.58 -12.91 -37.83
CA LYS B 236 52.02 -12.12 -38.95
C LYS B 236 50.68 -12.67 -39.42
N ALA B 237 49.71 -11.75 -39.61
CA ALA B 237 48.38 -12.08 -40.10
C ALA B 237 48.43 -12.60 -41.54
N LYS B 238 48.04 -13.86 -41.71
CA LYS B 238 47.86 -14.46 -43.05
C LYS B 238 46.43 -14.24 -43.53
N TYR B 239 46.26 -13.35 -44.52
CA TYR B 239 45.01 -13.24 -45.29
C TYR B 239 44.74 -14.51 -46.10
N HIS B 240 43.52 -14.99 -45.99
CA HIS B 240 43.10 -16.27 -46.54
C HIS B 240 42.01 -16.03 -47.62
N GLY B 241 40.94 -15.35 -47.23
CA GLY B 241 39.75 -15.22 -48.03
C GLY B 241 38.76 -16.32 -47.71
N GLY B 242 37.48 -16.03 -47.92
CA GLY B 242 36.39 -16.98 -47.73
C GLY B 242 35.10 -16.31 -47.31
N GLU B 243 34.07 -17.09 -47.03
CA GLU B 243 32.77 -16.52 -46.63
C GLU B 243 32.14 -17.21 -45.42
N ILE B 244 31.52 -16.42 -44.53
CA ILE B 244 30.73 -16.97 -43.41
C ILE B 244 29.28 -16.50 -43.45
N ARG B 245 28.37 -17.45 -43.29
CA ARG B 245 26.96 -17.25 -43.55
C ARG B 245 26.16 -17.63 -42.33
N GLU B 246 25.31 -16.70 -41.88
CA GLU B 246 24.47 -16.91 -40.69
C GLU B 246 22.98 -16.64 -41.00
N GLN B 247 22.22 -17.73 -41.20
CA GLN B 247 20.75 -17.71 -41.33
C GLN B 247 20.02 -17.18 -40.07
N ASN B 248 19.16 -16.17 -40.26
CA ASN B 248 18.41 -15.46 -39.17
C ASN B 248 16.91 -15.34 -39.42
N GLY B 249 16.53 -15.14 -40.69
CA GLY B 249 15.36 -14.32 -41.07
C GLY B 249 15.15 -13.06 -40.22
N ASP B 250 16.01 -12.05 -40.36
CA ASP B 250 16.01 -10.87 -39.48
C ASP B 250 15.25 -9.67 -40.08
N SER B 251 14.39 -9.97 -41.07
CA SER B 251 13.77 -8.99 -42.02
C SER B 251 14.78 -8.29 -42.93
N LEU B 252 15.94 -7.92 -42.37
CA LEU B 252 17.05 -7.31 -43.10
C LEU B 252 18.28 -8.22 -43.22
N VAL B 253 18.94 -8.15 -44.36
CA VAL B 253 20.22 -8.80 -44.56
C VAL B 253 21.37 -7.79 -44.36
N HIS B 254 22.30 -8.15 -43.48
CA HIS B 254 23.55 -7.44 -43.37
C HIS B 254 24.61 -8.23 -44.08
N ALA B 255 25.25 -7.60 -45.08
CA ALA B 255 26.39 -8.20 -45.75
C ALA B 255 27.61 -7.26 -45.76
N ALA B 256 28.80 -7.85 -45.70
CA ALA B 256 30.06 -7.11 -45.96
C ALA B 256 30.95 -7.87 -46.95
N LEU B 257 31.38 -7.15 -48.00
CA LEU B 257 32.33 -7.69 -48.99
C LEU B 257 33.64 -6.95 -48.86
N VAL B 258 34.73 -7.71 -48.88
CA VAL B 258 36.01 -7.20 -48.49
C VAL B 258 37.13 -7.91 -49.27
N ALA B 259 38.22 -7.17 -49.52
CA ALA B 259 39.50 -7.73 -50.00
C ALA B 259 40.64 -7.18 -49.16
N GLU B 260 41.80 -7.84 -49.20
CA GLU B 260 43.02 -7.32 -48.55
C GLU B 260 43.44 -6.00 -49.17
N SER B 261 43.78 -5.03 -48.31
CA SER B 261 44.12 -3.67 -48.72
C SER B 261 45.58 -3.26 -48.34
N ALA B 262 45.75 -2.42 -47.33
CA ALA B 262 47.07 -1.87 -46.98
C ALA B 262 47.24 -1.74 -45.48
N ALA B 263 48.44 -2.08 -44.99
CA ALA B 263 48.85 -1.80 -43.60
C ALA B 263 48.78 -0.31 -43.27
N ILE B 264 48.37 -0.02 -42.04
CA ILE B 264 48.29 1.32 -41.50
C ILE B 264 49.62 2.13 -41.64
N GLY B 265 49.49 3.43 -41.93
CA GLY B 265 50.64 4.31 -42.23
C GLY B 265 51.59 3.87 -43.34
N SER B 266 51.08 3.10 -44.31
CA SER B 266 51.63 3.10 -45.67
C SER B 266 50.93 4.19 -46.48
N ALA B 267 51.57 4.63 -47.56
CA ALA B 267 50.96 5.59 -48.49
C ALA B 267 49.66 5.03 -49.15
N GLU B 268 49.66 3.73 -49.46
CA GLU B 268 48.51 3.03 -50.02
C GLU B 268 47.25 3.06 -49.13
N ALA B 269 47.45 3.08 -47.80
CA ALA B 269 46.36 3.18 -46.83
C ALA B 269 45.58 4.48 -46.97
N ASN B 270 46.30 5.57 -47.25
CA ASN B 270 45.67 6.86 -47.55
C ASN B 270 44.84 6.85 -48.82
N ALA B 271 45.34 6.15 -49.85
CA ALA B 271 44.55 5.89 -51.07
C ALA B 271 43.24 5.14 -50.75
N PHE B 272 43.31 4.16 -49.85
CA PHE B 272 42.12 3.45 -49.37
C PHE B 272 41.17 4.33 -48.58
N SER B 273 41.74 5.17 -47.73
CA SER B 273 40.98 6.15 -46.95
C SER B 273 40.20 7.13 -47.83
N VAL B 274 40.83 7.58 -48.93
CA VAL B 274 40.22 8.52 -49.86
C VAL B 274 39.13 7.83 -50.71
N LEU B 275 39.43 6.62 -51.21
CA LEU B 275 38.46 5.80 -51.94
C LEU B 275 37.19 5.50 -51.13
N GLN B 276 37.39 5.18 -49.85
CA GLN B 276 36.32 5.07 -48.87
C GLN B 276 35.37 6.28 -48.86
N HIS B 277 35.88 7.48 -49.13
CA HIS B 277 35.06 8.69 -49.12
C HIS B 277 34.57 9.12 -50.51
N VAL B 278 35.23 8.59 -51.56
CA VAL B 278 34.65 8.62 -52.90
C VAL B 278 33.38 7.76 -52.91
N LEU B 279 33.52 6.50 -52.48
CA LEU B 279 32.44 5.53 -52.49
C LEU B 279 31.35 5.87 -51.49
N GLY B 280 31.77 6.32 -50.28
CA GLY B 280 30.86 6.87 -49.29
C GLY B 280 30.97 6.17 -47.97
N ALA B 281 31.30 6.91 -46.93
CA ALA B 281 31.32 6.38 -45.57
C ALA B 281 29.97 6.67 -44.92
N GLY B 282 29.99 7.28 -43.73
CA GLY B 282 28.75 7.69 -43.07
C GLY B 282 28.03 8.86 -43.75
N PRO B 283 26.83 9.18 -43.26
CA PRO B 283 26.05 10.33 -43.75
C PRO B 283 26.54 11.66 -43.16
N HIS B 284 26.17 12.77 -43.81
CA HIS B 284 26.59 14.12 -43.39
C HIS B 284 25.41 14.98 -42.98
N VAL B 285 24.22 14.64 -43.51
CA VAL B 285 23.00 15.41 -43.30
C VAL B 285 21.93 14.50 -42.68
N LYS B 286 21.30 14.98 -41.59
CA LYS B 286 20.18 14.30 -40.96
C LYS B 286 19.05 14.12 -41.94
N ARG B 287 18.82 12.85 -42.28
CA ARG B 287 17.75 12.41 -43.19
C ARG B 287 17.97 12.70 -44.68
N GLY B 288 19.23 13.03 -45.03
CA GLY B 288 19.61 13.38 -46.40
C GLY B 288 19.62 12.22 -47.41
N SER B 289 19.55 12.58 -48.70
CA SER B 289 19.58 11.61 -49.80
C SER B 289 20.99 11.01 -50.09
N ASN B 290 22.02 11.57 -49.42
CA ASN B 290 23.45 11.27 -49.68
C ASN B 290 23.87 11.46 -51.14
N ALA B 291 23.77 12.71 -51.59
CA ALA B 291 23.87 13.08 -53.00
C ALA B 291 25.26 12.78 -53.59
N THR B 292 26.30 13.07 -52.81
CA THR B 292 27.69 12.90 -53.25
C THR B 292 28.27 11.55 -52.78
N SER B 293 27.39 10.66 -52.27
CA SER B 293 27.78 9.29 -51.97
C SER B 293 27.50 8.35 -53.14
N SER B 294 28.60 7.93 -53.79
CA SER B 294 28.53 7.25 -55.07
C SER B 294 28.01 5.80 -55.02
N LEU B 295 28.28 5.09 -53.91
CA LEU B 295 27.68 3.76 -53.65
C LEU B 295 26.18 3.86 -53.43
N TYR B 296 25.79 4.87 -52.63
CA TYR B 296 24.40 5.03 -52.20
C TYR B 296 23.51 5.39 -53.36
N GLN B 297 23.99 6.30 -54.22
CA GLN B 297 23.32 6.66 -55.47
C GLN B 297 23.23 5.52 -56.48
N ALA B 298 24.26 4.68 -56.52
CA ALA B 298 24.32 3.55 -57.42
C ALA B 298 23.30 2.45 -57.06
N VAL B 299 23.17 2.18 -55.74
CA VAL B 299 22.15 1.24 -55.23
C VAL B 299 20.75 1.83 -55.38
N ALA B 300 20.61 3.13 -55.03
CA ALA B 300 19.34 3.85 -55.11
C ALA B 300 18.68 3.79 -56.49
N LYS B 301 19.52 3.77 -57.55
CA LYS B 301 19.11 3.75 -58.95
C LYS B 301 18.18 2.56 -59.29
N GLY B 302 18.58 1.36 -58.86
CA GLY B 302 17.84 0.14 -59.21
C GLY B 302 17.18 -0.60 -58.04
N VAL B 303 17.04 0.09 -56.90
CA VAL B 303 16.40 -0.46 -55.69
C VAL B 303 15.54 0.63 -55.04
N HIS B 304 14.25 0.33 -54.85
CA HIS B 304 13.23 1.32 -54.45
C HIS B 304 12.55 0.98 -53.11
N GLN B 305 13.37 0.53 -52.16
CA GLN B 305 12.93 0.12 -50.81
C GLN B 305 14.05 0.50 -49.79
N PRO B 306 13.76 0.52 -48.47
CA PRO B 306 14.79 0.83 -47.45
C PRO B 306 16.09 0.00 -47.58
N PHE B 307 17.21 0.71 -47.72
CA PHE B 307 18.54 0.10 -47.71
C PHE B 307 19.61 0.99 -47.02
N ASP B 308 20.79 0.42 -46.76
CA ASP B 308 22.00 1.20 -46.57
C ASP B 308 23.26 0.61 -47.24
N VAL B 309 24.17 1.50 -47.64
CA VAL B 309 25.51 1.13 -48.07
C VAL B 309 26.51 2.07 -47.51
N SER B 310 27.58 1.50 -46.97
CA SER B 310 28.80 2.24 -46.66
C SER B 310 30.01 1.51 -47.22
N ALA B 311 31.01 2.29 -47.62
CA ALA B 311 32.37 1.78 -47.75
C ALA B 311 32.91 1.36 -46.38
N PHE B 312 33.62 0.24 -46.37
CA PHE B 312 34.24 -0.30 -45.16
C PHE B 312 35.75 -0.29 -45.33
N ASN B 313 36.42 0.16 -44.27
CA ASN B 313 37.85 0.42 -44.29
C ASN B 313 38.45 0.20 -42.92
N ALA B 314 39.15 -0.94 -42.79
CA ALA B 314 39.81 -1.35 -41.55
C ALA B 314 41.26 -1.56 -41.85
N SER B 315 42.10 -0.69 -41.30
CA SER B 315 43.54 -0.84 -41.48
C SER B 315 44.26 -1.27 -40.22
N TYR B 316 45.16 -2.26 -40.36
CA TYR B 316 45.88 -2.86 -39.24
C TYR B 316 47.42 -2.76 -39.40
N SER B 317 48.18 -3.25 -38.41
CA SER B 317 49.65 -3.17 -38.39
C SER B 317 50.31 -3.79 -39.61
N ASP B 318 49.78 -4.93 -40.07
CA ASP B 318 50.44 -5.79 -41.05
C ASP B 318 49.48 -6.23 -42.17
N SER B 319 48.27 -5.65 -42.18
CA SER B 319 47.22 -5.99 -43.16
C SER B 319 46.15 -4.91 -43.18
N GLY B 320 45.20 -5.05 -44.08
CA GLY B 320 44.01 -4.24 -44.09
C GLY B 320 42.86 -4.97 -44.72
N LEU B 321 41.64 -4.47 -44.50
CA LEU B 321 40.46 -4.91 -45.24
C LEU B 321 39.70 -3.72 -45.76
N PHE B 322 39.53 -3.67 -47.07
CA PHE B 322 38.65 -2.70 -47.72
C PHE B 322 37.54 -3.38 -48.53
N GLY B 323 36.34 -2.80 -48.44
CA GLY B 323 35.28 -2.98 -49.42
C GLY B 323 34.04 -2.19 -49.04
N PHE B 324 32.92 -2.89 -48.93
CA PHE B 324 31.64 -2.25 -48.59
C PHE B 324 30.75 -3.09 -47.70
N TYR B 325 29.84 -2.42 -47.00
CA TYR B 325 28.85 -3.03 -46.11
C TYR B 325 27.42 -2.61 -46.55
N THR B 326 26.54 -3.61 -46.72
CA THR B 326 25.13 -3.40 -47.13
C THR B 326 24.17 -3.83 -46.04
N ILE B 327 23.12 -3.03 -45.82
CA ILE B 327 21.86 -3.52 -45.25
C ILE B 327 20.75 -3.34 -46.27
N SER B 328 19.93 -4.38 -46.43
CA SER B 328 18.84 -4.39 -47.40
C SER B 328 17.79 -5.38 -46.94
N GLN B 329 16.61 -5.35 -47.58
CA GLN B 329 15.63 -6.44 -47.45
C GLN B 329 16.18 -7.74 -48.02
N ALA B 330 15.78 -8.86 -47.41
CA ALA B 330 16.18 -10.22 -47.80
C ALA B 330 16.15 -10.50 -49.32
N ALA B 331 15.04 -10.14 -49.99
CA ALA B 331 14.88 -10.33 -51.45
C ALA B 331 15.75 -9.38 -52.28
N SER B 332 16.08 -8.22 -51.72
CA SER B 332 16.84 -7.16 -52.40
C SER B 332 18.37 -7.28 -52.28
N ALA B 333 18.84 -8.17 -51.39
CA ALA B 333 20.27 -8.25 -51.00
C ALA B 333 21.22 -8.45 -52.17
N GLY B 334 20.86 -9.39 -53.07
CA GLY B 334 21.63 -9.71 -54.25
C GLY B 334 21.80 -8.51 -55.15
N ASP B 335 20.70 -7.77 -55.33
CA ASP B 335 20.70 -6.56 -56.14
C ASP B 335 21.54 -5.44 -55.54
N VAL B 336 21.40 -5.24 -54.23
CA VAL B 336 22.19 -4.25 -53.49
C VAL B 336 23.70 -4.55 -53.49
N ILE B 337 24.07 -5.83 -53.31
CA ILE B 337 25.48 -6.24 -53.41
C ILE B 337 26.06 -6.04 -54.84
N LYS B 338 25.26 -6.36 -55.85
CA LYS B 338 25.72 -6.27 -57.25
C LYS B 338 25.80 -4.84 -57.78
N ALA B 339 24.82 -4.00 -57.43
CA ALA B 339 24.88 -2.56 -57.68
C ALA B 339 26.12 -1.90 -57.03
N ALA B 340 26.38 -2.24 -55.76
CA ALA B 340 27.52 -1.71 -55.00
C ALA B 340 28.88 -2.10 -55.60
N TYR B 341 29.03 -3.40 -55.91
CA TYR B 341 30.26 -3.96 -56.46
C TYR B 341 30.56 -3.43 -57.87
N ASN B 342 29.51 -3.25 -58.68
CA ASN B 342 29.62 -2.62 -60.00
C ASN B 342 30.09 -1.16 -59.94
N GLN B 343 29.68 -0.44 -58.90
CA GLN B 343 30.08 0.95 -58.69
C GLN B 343 31.57 1.08 -58.36
N VAL B 344 32.09 0.15 -57.56
CA VAL B 344 33.53 0.06 -57.32
C VAL B 344 34.27 -0.29 -58.62
N LYS B 345 33.77 -1.31 -59.35
CA LYS B 345 34.32 -1.76 -60.64
C LYS B 345 34.48 -0.60 -61.61
N THR B 346 33.48 0.29 -61.62
CA THR B 346 33.45 1.46 -62.49
C THR B 346 34.54 2.53 -62.18
N ILE B 347 35.00 2.59 -60.93
CA ILE B 347 36.17 3.41 -60.53
C ILE B 347 37.50 2.71 -60.86
N ALA B 348 37.56 1.39 -60.66
CA ALA B 348 38.68 0.55 -61.14
C ALA B 348 38.91 0.63 -62.68
N GLN B 349 37.82 0.77 -63.44
CA GLN B 349 37.87 0.98 -64.88
C GLN B 349 38.29 2.43 -65.27
N GLY B 350 38.36 3.33 -64.27
CA GLY B 350 38.97 4.65 -64.47
C GLY B 350 38.02 5.85 -64.47
N ASN B 351 36.72 5.59 -64.25
CA ASN B 351 35.69 6.63 -64.35
C ASN B 351 35.58 7.40 -63.01
N LEU B 352 36.53 8.32 -62.81
CA LEU B 352 36.68 9.03 -61.56
C LEU B 352 37.17 10.44 -61.85
N SER B 353 36.33 11.43 -61.51
CA SER B 353 36.64 12.83 -61.77
C SER B 353 37.52 13.43 -60.68
N ASN B 354 38.42 14.34 -61.09
CA ASN B 354 39.20 15.16 -60.17
C ASN B 354 38.42 15.88 -59.03
N PRO B 355 37.24 16.52 -59.32
CA PRO B 355 36.37 17.06 -58.26
C PRO B 355 35.87 16.04 -57.24
N ASP B 356 35.68 14.79 -57.67
CA ASP B 356 35.19 13.73 -56.79
C ASP B 356 36.22 13.25 -55.78
N VAL B 357 37.47 13.06 -56.22
CA VAL B 357 38.62 12.86 -55.33
C VAL B 357 38.81 14.04 -54.36
N GLN B 358 38.63 15.28 -54.85
CA GLN B 358 38.81 16.49 -54.02
C GLN B 358 37.76 16.62 -52.90
N ALA B 359 36.50 16.29 -53.23
CA ALA B 359 35.40 16.25 -52.23
C ALA B 359 35.62 15.18 -51.16
N ALA B 360 36.08 14.00 -51.61
CA ALA B 360 36.48 12.89 -50.75
C ALA B 360 37.66 13.25 -49.85
N LYS B 361 38.61 14.00 -50.41
CA LYS B 361 39.73 14.57 -49.64
C LYS B 361 39.25 15.56 -48.58
N ASN B 362 38.23 16.36 -48.92
CA ASN B 362 37.64 17.31 -47.99
C ASN B 362 36.89 16.65 -46.84
N LYS B 363 36.14 15.59 -47.15
CA LYS B 363 35.43 14.82 -46.13
C LYS B 363 36.39 14.09 -45.16
N LEU B 364 37.46 13.49 -45.72
CA LEU B 364 38.48 12.80 -44.93
C LEU B 364 39.27 13.73 -44.02
N LYS B 365 39.71 14.87 -44.57
CA LYS B 365 40.45 15.88 -43.81
C LYS B 365 39.60 16.44 -42.69
N ALA B 366 38.35 16.82 -43.01
CA ALA B 366 37.45 17.41 -42.01
C ALA B 366 37.06 16.37 -40.97
N GLY B 367 36.82 15.14 -41.43
CA GLY B 367 36.53 13.99 -40.58
C GLY B 367 37.61 13.76 -39.54
N TYR B 368 38.87 13.76 -40.00
CA TYR B 368 40.03 13.58 -39.14
C TYR B 368 40.18 14.71 -38.13
N LEU B 369 39.97 15.94 -38.58
CA LEU B 369 40.11 17.08 -37.70
C LEU B 369 39.03 17.12 -36.62
N MET B 370 37.82 16.70 -36.99
CA MET B 370 36.71 16.55 -36.04
C MET B 370 36.92 15.38 -35.09
N SER B 371 37.54 14.31 -35.58
CA SER B 371 37.93 13.13 -34.81
C SER B 371 38.73 13.44 -33.54
N VAL B 372 39.54 14.49 -33.59
CA VAL B 372 40.49 14.81 -32.53
C VAL B 372 40.13 16.08 -31.72
N GLU B 373 38.93 16.59 -31.96
CA GLU B 373 38.37 17.77 -31.31
C GLU B 373 38.26 17.66 -29.80
N SER B 374 37.80 16.51 -29.33
CA SER B 374 37.63 16.23 -27.90
C SER B 374 38.89 15.62 -27.34
N SER B 375 39.04 15.68 -26.02
CA SER B 375 40.07 14.95 -25.27
C SER B 375 40.10 13.43 -25.58
N GLU B 376 38.92 12.82 -25.63
CA GLU B 376 38.77 11.38 -25.80
C GLU B 376 39.32 10.92 -27.15
N GLY B 377 39.03 11.70 -28.19
CA GLY B 377 39.45 11.42 -29.54
C GLY B 377 40.89 11.78 -29.79
N PHE B 378 41.34 12.89 -29.17
CA PHE B 378 42.74 13.29 -29.20
C PHE B 378 43.66 12.23 -28.58
N LEU B 379 43.37 11.84 -27.34
CA LEU B 379 44.17 10.87 -26.60
C LEU B 379 44.25 9.48 -27.28
N ASP B 380 43.16 9.05 -27.91
CA ASP B 380 43.10 7.73 -28.56
C ASP B 380 43.93 7.75 -29.85
N GLU B 381 43.87 8.86 -30.59
CA GLU B 381 44.67 9.10 -31.76
C GLU B 381 46.16 9.18 -31.44
N VAL B 382 46.53 9.96 -30.43
CA VAL B 382 47.91 10.03 -29.96
C VAL B 382 48.43 8.66 -29.44
N GLY B 383 47.58 7.93 -28.70
CA GLY B 383 47.92 6.61 -28.20
C GLY B 383 48.16 5.57 -29.28
N SER B 384 47.28 5.50 -30.28
CA SER B 384 47.38 4.48 -31.34
C SER B 384 48.54 4.76 -32.25
N GLN B 385 48.76 6.07 -32.52
CA GLN B 385 49.89 6.56 -33.31
C GLN B 385 51.18 6.12 -32.69
N ALA B 386 51.31 6.31 -31.37
CA ALA B 386 52.49 5.93 -30.61
C ALA B 386 52.80 4.43 -30.69
N LEU B 387 51.75 3.61 -30.70
CA LEU B 387 51.85 2.15 -30.88
C LEU B 387 52.13 1.71 -32.33
N ALA B 388 51.40 2.29 -33.30
CA ALA B 388 51.59 1.95 -34.72
C ALA B 388 52.92 2.47 -35.31
N ALA B 389 53.21 3.75 -35.09
CA ALA B 389 54.27 4.47 -35.81
C ALA B 389 55.54 4.77 -34.95
N GLY B 390 55.37 4.82 -33.62
CA GLY B 390 56.46 5.13 -32.71
C GLY B 390 56.73 6.62 -32.60
N SER B 391 55.70 7.41 -32.96
CA SER B 391 55.83 8.82 -33.32
C SER B 391 54.49 9.56 -33.15
N TYR B 392 54.55 10.88 -33.07
CA TYR B 392 53.39 11.72 -33.21
C TYR B 392 53.47 12.57 -34.46
N THR B 393 52.44 12.44 -35.29
CA THR B 393 52.30 13.15 -36.56
C THR B 393 51.21 14.21 -36.35
N PRO B 394 51.60 15.50 -36.31
CA PRO B 394 50.63 16.61 -36.13
C PRO B 394 49.52 16.70 -37.24
N PRO B 395 48.35 17.35 -36.97
CA PRO B 395 47.22 17.38 -37.91
C PRO B 395 47.59 17.80 -39.33
N SER B 396 48.51 18.76 -39.47
CA SER B 396 48.79 19.40 -40.76
C SER B 396 49.66 18.55 -41.68
N THR B 397 50.38 17.59 -41.11
CA THR B 397 51.15 16.64 -41.91
C THR B 397 50.38 15.38 -42.28
N VAL B 398 49.36 15.04 -41.45
CA VAL B 398 48.27 14.15 -41.86
C VAL B 398 47.50 14.73 -43.05
N LEU B 399 47.27 16.06 -43.03
CA LEU B 399 46.52 16.75 -44.11
C LEU B 399 47.31 16.80 -45.42
N GLN B 400 48.61 17.11 -45.27
CA GLN B 400 49.64 16.99 -46.31
C GLN B 400 49.72 15.57 -46.89
N GLN B 401 49.65 14.58 -46.00
CA GLN B 401 49.71 13.18 -46.40
C GLN B 401 48.47 12.75 -47.21
N ILE B 402 47.32 13.29 -46.82
CA ILE B 402 46.06 13.05 -47.53
C ILE B 402 46.08 13.74 -48.90
N ASP B 403 46.65 14.97 -48.95
CA ASP B 403 46.72 15.77 -50.19
C ASP B 403 47.53 15.10 -51.28
N ALA B 404 48.57 14.36 -50.86
CA ALA B 404 49.55 13.77 -51.78
C ALA B 404 49.01 12.58 -52.58
N VAL B 405 47.92 11.98 -52.09
CA VAL B 405 47.18 10.94 -52.82
C VAL B 405 46.74 11.44 -54.21
N ALA B 406 47.32 10.83 -55.25
CA ALA B 406 46.96 11.10 -56.66
C ALA B 406 45.62 10.42 -56.98
N ASP B 407 44.95 10.91 -58.04
CA ASP B 407 43.74 10.26 -58.62
C ASP B 407 44.01 8.80 -58.99
N ALA B 408 45.16 8.56 -59.63
CA ALA B 408 45.61 7.22 -60.02
C ALA B 408 45.72 6.24 -58.86
N ASP B 409 46.15 6.74 -57.68
CA ASP B 409 46.22 5.93 -56.46
C ASP B 409 44.86 5.38 -56.01
N VAL B 410 43.82 6.24 -56.08
CA VAL B 410 42.44 5.88 -55.74
C VAL B 410 41.87 4.86 -56.75
N ILE B 411 42.16 5.08 -58.06
CA ILE B 411 41.90 4.10 -59.11
C ILE B 411 42.61 2.75 -58.82
N ASN B 412 43.87 2.84 -58.37
CA ASN B 412 44.70 1.66 -58.05
C ASN B 412 44.22 0.83 -56.85
N ALA B 413 43.69 1.53 -55.83
CA ALA B 413 43.06 0.90 -54.67
C ALA B 413 41.75 0.16 -55.04
N ALA B 414 40.92 0.80 -55.89
CA ALA B 414 39.72 0.17 -56.46
C ALA B 414 40.06 -1.07 -57.33
N LYS B 415 41.12 -0.95 -58.14
CA LYS B 415 41.66 -2.06 -58.95
C LYS B 415 42.06 -3.26 -58.08
N LYS B 416 42.69 -2.97 -56.94
CA LYS B 416 43.20 -3.97 -55.99
C LYS B 416 42.05 -4.72 -55.33
N PHE B 417 40.99 -3.98 -54.97
CA PHE B 417 39.79 -4.57 -54.39
C PHE B 417 39.08 -5.53 -55.36
N VAL B 418 38.87 -5.07 -56.61
CA VAL B 418 38.13 -5.81 -57.65
C VAL B 418 38.85 -7.13 -58.03
N SER B 419 40.18 -7.07 -58.12
CA SER B 419 40.98 -8.22 -58.57
C SER B 419 41.38 -9.20 -57.46
N GLY B 420 41.21 -8.78 -56.19
CA GLY B 420 41.74 -9.51 -55.05
C GLY B 420 40.79 -10.52 -54.49
N ARG B 421 41.34 -11.63 -53.97
CA ARG B 421 40.54 -12.69 -53.35
C ARG B 421 39.67 -12.12 -52.24
N LYS B 422 38.38 -12.41 -52.31
CA LYS B 422 37.38 -11.76 -51.48
C LYS B 422 37.21 -12.42 -50.12
N SER B 423 36.67 -11.65 -49.18
CA SER B 423 36.07 -12.17 -47.97
C SER B 423 34.71 -11.57 -47.76
N MET B 424 33.80 -12.41 -47.28
CA MET B 424 32.40 -12.06 -47.13
C MET B 424 31.83 -12.62 -45.85
N ALA B 425 31.09 -11.79 -45.12
CA ALA B 425 30.19 -12.27 -44.07
C ALA B 425 28.81 -11.67 -44.26
N ALA B 426 27.78 -12.47 -43.98
CA ALA B 426 26.38 -12.02 -44.08
C ALA B 426 25.48 -12.71 -43.08
N SER B 427 24.40 -12.04 -42.69
CA SER B 427 23.37 -12.58 -41.79
C SER B 427 21.98 -12.05 -42.08
N GLY B 428 20.97 -12.88 -41.84
CA GLY B 428 19.60 -12.59 -42.23
C GLY B 428 18.97 -13.82 -42.85
N ASN B 429 17.83 -13.61 -43.52
CA ASN B 429 17.36 -14.53 -44.52
C ASN B 429 18.19 -14.47 -45.78
N LEU B 430 19.09 -15.45 -45.94
CA LEU B 430 20.13 -15.43 -46.99
C LEU B 430 19.74 -16.12 -48.31
N GLY B 431 18.45 -16.45 -48.46
CA GLY B 431 17.92 -17.10 -49.65
C GLY B 431 18.15 -16.38 -50.97
N HIS B 432 18.42 -15.07 -50.91
CA HIS B 432 18.70 -14.24 -52.08
C HIS B 432 20.01 -13.47 -51.97
N THR B 433 20.78 -13.80 -50.94
CA THR B 433 22.14 -13.28 -50.77
C THR B 433 23.15 -14.15 -51.57
N PRO B 434 23.91 -13.56 -52.49
CA PRO B 434 24.86 -14.33 -53.31
C PRO B 434 26.10 -14.82 -52.53
N PHE B 435 26.64 -15.97 -52.91
CA PHE B 435 28.00 -16.40 -52.53
C PHE B 435 29.05 -15.59 -53.31
N ILE B 436 30.33 -15.72 -52.94
CA ILE B 436 31.42 -14.97 -53.60
C ILE B 436 31.53 -15.29 -55.12
N ASP B 437 31.41 -16.57 -55.47
CA ASP B 437 31.48 -16.97 -56.88
C ASP B 437 30.30 -16.53 -57.76
N GLU B 438 29.24 -16.02 -57.13
CA GLU B 438 28.06 -15.54 -57.86
C GLU B 438 28.12 -14.04 -58.18
N LEU B 439 29.23 -13.41 -57.79
CA LEU B 439 29.36 -11.95 -57.81
C LEU B 439 30.01 -11.42 -59.06
N THR C 2 15.80 -5.38 -0.82
CA THR C 2 15.34 -6.53 0.05
C THR C 2 14.66 -6.02 1.34
N ASN C 3 13.37 -6.37 1.49
CA ASN C 3 12.49 -5.81 2.52
C ASN C 3 12.48 -6.63 3.81
N ILE C 4 12.53 -5.92 4.96
CA ILE C 4 12.34 -6.53 6.29
C ILE C 4 10.94 -7.16 6.48
N ARG C 5 9.93 -6.48 5.91
CA ARG C 5 8.54 -6.94 5.86
C ARG C 5 8.35 -8.26 5.10
N LYS C 6 9.25 -8.51 4.13
CA LYS C 6 9.06 -9.58 3.14
C LYS C 6 9.75 -10.91 3.46
N SER C 7 10.81 -10.85 4.30
CA SER C 7 11.76 -11.96 4.47
C SER C 7 11.97 -12.42 5.93
N HIS C 8 11.51 -11.60 6.89
CA HIS C 8 11.52 -11.97 8.31
C HIS C 8 10.47 -13.07 8.55
N PRO C 9 10.89 -14.21 9.14
CA PRO C 9 10.08 -15.45 9.13
C PRO C 9 8.68 -15.32 9.75
N LEU C 10 8.52 -14.35 10.66
CA LEU C 10 7.25 -14.04 11.30
C LEU C 10 6.42 -13.03 10.50
N MET C 11 7.08 -11.96 10.03
CA MET C 11 6.41 -10.87 9.33
C MET C 11 5.95 -11.29 7.92
N LYS C 12 6.76 -12.13 7.26
CA LYS C 12 6.36 -13.00 6.13
C LYS C 12 4.90 -13.43 6.18
N ILE C 13 4.51 -14.09 7.30
CA ILE C 13 3.16 -14.61 7.53
C ILE C 13 2.15 -13.47 7.53
N VAL C 14 2.51 -12.36 8.19
CA VAL C 14 1.62 -11.18 8.30
C VAL C 14 1.46 -10.49 6.94
N ASN C 15 2.57 -10.38 6.21
CA ASN C 15 2.61 -9.72 4.91
C ASN C 15 1.83 -10.46 3.83
N ASN C 16 1.95 -11.79 3.83
CA ASN C 16 1.30 -12.66 2.86
C ASN C 16 -0.18 -12.94 3.18
N ALA C 17 -0.65 -12.41 4.32
CA ALA C 17 -2.03 -12.51 4.74
C ALA C 17 -2.77 -11.16 4.76
N PHE C 18 -2.07 -10.08 5.13
CA PHE C 18 -2.73 -8.84 5.50
C PHE C 18 -2.28 -7.58 4.74
N ILE C 19 -1.21 -7.69 3.94
CA ILE C 19 -0.59 -6.51 3.34
C ILE C 19 -0.42 -6.63 1.81
N ASP C 20 0.36 -7.62 1.40
CA ASP C 20 0.66 -7.82 -0.02
C ASP C 20 -0.27 -8.82 -0.69
N LEU C 21 -1.16 -9.43 0.10
CA LEU C 21 -2.11 -10.42 -0.39
C LEU C 21 -2.97 -9.84 -1.53
N PRO C 22 -2.84 -10.44 -2.74
CA PRO C 22 -3.70 -10.05 -3.89
C PRO C 22 -5.16 -10.41 -3.62
N ALA C 23 -6.00 -9.38 -3.64
CA ALA C 23 -7.42 -9.49 -3.36
C ALA C 23 -8.22 -8.85 -4.54
N PRO C 24 -9.46 -9.32 -4.82
CA PRO C 24 -10.22 -8.78 -5.97
C PRO C 24 -10.50 -7.29 -5.80
N SER C 25 -10.51 -6.53 -6.90
CA SER C 25 -10.78 -5.08 -6.87
C SER C 25 -12.16 -4.71 -6.32
N ASN C 26 -12.89 -5.75 -5.92
CA ASN C 26 -14.21 -6.03 -6.44
C ASN C 26 -15.21 -6.37 -5.34
N ILE C 27 -14.68 -6.86 -4.22
CA ILE C 27 -15.50 -7.51 -3.21
C ILE C 27 -16.24 -6.50 -2.37
N SER C 28 -17.52 -6.77 -2.16
CA SER C 28 -18.44 -5.81 -1.58
C SER C 28 -18.43 -5.91 -0.05
N SER C 29 -19.36 -5.17 0.57
CA SER C 29 -19.64 -5.24 2.01
C SER C 29 -19.94 -6.64 2.58
N TRP C 30 -20.44 -7.54 1.73
CA TRP C 30 -20.70 -8.93 2.11
C TRP C 30 -19.42 -9.73 2.43
N TRP C 31 -18.28 -9.20 2.02
CA TRP C 31 -16.98 -9.74 2.33
C TRP C 31 -16.38 -9.17 3.63
N ASN C 32 -17.06 -8.19 4.26
CA ASN C 32 -16.60 -7.62 5.53
C ASN C 32 -16.77 -8.55 6.73
N PHE C 33 -17.67 -9.53 6.62
CA PHE C 33 -18.05 -10.40 7.75
C PHE C 33 -16.97 -11.39 8.26
N GLY C 34 -16.00 -11.71 7.39
CA GLY C 34 -14.87 -12.54 7.76
C GLY C 34 -13.98 -11.93 8.84
N SER C 35 -13.52 -10.69 8.60
CA SER C 35 -12.80 -9.90 9.62
C SER C 35 -13.66 -9.62 10.86
N LEU C 36 -14.95 -9.33 10.62
CA LEU C 36 -15.93 -9.10 11.70
C LEU C 36 -16.11 -10.29 12.62
N LEU C 37 -16.02 -11.51 12.06
CA LEU C 37 -16.01 -12.74 12.86
C LEU C 37 -14.76 -12.89 13.72
N GLY C 38 -13.60 -12.49 13.19
CA GLY C 38 -12.37 -12.36 13.93
C GLY C 38 -12.42 -11.36 15.07
N ILE C 39 -12.92 -10.15 14.78
CA ILE C 39 -13.21 -9.12 15.81
C ILE C 39 -14.15 -9.67 16.92
N CYS C 40 -15.25 -10.31 16.49
CA CYS C 40 -16.17 -11.02 17.39
C CYS C 40 -15.45 -12.06 18.26
N LEU C 41 -14.56 -12.85 17.64
CA LEU C 41 -13.80 -13.88 18.34
C LEU C 41 -12.91 -13.33 19.44
N ILE C 42 -12.17 -12.25 19.15
CA ILE C 42 -11.30 -11.64 20.16
C ILE C 42 -12.04 -10.79 21.20
N LEU C 43 -13.15 -10.17 20.79
CA LEU C 43 -14.05 -9.47 21.72
C LEU C 43 -14.58 -10.42 22.80
N GLN C 44 -15.12 -11.56 22.35
CA GLN C 44 -15.59 -12.63 23.22
C GLN C 44 -14.47 -13.27 24.07
N ILE C 45 -13.27 -13.43 23.48
CA ILE C 45 -12.10 -13.87 24.25
C ILE C 45 -11.71 -12.88 25.37
N LEU C 46 -11.71 -11.59 25.05
CA LEU C 46 -11.21 -10.54 25.96
C LEU C 46 -12.14 -10.28 27.11
N THR C 47 -13.44 -10.09 26.79
CA THR C 47 -14.51 -9.93 27.80
C THR C 47 -14.66 -11.21 28.61
N GLY C 48 -14.70 -12.35 27.91
CA GLY C 48 -14.76 -13.67 28.53
C GLY C 48 -13.67 -13.97 29.53
N LEU C 49 -12.45 -13.51 29.23
CA LEU C 49 -11.32 -13.53 30.18
C LEU C 49 -11.54 -12.68 31.44
N PHE C 50 -12.04 -11.46 31.25
CA PHE C 50 -12.30 -10.54 32.35
C PHE C 50 -13.54 -10.90 33.18
N LEU C 51 -14.47 -11.64 32.56
CA LEU C 51 -15.55 -12.31 33.30
C LEU C 51 -15.08 -13.53 34.10
N ALA C 52 -14.17 -14.32 33.50
CA ALA C 52 -13.54 -15.50 34.16
C ALA C 52 -12.73 -15.14 35.42
N MET C 53 -12.25 -13.89 35.47
CA MET C 53 -11.49 -13.37 36.61
C MET C 53 -12.32 -13.24 37.91
N HIS C 54 -13.66 -13.26 37.77
CA HIS C 54 -14.59 -13.02 38.89
C HIS C 54 -15.70 -14.10 39.01
N TYR C 55 -15.91 -14.87 37.94
CA TYR C 55 -16.91 -15.95 37.93
C TYR C 55 -16.46 -17.18 38.74
N THR C 56 -17.40 -17.74 39.52
CA THR C 56 -17.25 -19.04 40.19
C THR C 56 -18.24 -20.05 39.64
N SER C 57 -17.74 -21.27 39.36
CA SER C 57 -18.50 -22.32 38.64
C SER C 57 -19.22 -23.34 39.54
N ASP C 58 -19.53 -22.94 40.77
CA ASP C 58 -20.33 -23.77 41.67
C ASP C 58 -21.78 -23.32 41.69
N THR C 59 -22.67 -24.31 41.78
CA THR C 59 -24.14 -24.14 41.72
C THR C 59 -24.72 -23.20 42.79
N THR C 60 -24.11 -23.24 43.98
CA THR C 60 -24.51 -22.39 45.12
C THR C 60 -24.27 -20.89 44.89
N THR C 61 -23.30 -20.57 44.01
CA THR C 61 -22.60 -19.27 43.99
C THR C 61 -22.50 -18.64 42.58
N ALA C 62 -22.79 -19.46 41.55
CA ALA C 62 -22.65 -19.06 40.14
C ALA C 62 -23.51 -17.87 39.72
N PHE C 63 -24.80 -17.90 40.09
CA PHE C 63 -25.69 -16.76 39.91
C PHE C 63 -25.22 -15.53 40.67
N SER C 64 -24.74 -15.74 41.90
CA SER C 64 -24.27 -14.66 42.78
C SER C 64 -23.01 -13.96 42.25
N SER C 65 -22.07 -14.74 41.70
CA SER C 65 -20.86 -14.19 41.07
C SER C 65 -21.14 -13.31 39.83
N VAL C 66 -22.10 -13.73 39.01
CA VAL C 66 -22.48 -12.98 37.79
C VAL C 66 -23.11 -11.61 38.15
N THR C 67 -23.96 -11.62 39.18
CA THR C 67 -24.56 -10.37 39.68
C THR C 67 -23.60 -9.50 40.51
N HIS C 68 -22.65 -10.16 41.21
CA HIS C 68 -21.47 -9.50 41.79
C HIS C 68 -20.65 -8.72 40.73
N ILE C 69 -20.44 -9.34 39.55
CA ILE C 69 -19.86 -8.65 38.38
C ILE C 69 -20.65 -7.39 37.97
N CYS C 70 -21.98 -7.52 37.92
CA CYS C 70 -22.84 -6.47 37.36
C CYS C 70 -23.13 -5.28 38.31
N ARG C 71 -22.83 -5.48 39.60
CA ARG C 71 -23.16 -4.48 40.63
C ARG C 71 -21.92 -3.95 41.32
N ASP C 72 -21.01 -4.86 41.70
CA ASP C 72 -19.84 -4.52 42.53
C ASP C 72 -18.55 -4.28 41.75
N VAL C 73 -18.30 -5.12 40.73
CA VAL C 73 -17.09 -5.04 39.89
C VAL C 73 -17.11 -3.77 39.05
N ASN C 74 -16.09 -2.91 39.26
CA ASN C 74 -15.90 -1.67 38.48
C ASN C 74 -16.03 -1.95 37.00
N TYR C 75 -17.12 -1.43 36.43
CA TYR C 75 -17.46 -1.60 35.00
C TYR C 75 -17.73 -3.07 34.59
N GLY C 76 -18.01 -3.94 35.57
CA GLY C 76 -18.37 -5.34 35.31
C GLY C 76 -19.60 -5.50 34.42
N TRP C 77 -20.52 -4.54 34.52
CA TRP C 77 -21.72 -4.50 33.69
C TRP C 77 -21.49 -4.36 32.18
N ILE C 78 -20.61 -3.44 31.74
CA ILE C 78 -20.27 -3.35 30.30
C ILE C 78 -19.65 -4.61 29.80
N ILE C 79 -18.69 -5.15 30.55
CA ILE C 79 -17.99 -6.38 30.18
C ILE C 79 -18.97 -7.55 30.00
N ARG C 80 -19.88 -7.71 30.98
CA ARG C 80 -20.88 -8.79 30.97
C ARG C 80 -21.85 -8.70 29.79
N TYR C 81 -22.35 -7.50 29.51
CA TYR C 81 -23.33 -7.29 28.43
C TYR C 81 -22.72 -7.08 27.04
N MET C 82 -21.45 -6.65 26.99
CA MET C 82 -20.63 -6.70 25.76
C MET C 82 -20.44 -8.12 25.32
N HIS C 83 -20.08 -8.97 26.28
CA HIS C 83 -19.99 -10.41 26.12
C HIS C 83 -21.28 -11.06 25.62
N ALA C 84 -22.40 -10.72 26.28
CA ALA C 84 -23.74 -11.25 25.97
C ALA C 84 -24.17 -10.84 24.58
N ASN C 85 -24.01 -9.55 24.26
CA ASN C 85 -24.42 -9.04 22.96
C ASN C 85 -23.44 -9.26 21.82
N GLY C 86 -22.17 -9.44 22.18
CA GLY C 86 -21.15 -9.91 21.26
C GLY C 86 -21.39 -11.33 20.78
N ALA C 87 -21.89 -12.20 21.67
CA ALA C 87 -22.31 -13.57 21.29
C ALA C 87 -23.45 -13.55 20.25
N SER C 88 -24.40 -12.63 20.41
CA SER C 88 -25.43 -12.42 19.42
C SER C 88 -24.91 -11.76 18.14
N MET C 89 -23.98 -10.80 18.30
CA MET C 89 -23.20 -10.22 17.17
C MET C 89 -22.43 -11.28 16.40
N PHE C 90 -21.80 -12.22 17.14
CA PHE C 90 -21.14 -13.39 16.57
C PHE C 90 -22.05 -14.22 15.68
N PHE C 91 -23.33 -14.31 16.06
CA PHE C 91 -24.31 -15.06 15.29
C PHE C 91 -24.86 -14.33 14.08
N ILE C 92 -25.09 -13.00 14.21
CA ILE C 92 -25.49 -12.14 13.06
C ILE C 92 -24.43 -12.21 11.96
N CYS C 93 -23.16 -12.09 12.35
CA CYS C 93 -22.02 -12.16 11.43
C CYS C 93 -21.85 -13.55 10.78
N LEU C 94 -21.97 -14.61 11.59
CA LEU C 94 -21.99 -16.02 11.09
C LEU C 94 -23.03 -16.25 9.97
N TYR C 95 -24.24 -15.72 10.16
CA TYR C 95 -25.37 -16.00 9.27
C TYR C 95 -25.26 -15.24 7.97
N MET C 96 -24.88 -13.97 8.08
CA MET C 96 -24.46 -13.15 6.94
C MET C 96 -23.31 -13.79 6.12
N HIS C 97 -22.29 -14.29 6.84
CA HIS C 97 -21.11 -14.92 6.26
C HIS C 97 -21.42 -16.22 5.51
N VAL C 98 -22.30 -17.06 6.10
CA VAL C 98 -22.76 -18.29 5.45
C VAL C 98 -23.58 -17.97 4.20
N GLY C 99 -24.54 -17.05 4.34
CA GLY C 99 -25.43 -16.65 3.27
C GLY C 99 -24.72 -16.05 2.07
N ARG C 100 -23.71 -15.22 2.35
CA ARG C 100 -22.79 -14.70 1.34
C ARG C 100 -22.14 -15.86 0.57
N GLY C 101 -21.59 -16.83 1.30
CA GLY C 101 -20.98 -18.03 0.72
C GLY C 101 -21.92 -18.85 -0.14
N LEU C 102 -23.17 -18.99 0.33
CA LEU C 102 -24.23 -19.72 -0.39
C LEU C 102 -24.60 -19.02 -1.71
N TYR C 103 -24.84 -17.70 -1.63
CA TYR C 103 -25.20 -16.86 -2.77
C TYR C 103 -24.13 -16.85 -3.83
N TYR C 104 -22.87 -16.63 -3.42
CA TYR C 104 -21.80 -16.30 -4.36
C TYR C 104 -21.01 -17.51 -4.83
N GLY C 105 -21.42 -18.70 -4.38
CA GLY C 105 -20.84 -19.97 -4.80
C GLY C 105 -19.48 -20.21 -4.20
N SER C 106 -19.23 -19.62 -3.02
CA SER C 106 -17.91 -19.67 -2.36
C SER C 106 -17.61 -21.04 -1.78
N TYR C 107 -18.66 -21.82 -1.54
CA TYR C 107 -18.56 -23.23 -1.17
C TYR C 107 -17.76 -24.15 -2.12
N THR C 108 -17.54 -23.69 -3.36
CA THR C 108 -16.68 -24.44 -4.30
C THR C 108 -15.20 -24.53 -3.84
N PHE C 109 -14.78 -23.62 -2.93
CA PHE C 109 -13.61 -23.83 -2.04
C PHE C 109 -13.95 -24.87 -0.98
N LEU C 110 -13.85 -26.15 -1.35
CA LEU C 110 -14.30 -27.29 -0.49
C LEU C 110 -13.73 -27.28 0.93
N GLU C 111 -12.41 -27.13 1.06
CA GLU C 111 -11.74 -27.21 2.38
C GLU C 111 -12.09 -26.01 3.25
N THR C 112 -12.01 -24.80 2.66
CA THR C 112 -12.36 -23.55 3.34
C THR C 112 -13.80 -23.63 3.89
N TRP C 113 -14.72 -24.01 3.01
CA TRP C 113 -16.14 -24.20 3.35
C TRP C 113 -16.36 -25.28 4.41
N ASN C 114 -15.79 -26.48 4.22
CA ASN C 114 -15.95 -27.58 5.18
C ASN C 114 -15.42 -27.26 6.58
N ILE C 115 -14.29 -26.54 6.64
CA ILE C 115 -13.76 -26.01 7.90
C ILE C 115 -14.73 -24.98 8.50
N GLY C 116 -15.29 -24.11 7.64
CA GLY C 116 -16.35 -23.19 8.01
C GLY C 116 -17.56 -23.85 8.69
N VAL C 117 -17.99 -25.00 8.18
CA VAL C 117 -19.10 -25.81 8.77
C VAL C 117 -18.75 -26.31 10.19
N ILE C 118 -17.52 -26.80 10.36
CA ILE C 118 -16.98 -27.14 11.69
C ILE C 118 -17.00 -25.91 12.63
N LEU C 119 -16.59 -24.75 12.09
CA LEU C 119 -16.56 -23.49 12.84
C LEU C 119 -17.92 -23.02 13.33
N LEU C 120 -18.94 -23.21 12.49
CA LEU C 120 -20.35 -22.98 12.87
C LEU C 120 -20.81 -23.88 14.02
N LEU C 121 -20.58 -25.19 13.89
CA LEU C 121 -20.92 -26.18 14.94
C LEU C 121 -20.17 -25.95 16.26
N THR C 122 -18.87 -25.58 16.16
CA THR C 122 -18.04 -25.32 17.35
C THR C 122 -18.49 -24.05 18.10
N VAL C 123 -18.81 -22.98 17.36
CA VAL C 123 -19.30 -21.72 17.96
C VAL C 123 -20.72 -21.84 18.52
N MET C 124 -21.51 -22.74 17.94
CA MET C 124 -22.83 -23.09 18.47
C MET C 124 -22.73 -23.81 19.81
N ALA C 125 -21.84 -24.82 19.87
CA ALA C 125 -21.58 -25.60 21.10
C ALA C 125 -20.96 -24.76 22.20
N THR C 126 -20.01 -23.88 21.82
CA THR C 126 -19.42 -22.89 22.75
C THR C 126 -20.46 -21.99 23.39
N ALA C 127 -21.39 -21.45 22.58
CA ALA C 127 -22.35 -20.46 23.05
C ALA C 127 -23.49 -21.09 23.88
N PHE C 128 -23.83 -22.35 23.58
CA PHE C 128 -24.69 -23.18 24.44
C PHE C 128 -24.11 -23.29 25.85
N MET C 129 -22.83 -23.71 25.93
CA MET C 129 -22.09 -23.82 27.19
C MET C 129 -22.07 -22.50 27.97
N GLY C 130 -21.79 -21.40 27.28
CA GLY C 130 -21.73 -20.07 27.87
C GLY C 130 -23.00 -19.65 28.57
N TYR C 131 -24.14 -19.92 27.90
CA TYR C 131 -25.47 -19.65 28.45
C TYR C 131 -25.85 -20.48 29.68
N VAL C 132 -25.28 -21.70 29.80
CA VAL C 132 -25.40 -22.56 30.99
C VAL C 132 -24.74 -21.93 32.24
N LEU C 133 -23.71 -21.11 32.03
CA LEU C 133 -22.83 -20.63 33.13
C LEU C 133 -23.46 -19.74 34.25
N PRO C 134 -24.27 -18.70 33.90
CA PRO C 134 -24.90 -17.85 34.94
C PRO C 134 -25.96 -18.57 35.81
N TRP C 135 -26.34 -19.81 35.42
CA TRP C 135 -27.20 -20.73 36.21
C TRP C 135 -28.59 -20.13 36.52
N GLY C 136 -29.15 -19.45 35.51
CA GLY C 136 -30.56 -19.10 35.47
C GLY C 136 -31.42 -20.26 35.00
N GLN C 137 -32.73 -20.01 34.90
CA GLN C 137 -33.68 -21.06 34.52
C GLN C 137 -33.45 -21.58 33.11
N MET C 138 -33.12 -20.67 32.19
CA MET C 138 -32.82 -21.00 30.80
C MET C 138 -31.51 -21.73 30.67
N SER C 139 -30.56 -21.40 31.55
CA SER C 139 -29.29 -22.10 31.68
C SER C 139 -29.48 -23.60 31.98
N PHE C 140 -30.33 -23.91 32.97
CA PHE C 140 -30.54 -25.29 33.46
C PHE C 140 -31.22 -26.20 32.44
N TRP C 141 -32.32 -25.71 31.85
CA TRP C 141 -33.13 -26.51 30.92
C TRP C 141 -32.53 -26.55 29.51
N GLY C 142 -31.86 -25.46 29.13
CA GLY C 142 -30.88 -25.43 28.04
C GLY C 142 -29.87 -26.54 28.15
N ALA C 143 -29.24 -26.66 29.33
CA ALA C 143 -28.29 -27.75 29.64
C ALA C 143 -28.93 -29.13 29.59
N THR C 144 -30.17 -29.24 30.12
CA THR C 144 -30.97 -30.48 30.09
C THR C 144 -31.28 -30.98 28.67
N VAL C 145 -31.94 -30.13 27.87
CA VAL C 145 -32.46 -30.52 26.54
C VAL C 145 -31.34 -30.85 25.54
N ILE C 146 -30.38 -29.92 25.40
CA ILE C 146 -29.31 -30.01 24.41
C ILE C 146 -28.35 -31.19 24.68
N THR C 147 -28.00 -31.43 25.95
CA THR C 147 -27.23 -32.64 26.32
C THR C 147 -28.01 -33.93 26.03
N ASN C 148 -29.33 -33.90 26.26
CA ASN C 148 -30.21 -35.05 26.04
C ASN C 148 -30.37 -35.44 24.57
N LEU C 149 -29.93 -34.58 23.63
CA LEU C 149 -29.96 -34.89 22.17
C LEU C 149 -29.16 -36.15 21.84
N LEU C 150 -28.08 -36.34 22.59
CA LEU C 150 -27.25 -37.55 22.56
C LEU C 150 -28.01 -38.84 22.92
N SER C 151 -29.02 -38.73 23.79
CA SER C 151 -29.86 -39.88 24.21
C SER C 151 -30.68 -40.53 23.07
N ALA C 152 -30.69 -39.87 21.91
CA ALA C 152 -31.30 -40.39 20.69
C ALA C 152 -30.39 -41.34 19.90
N ILE C 153 -29.08 -41.31 20.18
CA ILE C 153 -28.15 -42.35 19.68
C ILE C 153 -28.53 -43.70 20.35
N PRO C 154 -28.95 -44.69 19.52
CA PRO C 154 -29.48 -45.97 20.05
C PRO C 154 -28.41 -46.77 20.82
N TYR C 155 -28.85 -47.48 21.86
CA TYR C 155 -28.02 -48.42 22.65
C TYR C 155 -27.08 -47.75 23.67
N ILE C 156 -26.40 -46.67 23.25
CA ILE C 156 -25.36 -46.01 24.09
C ILE C 156 -25.65 -44.55 24.47
N GLY C 157 -26.72 -43.98 23.92
CA GLY C 157 -27.07 -42.56 24.10
C GLY C 157 -27.29 -42.13 25.53
N THR C 158 -27.95 -42.98 26.33
CA THR C 158 -28.22 -42.72 27.76
C THR C 158 -26.90 -42.64 28.57
N ASN C 159 -26.07 -43.69 28.43
CA ASN C 159 -24.70 -43.73 29.00
C ASN C 159 -23.85 -42.49 28.68
N LEU C 160 -24.04 -41.96 27.45
CA LEU C 160 -23.31 -40.79 26.94
C LEU C 160 -23.76 -39.50 27.64
N VAL C 161 -25.08 -39.32 27.76
CA VAL C 161 -25.69 -38.14 28.42
C VAL C 161 -25.28 -38.07 29.89
N GLU C 162 -25.38 -39.21 30.59
CA GLU C 162 -24.93 -39.34 32.00
C GLU C 162 -23.40 -39.19 32.13
N TRP C 163 -22.66 -39.63 31.09
CA TRP C 163 -21.20 -39.40 31.00
C TRP C 163 -20.80 -37.92 30.94
N ILE C 164 -21.49 -37.13 30.12
CA ILE C 164 -21.21 -35.69 30.11
C ILE C 164 -21.83 -34.88 31.26
N TRP C 165 -22.93 -35.39 31.84
CA TRP C 165 -23.58 -34.77 33.01
C TRP C 165 -22.71 -34.85 34.29
N GLY C 166 -22.17 -36.04 34.55
CA GLY C 166 -21.44 -36.34 35.78
C GLY C 166 -22.23 -37.15 36.78
N GLY C 167 -23.31 -37.79 36.30
CA GLY C 167 -24.33 -38.42 37.13
C GLY C 167 -25.68 -38.53 36.45
N PHE C 168 -26.71 -38.84 37.24
CA PHE C 168 -28.07 -39.10 36.73
C PHE C 168 -28.83 -37.83 36.30
N SER C 169 -28.41 -36.67 36.81
CA SER C 169 -29.00 -35.37 36.46
C SER C 169 -27.95 -34.27 36.32
N VAL C 170 -28.34 -33.17 35.65
CA VAL C 170 -27.60 -31.89 35.66
C VAL C 170 -27.42 -31.40 37.11
N ASP C 171 -26.17 -31.03 37.45
CA ASP C 171 -25.71 -30.98 38.86
C ASP C 171 -24.43 -30.13 39.00
N LYS C 172 -23.88 -30.09 40.24
CA LYS C 172 -22.53 -29.56 40.55
C LYS C 172 -21.44 -29.89 39.50
N ALA C 173 -21.36 -31.19 39.15
CA ALA C 173 -20.39 -31.72 38.17
C ALA C 173 -20.56 -31.15 36.77
N THR C 174 -21.82 -30.92 36.37
CA THR C 174 -22.16 -30.38 35.04
C THR C 174 -21.63 -28.95 34.82
N LEU C 175 -21.86 -28.06 35.80
CA LEU C 175 -21.47 -26.64 35.68
C LEU C 175 -19.96 -26.38 35.71
N THR C 176 -19.22 -27.14 36.54
CA THR C 176 -17.77 -26.94 36.67
C THR C 176 -17.02 -27.32 35.37
N ARG C 177 -17.45 -28.41 34.73
CA ARG C 177 -16.89 -28.85 33.45
C ARG C 177 -17.34 -28.00 32.26
N PHE C 178 -18.56 -27.47 32.33
CA PHE C 178 -19.07 -26.56 31.31
C PHE C 178 -18.32 -25.22 31.29
N PHE C 179 -17.86 -24.76 32.46
CA PHE C 179 -16.94 -23.63 32.54
C PHE C 179 -15.59 -23.91 31.88
N ALA C 180 -15.06 -25.11 32.14
CA ALA C 180 -13.79 -25.57 31.58
C ALA C 180 -13.86 -25.76 30.03
N PHE C 181 -14.91 -26.46 29.57
CA PHE C 181 -15.21 -26.63 28.15
C PHE C 181 -15.45 -25.28 27.43
N HIS C 182 -16.19 -24.39 28.08
CA HIS C 182 -16.47 -23.06 27.52
C HIS C 182 -15.24 -22.11 27.48
N PHE C 183 -14.27 -22.34 28.38
CA PHE C 183 -13.02 -21.57 28.43
C PHE C 183 -12.09 -21.93 27.24
N ILE C 184 -11.84 -23.23 27.04
CA ILE C 184 -10.86 -23.70 26.06
C ILE C 184 -11.36 -23.58 24.60
N LEU C 185 -12.64 -23.93 24.37
CA LEU C 185 -13.18 -24.07 23.01
C LEU C 185 -13.01 -22.86 22.05
N PRO C 186 -13.11 -21.59 22.54
CA PRO C 186 -12.76 -20.41 21.72
C PRO C 186 -11.32 -20.37 21.20
N PHE C 187 -10.36 -20.90 21.98
CA PHE C 187 -8.96 -21.03 21.53
C PHE C 187 -8.77 -22.10 20.48
N ILE C 188 -9.44 -23.26 20.67
CA ILE C 188 -9.58 -24.29 19.62
C ILE C 188 -10.22 -23.72 18.35
N ILE C 189 -11.31 -22.94 18.53
CA ILE C 189 -11.94 -22.17 17.42
C ILE C 189 -10.92 -21.29 16.71
N MET C 190 -10.19 -20.47 17.49
CA MET C 190 -9.11 -19.58 16.98
C MET C 190 -8.07 -20.31 16.10
N ALA C 191 -7.63 -21.50 16.56
CA ALA C 191 -6.74 -22.39 15.79
C ALA C 191 -7.36 -22.91 14.48
N ILE C 192 -8.66 -23.27 14.51
CA ILE C 192 -9.41 -23.71 13.31
C ILE C 192 -9.66 -22.53 12.36
N ALA C 193 -9.79 -21.31 12.92
CA ALA C 193 -9.92 -20.08 12.10
C ALA C 193 -8.66 -19.79 11.27
N MET C 194 -7.49 -20.12 11.84
CA MET C 194 -6.22 -20.03 11.12
C MET C 194 -6.10 -21.04 9.94
N VAL C 195 -6.60 -22.26 10.16
CA VAL C 195 -6.58 -23.34 9.13
C VAL C 195 -7.59 -22.99 7.99
N HIS C 196 -8.74 -22.46 8.40
CA HIS C 196 -9.72 -21.81 7.54
C HIS C 196 -9.09 -20.75 6.61
N LEU C 197 -8.30 -19.84 7.19
CA LEU C 197 -7.54 -18.83 6.43
C LEU C 197 -6.42 -19.39 5.58
N LEU C 198 -5.80 -20.47 6.06
CA LEU C 198 -4.69 -21.11 5.33
C LEU C 198 -5.19 -21.73 4.03
N PHE C 199 -6.28 -22.53 4.12
CA PHE C 199 -6.96 -23.04 2.93
C PHE C 199 -7.49 -21.99 1.98
N LEU C 200 -7.94 -20.85 2.51
CA LEU C 200 -8.42 -19.75 1.68
C LEU C 200 -7.32 -19.08 0.81
N HIS C 201 -6.16 -18.84 1.43
CA HIS C 201 -5.06 -18.11 0.79
C HIS C 201 -4.48 -18.83 -0.41
N GLU C 202 -4.62 -20.16 -0.39
CA GLU C 202 -4.37 -21.08 -1.52
C GLU C 202 -5.06 -20.66 -2.82
N THR C 203 -6.28 -20.13 -2.72
CA THR C 203 -7.02 -19.66 -3.92
C THR C 203 -7.16 -18.15 -4.00
N GLY C 204 -7.06 -17.47 -2.85
CA GLY C 204 -7.55 -16.12 -2.70
C GLY C 204 -9.06 -16.09 -2.69
N SER C 205 -9.60 -14.88 -2.63
CA SER C 205 -11.04 -14.67 -2.43
C SER C 205 -11.86 -14.93 -3.73
N ASN C 206 -13.12 -15.34 -3.55
CA ASN C 206 -14.13 -15.17 -4.60
C ASN C 206 -14.62 -13.70 -4.61
N ASN C 207 -15.48 -13.36 -5.58
CA ASN C 207 -16.01 -12.01 -5.75
C ASN C 207 -17.49 -12.03 -6.20
N PRO C 208 -18.20 -10.88 -6.15
CA PRO C 208 -19.61 -10.83 -6.58
C PRO C 208 -19.99 -11.51 -7.93
N THR C 209 -19.10 -11.47 -8.94
CA THR C 209 -19.43 -11.99 -10.29
C THR C 209 -19.29 -13.52 -10.41
N GLY C 210 -18.52 -14.11 -9.48
CA GLY C 210 -18.09 -15.50 -9.58
C GLY C 210 -17.10 -15.79 -10.70
N ILE C 211 -16.60 -14.72 -11.35
CA ILE C 211 -15.57 -14.85 -12.39
C ILE C 211 -14.20 -14.59 -11.77
N SER C 212 -13.21 -15.38 -12.20
CA SER C 212 -11.82 -15.21 -11.76
C SER C 212 -11.31 -13.75 -11.94
N SER C 213 -10.67 -13.23 -10.88
CA SER C 213 -10.32 -11.80 -10.77
C SER C 213 -8.80 -11.50 -10.79
N ASP C 214 -7.99 -12.47 -11.28
CA ASP C 214 -6.53 -12.35 -11.38
C ASP C 214 -6.09 -11.28 -12.36
N VAL C 215 -7.02 -10.92 -13.20
CA VAL C 215 -6.89 -9.93 -14.23
C VAL C 215 -6.93 -8.50 -13.62
N ASP C 216 -7.35 -8.42 -12.34
CA ASP C 216 -7.63 -7.14 -11.66
C ASP C 216 -7.56 -7.31 -10.10
N LYS C 217 -6.42 -7.80 -9.61
CA LYS C 217 -6.15 -7.84 -8.17
C LYS C 217 -5.58 -6.52 -7.65
N ILE C 218 -5.96 -6.17 -6.43
CA ILE C 218 -5.38 -5.03 -5.71
C ILE C 218 -4.78 -5.49 -4.38
N PRO C 219 -3.72 -4.81 -3.88
CA PRO C 219 -3.12 -5.20 -2.59
C PRO C 219 -4.11 -4.98 -1.43
N PHE C 220 -4.13 -5.95 -0.50
CA PHE C 220 -5.01 -5.91 0.67
C PHE C 220 -4.86 -4.60 1.46
N HIS C 221 -3.62 -4.14 1.57
CA HIS C 221 -3.32 -2.84 2.15
C HIS C 221 -3.01 -1.88 0.99
N PRO C 222 -3.58 -0.65 0.97
CA PRO C 222 -4.38 -0.06 2.06
C PRO C 222 -5.92 -0.23 1.95
N TYR C 223 -6.38 -0.90 0.88
CA TYR C 223 -7.77 -0.88 0.46
C TYR C 223 -8.70 -1.66 1.39
N TYR C 224 -8.36 -2.92 1.66
CA TYR C 224 -9.15 -3.76 2.57
C TYR C 224 -8.76 -3.67 4.03
N THR C 225 -7.60 -3.07 4.32
CA THR C 225 -7.31 -2.65 5.70
C THR C 225 -8.25 -1.53 6.12
N ILE C 226 -8.39 -0.51 5.27
CA ILE C 226 -9.33 0.59 5.56
C ILE C 226 -10.83 0.27 5.48
N LYS C 227 -11.24 -0.52 4.47
CA LYS C 227 -12.63 -1.06 4.40
C LYS C 227 -12.99 -1.95 5.61
N ASP C 228 -12.01 -2.69 6.13
CA ASP C 228 -12.20 -3.50 7.33
C ASP C 228 -12.33 -2.70 8.61
N ILE C 229 -11.57 -1.60 8.70
CA ILE C 229 -11.65 -0.68 9.85
C ILE C 229 -13.04 -0.05 9.94
N LEU C 230 -13.52 0.49 8.81
CA LEU C 230 -14.89 1.04 8.70
C LEU C 230 -15.96 0.02 9.11
N GLY C 231 -15.87 -1.17 8.53
CA GLY C 231 -16.75 -2.28 8.85
C GLY C 231 -16.77 -2.67 10.31
N ALA C 232 -15.58 -2.71 10.95
CA ALA C 232 -15.45 -2.91 12.41
C ALA C 232 -16.08 -1.80 13.24
N LEU C 233 -15.94 -0.55 12.78
CA LEU C 233 -16.56 0.62 13.43
C LEU C 233 -18.10 0.61 13.35
N LEU C 234 -18.64 0.03 12.27
CA LEU C 234 -20.07 -0.29 12.20
C LEU C 234 -20.47 -1.41 13.16
N LEU C 235 -19.64 -2.48 13.25
CA LEU C 235 -19.82 -3.54 14.25
C LEU C 235 -19.81 -3.04 15.71
N ILE C 236 -18.93 -2.07 16.01
CA ILE C 236 -18.91 -1.41 17.33
C ILE C 236 -20.19 -0.61 17.60
N LEU C 237 -20.68 0.12 16.59
CA LEU C 237 -21.99 0.81 16.67
C LEU C 237 -23.12 -0.14 17.00
N ALA C 238 -23.26 -1.19 16.17
CA ALA C 238 -24.29 -2.22 16.35
C ALA C 238 -24.23 -2.92 17.71
N LEU C 239 -23.00 -3.24 18.17
CA LEU C 239 -22.80 -3.78 19.51
C LEU C 239 -23.12 -2.79 20.63
N MET C 240 -22.60 -1.57 20.51
CA MET C 240 -22.71 -0.56 21.59
C MET C 240 -24.07 0.14 21.66
N LEU C 241 -24.84 0.11 20.56
CA LEU C 241 -26.28 0.33 20.60
C LEU C 241 -27.00 -0.66 21.52
N LEU C 242 -26.65 -1.94 21.38
CA LEU C 242 -27.29 -3.00 22.17
C LEU C 242 -26.94 -3.00 23.63
N VAL C 243 -25.64 -2.90 23.98
CA VAL C 243 -25.27 -2.90 25.42
C VAL C 243 -25.71 -1.64 26.20
N LEU C 244 -25.67 -0.49 25.52
CA LEU C 244 -25.89 0.81 26.18
C LEU C 244 -27.34 1.33 26.12
N PHE C 245 -28.10 0.91 25.12
CA PHE C 245 -29.51 1.32 25.01
C PHE C 245 -30.56 0.23 25.21
N ALA C 246 -30.21 -1.02 24.91
CA ALA C 246 -31.11 -2.16 25.11
C ALA C 246 -30.38 -3.48 25.49
N PRO C 247 -29.69 -3.53 26.66
CA PRO C 247 -28.82 -4.69 27.01
C PRO C 247 -29.50 -6.07 27.02
N ASP C 248 -30.82 -6.12 27.26
CA ASP C 248 -31.56 -7.39 27.42
C ASP C 248 -32.54 -7.73 26.29
N LEU C 249 -32.50 -6.94 25.20
CA LEU C 249 -33.42 -7.08 24.05
C LEU C 249 -33.36 -8.48 23.42
N LEU C 250 -32.15 -9.04 23.35
CA LEU C 250 -31.90 -10.29 22.61
C LEU C 250 -31.82 -11.53 23.51
N GLY C 251 -31.84 -11.30 24.83
CA GLY C 251 -31.83 -12.36 25.83
C GLY C 251 -33.21 -12.72 26.36
N ASP C 252 -33.22 -13.51 27.43
CA ASP C 252 -34.44 -13.92 28.12
C ASP C 252 -34.49 -13.38 29.55
N PRO C 253 -35.62 -12.75 29.93
CA PRO C 253 -35.90 -12.40 31.35
C PRO C 253 -35.90 -13.58 32.33
N ASP C 254 -36.27 -14.79 31.87
CA ASP C 254 -36.31 -16.00 32.71
C ASP C 254 -34.96 -16.45 33.25
N ASN C 255 -33.89 -16.11 32.53
CA ASN C 255 -32.51 -16.34 33.02
C ASN C 255 -32.06 -15.40 34.16
N TYR C 256 -32.92 -14.46 34.54
CA TYR C 256 -32.74 -13.64 35.76
C TYR C 256 -33.37 -14.22 37.05
N THR C 257 -34.12 -15.32 36.91
CA THR C 257 -34.45 -16.19 38.06
C THR C 257 -33.47 -17.37 38.12
N PRO C 258 -32.89 -17.65 39.31
CA PRO C 258 -32.00 -18.80 39.52
C PRO C 258 -32.58 -20.14 39.09
N ALA C 259 -31.71 -21.03 38.65
CA ALA C 259 -32.06 -22.39 38.20
C ALA C 259 -32.84 -23.18 39.26
N ASN C 260 -33.76 -24.00 38.76
CA ASN C 260 -34.78 -24.66 39.57
C ASN C 260 -35.13 -25.99 38.86
N PRO C 261 -34.58 -27.12 39.37
CA PRO C 261 -34.72 -28.44 38.70
C PRO C 261 -36.14 -29.04 38.74
N LEU C 262 -37.02 -28.45 39.56
CA LEU C 262 -38.41 -28.93 39.75
C LEU C 262 -39.42 -28.28 38.79
N ASN C 263 -39.13 -27.05 38.34
CA ASN C 263 -40.00 -26.33 37.40
C ASN C 263 -39.27 -25.81 36.15
N THR C 264 -39.67 -26.36 35.00
CA THR C 264 -39.43 -25.74 33.68
C THR C 264 -40.51 -24.66 33.44
N PRO C 265 -40.09 -23.41 33.10
CA PRO C 265 -41.04 -22.30 32.81
C PRO C 265 -42.05 -22.60 31.69
N PRO C 266 -43.25 -21.96 31.72
CA PRO C 266 -44.25 -22.11 30.63
C PRO C 266 -43.74 -21.71 29.23
N HIS C 267 -43.01 -20.59 29.14
CA HIS C 267 -42.78 -19.88 27.88
C HIS C 267 -41.55 -20.36 27.07
N ILE C 268 -40.72 -21.22 27.69
CA ILE C 268 -39.30 -21.45 27.29
C ILE C 268 -39.03 -21.51 25.79
N LYS C 269 -38.20 -20.58 25.33
CA LYS C 269 -37.60 -20.65 24.00
C LYS C 269 -36.08 -20.47 24.10
N PRO C 270 -35.32 -21.10 23.18
CA PRO C 270 -33.96 -20.64 22.84
C PRO C 270 -33.74 -19.13 22.71
N GLU C 271 -32.50 -18.72 23.07
CA GLU C 271 -31.73 -17.66 22.38
C GLU C 271 -32.11 -17.56 20.91
N TRP C 272 -32.36 -16.33 20.43
CA TRP C 272 -32.94 -16.06 19.09
C TRP C 272 -32.27 -16.85 17.95
N TYR C 273 -30.95 -17.06 18.09
CA TYR C 273 -30.11 -17.64 17.04
C TYR C 273 -30.17 -19.17 16.97
N PHE C 274 -30.96 -19.77 17.85
CA PHE C 274 -31.23 -21.21 17.78
C PHE C 274 -32.66 -21.54 17.30
N LEU C 275 -33.45 -20.50 17.05
CA LEU C 275 -34.91 -20.65 16.91
C LEU C 275 -35.37 -21.43 15.69
N PHE C 276 -34.67 -21.24 14.57
CA PHE C 276 -34.93 -22.00 13.33
C PHE C 276 -34.73 -23.52 13.46
N ALA C 277 -33.64 -23.90 14.14
CA ALA C 277 -33.25 -25.31 14.31
C ALA C 277 -34.16 -25.97 15.33
N TYR C 278 -34.48 -25.22 16.40
CA TYR C 278 -35.52 -25.54 17.38
C TYR C 278 -36.87 -25.81 16.73
N ALA C 279 -37.31 -24.88 15.85
CA ALA C 279 -38.55 -25.02 15.08
C ALA C 279 -38.57 -26.27 14.19
N ILE C 280 -37.42 -26.61 13.58
CA ILE C 280 -37.29 -27.82 12.76
C ILE C 280 -37.47 -29.11 13.57
N LEU C 281 -36.78 -29.22 14.71
CA LEU C 281 -36.78 -30.43 15.53
C LEU C 281 -38.19 -30.76 16.09
N ARG C 282 -38.92 -29.73 16.53
CA ARG C 282 -40.23 -29.92 17.16
C ARG C 282 -41.43 -30.02 16.19
N SER C 283 -41.18 -29.67 14.93
CA SER C 283 -42.07 -29.99 13.80
C SER C 283 -42.22 -31.49 13.53
N ILE C 284 -41.29 -32.29 14.07
CA ILE C 284 -41.37 -33.74 13.94
C ILE C 284 -41.80 -34.39 15.27
N PRO C 285 -42.98 -35.06 15.27
CA PRO C 285 -43.46 -35.77 16.46
C PRO C 285 -42.81 -37.16 16.58
N ASN C 286 -41.47 -37.16 16.54
CA ASN C 286 -40.63 -38.35 16.72
C ASN C 286 -39.30 -37.93 17.30
N LYS C 287 -38.80 -38.74 18.25
CA LYS C 287 -37.58 -38.44 18.99
C LYS C 287 -36.35 -38.51 18.06
N LEU C 288 -36.15 -39.68 17.43
CA LEU C 288 -34.97 -39.93 16.59
C LEU C 288 -34.95 -39.09 15.33
N GLY C 289 -36.13 -38.93 14.71
CA GLY C 289 -36.30 -38.13 13.49
C GLY C 289 -36.12 -36.65 13.71
N GLY C 290 -36.56 -36.16 14.87
CA GLY C 290 -36.48 -34.75 15.23
C GLY C 290 -35.06 -34.27 15.41
N VAL C 291 -34.26 -35.06 16.14
CA VAL C 291 -32.83 -34.78 16.33
C VAL C 291 -31.99 -35.04 15.04
N LEU C 292 -32.43 -36.00 14.22
CA LEU C 292 -31.79 -36.29 12.95
C LEU C 292 -32.00 -35.15 11.97
N ALA C 293 -33.20 -34.56 12.00
CA ALA C 293 -33.51 -33.33 11.26
C ALA C 293 -32.71 -32.11 11.73
N LEU C 294 -32.51 -31.98 13.05
CA LEU C 294 -31.70 -30.91 13.64
C LEU C 294 -30.24 -30.97 13.18
N ALA C 295 -29.63 -32.16 13.33
CA ALA C 295 -28.29 -32.44 12.82
C ALA C 295 -28.22 -32.14 11.31
N PHE C 296 -29.20 -32.65 10.56
CA PHE C 296 -29.27 -32.44 9.12
C PHE C 296 -29.51 -30.98 8.70
N SER C 297 -30.13 -30.16 9.56
CA SER C 297 -30.42 -28.75 9.25
C SER C 297 -29.16 -27.86 9.12
N ILE C 298 -28.08 -28.29 9.79
CA ILE C 298 -26.78 -27.60 9.75
C ILE C 298 -25.72 -28.38 8.94
N LEU C 299 -25.66 -29.70 9.12
CA LEU C 299 -24.79 -30.58 8.30
C LEU C 299 -25.10 -30.61 6.78
N ILE C 300 -26.32 -30.19 6.40
CA ILE C 300 -26.71 -30.00 4.98
C ILE C 300 -25.76 -29.12 4.16
N LEU C 301 -25.18 -28.09 4.81
CA LEU C 301 -24.25 -27.16 4.16
C LEU C 301 -23.09 -27.85 3.45
N ALA C 302 -22.62 -28.98 4.03
CA ALA C 302 -21.63 -29.89 3.43
C ALA C 302 -22.10 -30.69 2.17
N LEU C 303 -23.41 -30.71 1.91
CA LEU C 303 -23.92 -31.31 0.68
C LEU C 303 -24.07 -30.30 -0.46
N ILE C 304 -24.22 -29.01 -0.10
CA ILE C 304 -24.43 -27.91 -1.08
C ILE C 304 -23.44 -27.87 -2.30
N PRO C 305 -22.11 -28.06 -2.09
CA PRO C 305 -21.18 -28.25 -3.22
C PRO C 305 -21.50 -29.41 -4.18
N LEU C 306 -22.09 -30.53 -3.70
CA LEU C 306 -22.40 -31.69 -4.55
C LEU C 306 -23.67 -31.46 -5.39
N LEU C 307 -24.43 -30.41 -5.03
CA LEU C 307 -25.76 -30.12 -5.58
C LEU C 307 -25.74 -28.88 -6.48
N HIS C 308 -24.57 -28.23 -6.58
CA HIS C 308 -24.35 -27.13 -7.52
C HIS C 308 -24.44 -27.63 -9.00
N THR C 309 -25.59 -27.37 -9.65
CA THR C 309 -25.80 -27.77 -11.06
C THR C 309 -25.37 -26.71 -12.10
N SER C 310 -25.32 -25.44 -11.66
CA SER C 310 -25.19 -24.31 -12.56
C SER C 310 -23.78 -24.20 -13.19
N LYS C 311 -23.75 -23.80 -14.46
CA LYS C 311 -22.50 -23.54 -15.20
C LYS C 311 -21.82 -22.21 -14.77
N GLN C 312 -22.55 -21.37 -14.01
CA GLN C 312 -21.97 -20.20 -13.32
C GLN C 312 -21.81 -20.42 -11.81
N ARG C 313 -20.79 -19.78 -11.22
CA ARG C 313 -20.47 -19.92 -9.80
C ARG C 313 -21.43 -19.11 -8.95
N SER C 314 -21.56 -17.81 -9.27
CA SER C 314 -22.30 -16.86 -8.45
C SER C 314 -23.78 -16.85 -8.84
N MET C 315 -24.63 -16.39 -7.92
CA MET C 315 -26.04 -16.16 -8.23
C MET C 315 -26.33 -14.80 -8.89
N MET C 316 -25.29 -13.97 -9.08
CA MET C 316 -25.46 -12.62 -9.66
C MET C 316 -26.21 -12.57 -11.02
N PHE C 317 -25.91 -13.51 -11.91
CA PHE C 317 -26.53 -13.61 -13.24
C PHE C 317 -27.57 -14.77 -13.34
N ARG C 318 -28.12 -15.15 -12.19
CA ARG C 318 -29.05 -16.27 -12.08
C ARG C 318 -30.35 -15.84 -11.32
N PRO C 319 -31.33 -15.24 -12.05
CA PRO C 319 -32.56 -14.68 -11.43
C PRO C 319 -33.47 -15.73 -10.75
N LEU C 320 -33.64 -16.91 -11.35
CA LEU C 320 -34.41 -18.01 -10.74
C LEU C 320 -33.82 -18.44 -9.40
N SER C 321 -32.49 -18.47 -9.35
CA SER C 321 -31.74 -18.85 -8.14
C SER C 321 -31.78 -17.75 -7.07
N GLN C 322 -31.71 -16.48 -7.53
CA GLN C 322 -31.90 -15.30 -6.69
C GLN C 322 -33.22 -15.35 -5.93
N CYS C 323 -34.32 -15.66 -6.65
CA CYS C 323 -35.64 -15.78 -6.07
C CYS C 323 -35.70 -16.86 -5.01
N LEU C 324 -35.12 -18.02 -5.34
CA LEU C 324 -35.14 -19.18 -4.46
C LEU C 324 -34.19 -19.07 -3.28
N PHE C 325 -33.12 -18.27 -3.43
CA PHE C 325 -32.25 -17.87 -2.31
C PHE C 325 -33.01 -17.05 -1.28
N TRP C 326 -33.85 -16.13 -1.78
CA TRP C 326 -34.55 -15.22 -0.90
C TRP C 326 -35.72 -15.89 -0.20
N ALA C 327 -36.32 -16.86 -0.91
CA ALA C 327 -37.27 -17.82 -0.34
C ALA C 327 -36.67 -18.63 0.79
N LEU C 328 -35.38 -18.97 0.67
CA LEU C 328 -34.62 -19.65 1.72
C LEU C 328 -34.36 -18.78 2.95
N VAL C 329 -33.94 -17.53 2.74
CA VAL C 329 -33.76 -16.52 3.83
C VAL C 329 -35.09 -16.24 4.56
N ALA C 330 -36.15 -15.95 3.78
CA ALA C 330 -37.49 -15.66 4.32
C ALA C 330 -38.11 -16.85 5.03
N ASP C 331 -37.86 -18.06 4.50
CA ASP C 331 -38.24 -19.31 5.17
C ASP C 331 -37.48 -19.55 6.48
N LEU C 332 -36.20 -19.17 6.49
CA LEU C 332 -35.41 -19.19 7.72
C LEU C 332 -35.89 -18.16 8.73
N LEU C 333 -36.28 -16.97 8.23
CA LEU C 333 -36.93 -15.93 9.05
C LEU C 333 -38.28 -16.40 9.60
N THR C 334 -39.02 -17.17 8.79
CA THR C 334 -40.27 -17.84 9.18
C THR C 334 -40.05 -18.84 10.31
N LEU C 335 -39.03 -19.69 10.18
CA LEU C 335 -38.69 -20.69 11.18
C LEU C 335 -38.24 -20.12 12.56
N THR C 336 -37.57 -18.95 12.54
CA THR C 336 -37.21 -18.26 13.80
C THR C 336 -38.40 -17.58 14.52
N TRP C 337 -39.34 -17.05 13.72
CA TRP C 337 -40.69 -16.66 14.19
C TRP C 337 -41.49 -17.82 14.86
N ILE C 338 -41.57 -18.98 14.19
CA ILE C 338 -42.25 -20.19 14.75
C ILE C 338 -41.60 -20.74 16.03
N GLY C 339 -40.26 -20.91 15.99
CA GLY C 339 -39.45 -21.15 17.18
C GLY C 339 -39.80 -20.29 18.39
N GLY C 340 -40.18 -19.02 18.14
CA GLY C 340 -40.61 -18.07 19.17
C GLY C 340 -42.02 -18.26 19.73
N GLN C 341 -42.84 -19.07 19.04
CA GLN C 341 -44.28 -19.23 19.33
C GLN C 341 -44.56 -20.59 20.04
N PRO C 342 -45.70 -20.72 20.78
CA PRO C 342 -46.05 -22.01 21.40
C PRO C 342 -46.52 -23.07 20.39
N VAL C 343 -46.36 -24.35 20.75
CA VAL C 343 -46.81 -25.49 19.93
C VAL C 343 -48.37 -25.63 19.93
N GLU C 344 -49.03 -24.70 19.21
CA GLU C 344 -50.50 -24.62 19.10
C GLU C 344 -50.96 -24.35 17.63
N HIS C 345 -52.29 -24.28 17.39
CA HIS C 345 -52.92 -24.65 16.09
C HIS C 345 -52.26 -24.19 14.76
N PRO C 346 -52.25 -22.87 14.42
CA PRO C 346 -51.72 -22.47 13.08
C PRO C 346 -50.21 -22.74 13.00
N TYR C 347 -49.52 -22.60 14.13
CA TYR C 347 -48.07 -22.60 14.21
C TYR C 347 -47.44 -23.97 13.95
N ILE C 348 -48.11 -25.05 14.41
CA ILE C 348 -47.65 -26.45 14.19
C ILE C 348 -47.53 -26.81 12.70
N THR C 349 -48.58 -26.50 11.93
CA THR C 349 -48.64 -26.81 10.50
C THR C 349 -47.69 -25.94 9.67
N ILE C 350 -47.72 -24.61 9.89
CA ILE C 350 -46.90 -23.71 9.06
C ILE C 350 -45.40 -23.88 9.32
N GLY C 351 -45.06 -24.22 10.57
CA GLY C 351 -43.71 -24.65 10.96
C GLY C 351 -43.28 -25.98 10.35
N GLN C 352 -44.21 -26.94 10.25
CA GLN C 352 -43.99 -28.20 9.50
C GLN C 352 -43.75 -27.97 8.00
N LEU C 353 -44.54 -27.09 7.39
CA LEU C 353 -44.42 -26.72 5.98
C LEU C 353 -43.13 -25.96 5.67
N ALA C 354 -42.74 -25.06 6.60
CA ALA C 354 -41.48 -24.31 6.51
C ALA C 354 -40.23 -25.18 6.65
N SER C 355 -40.26 -26.13 7.61
CA SER C 355 -39.27 -27.23 7.73
C SER C 355 -39.07 -28.03 6.43
N VAL C 356 -40.20 -28.48 5.84
CA VAL C 356 -40.20 -29.21 4.55
C VAL C 356 -39.60 -28.34 3.44
N LEU C 357 -40.01 -27.06 3.39
CA LEU C 357 -39.52 -26.08 2.39
C LEU C 357 -38.03 -25.80 2.49
N TYR C 358 -37.50 -25.70 3.73
CA TYR C 358 -36.06 -25.58 3.99
C TYR C 358 -35.28 -26.69 3.28
N PHE C 359 -35.68 -27.94 3.51
CA PHE C 359 -35.01 -29.09 2.94
C PHE C 359 -35.30 -29.29 1.46
N LEU C 360 -36.50 -28.91 1.02
CA LEU C 360 -36.87 -28.99 -0.40
C LEU C 360 -36.16 -27.96 -1.30
N LEU C 361 -36.03 -26.73 -0.78
CA LEU C 361 -35.30 -25.65 -1.46
C LEU C 361 -33.82 -26.04 -1.76
N ILE C 362 -33.07 -26.48 -0.73
CA ILE C 362 -31.64 -26.82 -0.85
C ILE C 362 -31.43 -28.12 -1.67
N LEU C 363 -32.22 -29.15 -1.37
CA LEU C 363 -32.06 -30.49 -1.97
C LEU C 363 -32.53 -30.61 -3.43
N VAL C 364 -33.66 -29.95 -3.75
CA VAL C 364 -34.41 -30.26 -4.97
C VAL C 364 -34.56 -29.00 -5.84
N LEU C 365 -35.04 -27.92 -5.24
CA LEU C 365 -35.60 -26.78 -5.96
C LEU C 365 -34.50 -25.84 -6.51
N MET C 366 -33.48 -25.56 -5.69
CA MET C 366 -32.28 -24.81 -6.13
C MET C 366 -31.36 -25.51 -7.18
N PRO C 367 -31.04 -26.84 -7.03
CA PRO C 367 -30.40 -27.62 -8.12
C PRO C 367 -31.20 -27.65 -9.44
N THR C 368 -32.52 -27.74 -9.37
CA THR C 368 -33.35 -27.74 -10.56
C THR C 368 -33.37 -26.37 -11.24
N ALA C 369 -33.46 -25.29 -10.43
CA ALA C 369 -33.31 -23.91 -10.90
C ALA C 369 -32.02 -23.68 -11.69
N GLY C 370 -30.92 -24.25 -11.21
CA GLY C 370 -29.61 -24.16 -11.88
C GLY C 370 -29.56 -24.84 -13.23
N THR C 371 -30.21 -26.00 -13.35
CA THR C 371 -30.35 -26.74 -14.63
C THR C 371 -31.21 -25.98 -15.65
N ILE C 372 -32.37 -25.48 -15.19
CA ILE C 372 -33.25 -24.65 -16.03
C ILE C 372 -32.50 -23.42 -16.58
N GLU C 373 -31.74 -22.76 -15.69
CA GLU C 373 -30.93 -21.60 -16.05
C GLU C 373 -29.82 -21.92 -17.06
N ASN C 374 -29.22 -23.12 -16.91
CA ASN C 374 -28.27 -23.66 -17.90
C ASN C 374 -28.92 -23.85 -19.27
N LYS C 375 -30.12 -24.47 -19.28
CA LYS C 375 -30.89 -24.75 -20.49
C LYS C 375 -31.35 -23.48 -21.20
N LEU C 376 -31.65 -22.43 -20.41
CA LEU C 376 -32.09 -21.15 -20.94
C LEU C 376 -30.98 -20.34 -21.61
N LEU C 377 -29.73 -20.51 -21.13
CA LEU C 377 -28.56 -19.94 -21.79
C LEU C 377 -27.94 -20.83 -22.90
N LYS C 378 -28.65 -21.92 -23.25
CA LYS C 378 -28.21 -22.95 -24.23
C LYS C 378 -26.90 -23.64 -23.82
N TRP C 379 -26.84 -24.02 -22.54
CA TRP C 379 -25.65 -24.55 -21.88
C TRP C 379 -25.91 -25.93 -21.32
N SER D 1 2.51 6.53 -32.71
CA SER D 1 1.23 5.78 -32.53
C SER D 1 0.89 5.44 -31.06
N HIS D 2 1.92 5.30 -30.21
CA HIS D 2 1.78 5.49 -28.75
C HIS D 2 1.57 6.98 -28.39
N THR D 3 2.02 7.85 -29.29
CA THR D 3 1.74 9.29 -29.25
C THR D 3 0.25 9.66 -29.43
N ASP D 4 -0.58 8.69 -29.87
CA ASP D 4 -2.07 8.86 -29.85
C ASP D 4 -2.71 8.79 -28.45
N ILE D 5 -1.95 8.24 -27.47
CA ILE D 5 -2.41 8.17 -26.08
C ILE D 5 -2.36 9.56 -25.45
N LYS D 6 -3.57 10.10 -25.24
CA LYS D 6 -3.81 11.17 -24.27
C LYS D 6 -4.42 10.56 -23.02
N VAL D 7 -4.00 11.07 -21.86
CA VAL D 7 -4.70 10.82 -20.58
C VAL D 7 -6.09 11.53 -20.60
N PRO D 8 -7.17 10.77 -20.34
CA PRO D 8 -8.55 11.33 -20.43
C PRO D 8 -8.83 12.41 -19.37
N ASP D 9 -9.83 13.25 -19.60
CA ASP D 9 -10.18 14.35 -18.70
C ASP D 9 -10.65 13.84 -17.33
N PHE D 10 -10.11 14.47 -16.27
CA PHE D 10 -10.40 14.08 -14.87
C PHE D 10 -11.09 15.19 -14.07
N SER D 11 -11.58 16.23 -14.77
CA SER D 11 -12.25 17.39 -14.16
C SER D 11 -13.43 17.04 -13.23
N ASP D 12 -14.18 16.00 -13.62
CA ASP D 12 -15.29 15.42 -12.83
C ASP D 12 -14.91 15.00 -11.40
N TYR D 13 -13.65 14.60 -11.24
CA TYR D 13 -13.16 14.02 -9.99
C TYR D 13 -12.21 14.94 -9.23
N ARG D 14 -11.68 15.96 -9.91
CA ARG D 14 -10.64 16.86 -9.37
C ARG D 14 -11.14 17.74 -8.23
N ARG D 15 -10.28 17.92 -7.23
CA ARG D 15 -10.41 18.98 -6.20
C ARG D 15 -10.44 20.38 -6.87
N PRO D 16 -11.28 21.31 -6.35
CA PRO D 16 -11.58 22.60 -7.05
C PRO D 16 -10.32 23.46 -7.32
N GLU D 17 -9.38 23.47 -6.37
CA GLU D 17 -8.13 24.24 -6.46
C GLU D 17 -7.10 23.65 -7.45
N VAL D 18 -7.52 22.56 -8.11
CA VAL D 18 -6.68 21.82 -9.06
C VAL D 18 -7.34 21.59 -10.47
N LEU D 19 -8.36 22.38 -10.78
CA LEU D 19 -9.05 22.31 -12.08
C LEU D 19 -8.38 23.13 -13.20
N ASP D 20 -7.65 24.19 -12.81
CA ASP D 20 -6.92 25.02 -13.76
C ASP D 20 -5.60 24.39 -14.18
N SER D 21 -5.59 23.89 -15.42
CA SER D 21 -4.38 23.36 -16.07
C SER D 21 -3.32 24.44 -16.39
N THR D 22 -3.76 25.69 -16.48
CA THR D 22 -2.88 26.84 -16.74
C THR D 22 -2.11 27.32 -15.46
N LYS D 23 -2.49 26.74 -14.31
CA LYS D 23 -1.98 27.19 -13.01
C LYS D 23 -1.38 26.04 -12.18
N SER D 24 -0.33 26.37 -11.42
CA SER D 24 0.49 25.42 -10.66
C SER D 24 -0.29 24.72 -9.56
N SER D 25 -0.01 23.44 -9.38
CA SER D 25 -0.59 22.62 -8.30
C SER D 25 0.17 22.75 -6.98
N LYS D 26 1.47 23.07 -7.07
CA LYS D 26 2.37 23.34 -5.93
C LYS D 26 1.78 24.33 -4.90
N GLU D 27 1.01 25.30 -5.39
CA GLU D 27 0.38 26.32 -4.53
C GLU D 27 -0.74 25.73 -3.64
N SER D 28 -1.59 24.87 -4.22
CA SER D 28 -2.66 24.17 -3.49
C SER D 28 -2.20 22.85 -2.79
N SER D 29 -0.90 22.55 -2.91
CA SER D 29 -0.31 21.28 -2.45
C SER D 29 -0.33 21.13 -0.92
N GLU D 30 0.06 22.20 -0.23
CA GLU D 30 0.09 22.23 1.25
C GLU D 30 -1.33 22.16 1.84
N ALA D 31 -2.27 22.91 1.23
CA ALA D 31 -3.69 22.92 1.60
C ALA D 31 -4.40 21.56 1.42
N ARG D 32 -4.19 20.91 0.26
CA ARG D 32 -4.91 19.67 -0.10
C ARG D 32 -4.51 18.49 0.79
N LYS D 33 -3.19 18.34 1.03
CA LYS D 33 -2.64 17.37 2.00
C LYS D 33 -3.03 17.74 3.43
N GLY D 34 -3.06 19.05 3.72
CA GLY D 34 -3.53 19.59 4.98
C GLY D 34 -4.91 19.11 5.37
N PHE D 35 -5.87 19.25 4.46
CA PHE D 35 -7.25 18.80 4.67
C PHE D 35 -7.36 17.29 4.93
N SER D 36 -6.69 16.50 4.10
CA SER D 36 -6.75 15.03 4.17
C SER D 36 -6.05 14.46 5.41
N TYR D 37 -4.90 15.03 5.78
CA TYR D 37 -4.20 14.65 7.01
C TYR D 37 -4.91 15.10 8.30
N LEU D 38 -5.58 16.26 8.27
CA LEU D 38 -6.47 16.71 9.38
C LEU D 38 -7.60 15.72 9.69
N VAL D 39 -8.16 15.12 8.64
CA VAL D 39 -9.16 14.05 8.74
C VAL D 39 -8.61 12.83 9.53
N THR D 40 -7.43 12.34 9.13
CA THR D 40 -6.80 11.20 9.82
C THR D 40 -6.31 11.57 11.24
N ALA D 41 -5.82 12.82 11.39
CA ALA D 41 -5.42 13.37 12.71
C ALA D 41 -6.56 13.44 13.73
N THR D 42 -7.73 13.94 13.28
CA THR D 42 -8.97 13.97 14.08
C THR D 42 -9.48 12.56 14.42
N THR D 43 -9.46 11.66 13.44
CA THR D 43 -9.83 10.24 13.62
C THR D 43 -8.99 9.56 14.70
N THR D 44 -7.67 9.73 14.61
CA THR D 44 -6.72 9.21 15.61
C THR D 44 -7.02 9.76 17.00
N VAL D 45 -7.25 11.08 17.09
CA VAL D 45 -7.72 11.76 18.31
C VAL D 45 -9.06 11.16 18.81
N GLY D 46 -9.98 10.92 17.88
CA GLY D 46 -11.28 10.35 18.18
C GLY D 46 -11.20 8.92 18.72
N VAL D 47 -10.53 8.06 17.95
CA VAL D 47 -10.15 6.69 18.39
C VAL D 47 -9.36 6.67 19.71
N ALA D 48 -8.44 7.63 19.89
CA ALA D 48 -7.56 7.68 21.09
C ALA D 48 -8.38 7.81 22.38
N TYR D 49 -9.32 8.76 22.36
CA TYR D 49 -10.34 8.95 23.40
C TYR D 49 -11.11 7.64 23.73
N ALA D 50 -11.54 6.93 22.68
CA ALA D 50 -12.34 5.71 22.83
C ALA D 50 -11.50 4.54 23.32
N ALA D 51 -10.27 4.43 22.80
CA ALA D 51 -9.30 3.39 23.22
C ALA D 51 -8.90 3.55 24.69
N LYS D 52 -8.59 4.80 25.09
CA LYS D 52 -8.35 5.14 26.49
C LYS D 52 -9.48 4.64 27.42
N ASN D 53 -10.74 4.91 27.03
CA ASN D 53 -11.90 4.56 27.84
C ASN D 53 -12.17 3.07 28.07
N VAL D 54 -12.28 2.26 26.99
CA VAL D 54 -12.40 0.78 27.15
C VAL D 54 -11.24 0.11 27.88
N VAL D 55 -10.02 0.56 27.56
CA VAL D 55 -8.79 0.02 28.16
C VAL D 55 -8.73 0.33 29.67
N SER D 56 -9.08 1.59 30.03
CA SER D 56 -9.15 2.03 31.45
C SER D 56 -10.22 1.26 32.25
N GLN D 57 -11.44 1.23 31.70
CA GLN D 57 -12.56 0.43 32.23
C GLN D 57 -12.23 -1.06 32.44
N PHE D 58 -11.57 -1.68 31.45
CA PHE D 58 -11.05 -3.04 31.57
C PHE D 58 -9.96 -3.17 32.66
N VAL D 59 -9.02 -2.21 32.69
CA VAL D 59 -7.97 -2.11 33.74
C VAL D 59 -8.58 -1.96 35.16
N SER D 60 -9.63 -1.13 35.25
CA SER D 60 -10.35 -0.81 36.50
C SER D 60 -11.10 -2.00 37.11
N SER D 61 -11.52 -2.95 36.28
CA SER D 61 -12.23 -4.16 36.71
C SER D 61 -11.38 -5.13 37.56
N MET D 62 -10.06 -5.07 37.37
CA MET D 62 -9.10 -5.90 38.12
C MET D 62 -8.76 -5.29 39.49
N SER D 63 -8.80 -3.96 39.57
CA SER D 63 -8.59 -3.25 40.84
C SER D 63 -9.80 -3.35 41.79
N ALA D 64 -9.65 -2.81 43.00
CA ALA D 64 -10.52 -3.10 44.14
C ALA D 64 -11.95 -2.62 43.88
N SER D 65 -12.88 -3.59 43.92
CA SER D 65 -14.32 -3.36 43.70
C SER D 65 -15.02 -2.68 44.89
N ALA D 66 -16.29 -2.28 44.69
CA ALA D 66 -17.17 -1.74 45.75
C ALA D 66 -17.42 -2.73 46.93
N ASP D 67 -17.22 -4.03 46.64
CA ASP D 67 -17.36 -5.14 47.61
C ASP D 67 -16.40 -5.12 48.84
N VAL D 68 -15.32 -4.33 48.76
CA VAL D 68 -14.15 -4.45 49.69
C VAL D 68 -13.59 -3.12 50.28
N LEU D 69 -14.15 -1.98 49.84
CA LEU D 69 -13.70 -0.62 50.24
C LEU D 69 -13.92 -0.30 51.73
N ALA D 70 -13.04 0.57 52.28
CA ALA D 70 -13.23 1.27 53.58
C ALA D 70 -13.58 0.38 54.81
N MET D 71 -12.54 -0.14 55.46
CA MET D 71 -12.68 -1.09 56.58
C MET D 71 -12.59 -0.41 57.96
N SER D 72 -13.22 -1.04 58.96
CA SER D 72 -13.53 -0.41 60.25
C SER D 72 -12.49 -0.71 61.36
N LYS D 73 -12.68 -0.09 62.53
CA LYS D 73 -11.82 -0.26 63.72
C LYS D 73 -12.03 -1.62 64.41
N ILE D 74 -11.11 -1.97 65.32
CA ILE D 74 -11.29 -3.10 66.24
C ILE D 74 -10.96 -2.78 67.72
N GLU D 75 -11.89 -3.16 68.61
CA GLU D 75 -11.71 -3.01 70.06
C GLU D 75 -11.03 -4.25 70.65
N ILE D 76 -9.92 -4.02 71.37
CA ILE D 76 -9.17 -5.06 72.07
C ILE D 76 -8.97 -4.68 73.54
N LYS D 77 -9.36 -5.58 74.45
CA LYS D 77 -9.15 -5.42 75.89
C LYS D 77 -7.69 -5.64 76.28
N LEU D 78 -7.10 -4.65 76.97
CA LEU D 78 -5.65 -4.59 77.24
C LEU D 78 -5.20 -5.59 78.31
N SER D 79 -5.97 -5.69 79.38
CA SER D 79 -5.66 -6.54 80.55
C SER D 79 -5.81 -8.06 80.30
N ASP D 80 -6.29 -8.42 79.09
CA ASP D 80 -6.44 -9.82 78.65
C ASP D 80 -5.12 -10.48 78.18
N ILE D 81 -4.07 -9.66 78.02
CA ILE D 81 -2.72 -10.15 77.64
C ILE D 81 -1.73 -9.98 78.83
N PRO D 82 -1.12 -11.09 79.31
CA PRO D 82 -0.11 -11.02 80.40
C PRO D 82 1.21 -10.35 79.97
N GLU D 83 1.97 -9.85 80.95
CA GLU D 83 3.15 -9.01 80.71
C GLU D 83 4.32 -9.78 80.05
N GLY D 84 4.43 -9.63 78.73
CA GLY D 84 5.52 -10.21 77.95
C GLY D 84 5.08 -11.08 76.76
N LYS D 85 3.86 -10.84 76.26
CA LYS D 85 3.27 -11.66 75.18
C LYS D 85 2.73 -10.83 74.01
N ASN D 86 2.96 -11.32 72.79
CA ASN D 86 2.37 -10.80 71.57
C ASN D 86 1.06 -11.56 71.23
N MET D 87 -0.02 -10.80 70.99
CA MET D 87 -1.35 -11.38 70.76
C MET D 87 -1.91 -11.08 69.37
N ALA D 88 -2.25 -12.16 68.63
CA ALA D 88 -2.49 -12.10 67.19
C ALA D 88 -3.97 -11.92 66.81
N PHE D 89 -4.33 -10.66 66.51
CA PHE D 89 -5.69 -10.28 66.07
C PHE D 89 -5.77 -10.07 64.56
N LYS D 90 -6.99 -10.20 64.01
CA LYS D 90 -7.30 -9.83 62.62
C LYS D 90 -7.86 -8.40 62.53
N TRP D 91 -7.26 -7.58 61.65
CA TRP D 91 -7.72 -6.22 61.36
C TRP D 91 -7.42 -5.80 59.90
N ARG D 92 -8.47 -5.35 59.19
CA ARG D 92 -8.39 -5.01 57.73
C ARG D 92 -7.94 -6.20 56.81
N GLY D 93 -8.05 -7.43 57.35
CA GLY D 93 -7.61 -8.64 56.65
C GLY D 93 -6.16 -9.07 56.90
N LYS D 94 -5.39 -8.24 57.61
CA LYS D 94 -3.95 -8.46 57.82
C LYS D 94 -3.55 -8.27 59.31
N PRO D 95 -2.68 -9.15 59.87
CA PRO D 95 -2.60 -9.37 61.32
C PRO D 95 -2.19 -8.11 62.12
N LEU D 96 -2.83 -7.95 63.29
CA LEU D 96 -2.54 -6.85 64.21
C LEU D 96 -1.87 -7.38 65.48
N PHE D 97 -0.77 -6.73 65.83
CA PHE D 97 0.07 -7.17 66.94
C PHE D 97 -0.02 -6.19 68.10
N VAL D 98 -0.72 -6.61 69.16
CA VAL D 98 -0.72 -5.92 70.45
C VAL D 98 0.24 -6.65 71.39
N ARG D 99 1.24 -5.91 71.87
CA ARG D 99 2.38 -6.48 72.59
C ARG D 99 2.60 -5.80 73.94
N HIS D 100 2.30 -6.55 75.00
CA HIS D 100 2.69 -6.23 76.37
C HIS D 100 4.20 -6.39 76.54
N ARG D 101 4.82 -5.36 77.11
CA ARG D 101 6.29 -5.30 77.23
C ARG D 101 6.77 -5.26 78.68
N THR D 102 7.68 -6.19 79.00
CA THR D 102 8.37 -6.24 80.31
C THR D 102 9.41 -5.10 80.43
N LYS D 103 9.87 -4.86 81.67
CA LYS D 103 10.85 -3.79 81.98
C LYS D 103 12.21 -3.96 81.28
N LYS D 104 12.66 -5.22 81.13
CA LYS D 104 13.88 -5.56 80.38
C LYS D 104 13.77 -5.27 78.87
N GLU D 105 12.54 -5.42 78.32
CA GLU D 105 12.25 -5.15 76.91
C GLU D 105 12.34 -3.65 76.54
N ILE D 106 11.74 -2.79 77.38
CA ILE D 106 11.74 -1.32 77.18
C ILE D 106 13.16 -0.72 77.39
N ASP D 107 13.93 -1.35 78.29
CA ASP D 107 15.33 -1.01 78.58
C ASP D 107 16.24 -1.04 77.35
N GLN D 108 16.08 -2.08 76.52
CA GLN D 108 16.89 -2.29 75.32
C GLN D 108 16.56 -1.31 74.19
N GLU D 109 15.26 -0.96 74.07
CA GLU D 109 14.75 -0.18 72.93
C GLU D 109 15.04 1.32 73.03
N ALA D 110 14.97 1.86 74.25
CA ALA D 110 15.34 3.25 74.53
C ALA D 110 16.85 3.50 74.42
N ALA D 111 17.66 2.47 74.72
CA ALA D 111 19.12 2.59 74.82
C ALA D 111 19.86 2.46 73.48
N VAL D 112 19.35 1.61 72.59
CA VAL D 112 20.00 1.31 71.30
C VAL D 112 19.95 2.49 70.30
N GLU D 113 20.95 2.54 69.40
CA GLU D 113 21.28 3.73 68.60
C GLU D 113 20.23 4.05 67.52
N VAL D 114 19.74 5.30 67.54
CA VAL D 114 18.86 5.87 66.49
C VAL D 114 19.63 6.07 65.16
N SER D 115 20.90 6.47 65.27
CA SER D 115 21.77 6.76 64.11
C SER D 115 22.07 5.52 63.23
N GLN D 116 22.16 4.34 63.86
CA GLN D 116 22.67 3.12 63.21
C GLN D 116 21.59 2.23 62.55
N LEU D 117 20.31 2.62 62.72
CA LEU D 117 19.17 1.98 62.04
C LEU D 117 19.10 2.39 60.57
N ARG D 118 18.52 1.51 59.75
CA ARG D 118 18.15 1.81 58.36
C ARG D 118 17.00 2.85 58.24
N ASP D 119 16.04 2.80 59.16
CA ASP D 119 14.95 3.78 59.25
C ASP D 119 14.95 4.52 60.62
N PRO D 120 15.55 5.74 60.68
CA PRO D 120 15.92 6.38 61.96
C PRO D 120 14.74 6.93 62.79
N GLN D 121 14.36 6.16 63.84
CA GLN D 121 13.31 6.55 64.79
C GLN D 121 13.70 6.18 66.22
N HIS D 122 13.33 7.03 67.18
CA HIS D 122 13.28 6.67 68.60
C HIS D 122 12.10 5.72 68.88
N ASP D 123 12.24 4.89 69.92
CA ASP D 123 11.14 4.06 70.43
C ASP D 123 9.99 4.90 71.00
N LEU D 124 10.32 5.99 71.71
CA LEU D 124 9.35 6.89 72.35
C LEU D 124 8.42 7.63 71.35
N GLU D 125 8.93 7.89 70.14
CA GLU D 125 8.11 8.40 69.01
C GLU D 125 7.48 7.27 68.13
N ARG D 126 7.66 6.01 68.56
CA ARG D 126 7.01 4.84 67.95
C ARG D 126 5.86 4.28 68.80
N VAL D 127 5.82 4.68 70.08
CA VAL D 127 4.70 4.39 70.98
C VAL D 127 4.05 5.67 71.53
N LYS D 128 2.93 5.51 72.24
CA LYS D 128 2.33 6.59 73.06
C LYS D 128 2.61 6.39 74.55
N LYS D 129 2.25 5.19 75.06
CA LYS D 129 2.63 4.74 76.40
C LYS D 129 3.60 3.53 76.31
N PRO D 130 4.78 3.62 76.98
CA PRO D 130 5.96 2.81 76.63
C PRO D 130 5.87 1.28 76.87
N GLU D 131 4.85 0.82 77.60
CA GLU D 131 4.63 -0.63 77.83
C GLU D 131 3.73 -1.32 76.77
N TRP D 132 3.14 -0.51 75.87
CA TRP D 132 2.27 -1.02 74.80
C TRP D 132 2.75 -0.62 73.40
N VAL D 133 3.24 -1.61 72.64
CA VAL D 133 3.50 -1.45 71.20
C VAL D 133 2.45 -2.13 70.30
N ILE D 134 1.74 -1.31 69.51
CA ILE D 134 0.77 -1.79 68.53
C ILE D 134 1.36 -1.65 67.14
N LEU D 135 1.42 -2.78 66.43
CA LEU D 135 2.04 -2.86 65.11
C LEU D 135 1.19 -3.70 64.17
N ILE D 136 1.14 -3.28 62.89
CA ILE D 136 0.66 -4.13 61.80
C ILE D 136 1.71 -5.23 61.54
N GLY D 137 1.27 -6.49 61.71
CA GLY D 137 2.14 -7.66 61.63
C GLY D 137 2.44 -8.11 60.21
N VAL D 138 2.87 -7.16 59.37
CA VAL D 138 3.19 -7.38 57.97
C VAL D 138 4.63 -6.88 57.74
N CYS D 139 5.52 -7.81 57.39
CA CYS D 139 6.92 -7.51 57.06
C CYS D 139 7.01 -6.58 55.85
N THR D 140 7.81 -5.52 55.98
CA THR D 140 7.91 -4.45 54.97
C THR D 140 8.69 -4.88 53.70
N HIS D 141 9.30 -6.07 53.76
CA HIS D 141 9.97 -6.66 52.60
C HIS D 141 8.98 -7.12 51.55
N LEU D 142 8.33 -8.27 51.80
CA LEU D 142 7.44 -8.92 50.80
C LEU D 142 6.15 -9.51 51.42
N GLY D 143 5.85 -9.10 52.67
CA GLY D 143 4.51 -9.16 53.24
C GLY D 143 4.14 -10.38 54.07
N CYS D 144 5.15 -11.08 54.60
CA CYS D 144 4.94 -12.20 55.52
C CYS D 144 4.68 -11.75 56.96
N VAL D 145 4.12 -12.64 57.76
CA VAL D 145 3.89 -12.40 59.20
C VAL D 145 5.17 -12.75 60.01
N PRO D 146 5.81 -11.74 60.62
CA PRO D 146 6.91 -11.98 61.57
C PRO D 146 6.43 -12.75 62.80
N ILE D 147 7.23 -13.73 63.23
CA ILE D 147 6.94 -14.58 64.39
C ILE D 147 7.36 -13.83 65.67
N ALA D 148 6.49 -13.87 66.69
CA ALA D 148 6.80 -13.37 68.03
C ALA D 148 7.92 -14.15 68.70
N ASN D 149 8.81 -13.40 69.37
CA ASN D 149 9.90 -13.94 70.24
C ASN D 149 10.94 -14.81 69.52
N ALA D 150 11.26 -14.38 68.30
CA ALA D 150 12.21 -15.07 67.44
C ALA D 150 13.22 -14.07 66.87
N GLY D 151 14.37 -14.60 66.43
CA GLY D 151 15.48 -13.78 65.95
C GLY D 151 16.35 -13.22 67.05
N ASP D 152 17.24 -12.31 66.66
CA ASP D 152 18.46 -11.99 67.44
C ASP D 152 18.45 -10.59 68.08
N PHE D 153 17.30 -9.91 68.01
CA PHE D 153 17.06 -8.65 68.71
C PHE D 153 15.76 -8.67 69.57
N GLY D 154 15.39 -9.89 70.02
CA GLY D 154 14.41 -10.09 71.09
C GLY D 154 12.94 -9.74 70.81
N GLY D 155 12.61 -9.50 69.53
CA GLY D 155 11.31 -8.97 69.15
C GLY D 155 10.57 -9.85 68.16
N TYR D 156 10.98 -9.75 66.89
CA TYR D 156 10.30 -10.40 65.76
C TYR D 156 11.28 -10.90 64.71
N TYR D 157 10.98 -12.08 64.16
CA TYR D 157 11.67 -12.61 63.00
C TYR D 157 10.68 -13.05 61.91
N CYS D 158 10.84 -12.47 60.71
CA CYS D 158 10.14 -12.93 59.50
C CYS D 158 10.93 -14.08 58.85
N PRO D 159 10.31 -15.27 58.71
CA PRO D 159 11.02 -16.47 58.24
C PRO D 159 11.11 -16.56 56.68
N CYS D 160 10.69 -15.49 55.99
CA CYS D 160 10.65 -15.50 54.53
C CYS D 160 12.01 -15.30 53.90
N HIS D 161 12.72 -14.25 54.31
CA HIS D 161 14.08 -13.97 53.81
C HIS D 161 15.03 -13.45 54.94
N GLY D 162 14.65 -13.75 56.19
CA GLY D 162 15.51 -13.50 57.35
C GLY D 162 15.54 -12.07 57.85
N SER D 163 14.36 -11.45 57.96
CA SER D 163 14.21 -10.11 58.56
C SER D 163 14.17 -10.18 60.09
N HIS D 164 15.11 -9.46 60.74
CA HIS D 164 15.18 -9.37 62.21
C HIS D 164 14.69 -8.00 62.69
N TYR D 165 13.55 -8.00 63.38
CA TYR D 165 13.00 -6.83 64.03
C TYR D 165 13.21 -6.90 65.55
N ASP D 166 13.34 -5.73 66.17
CA ASP D 166 13.34 -5.64 67.64
C ASP D 166 11.92 -5.48 68.22
N ALA D 167 11.83 -5.30 69.55
CA ALA D 167 10.54 -5.14 70.24
C ALA D 167 9.90 -3.74 70.05
N SER D 168 10.63 -2.84 69.39
CA SER D 168 10.06 -1.57 68.87
C SER D 168 9.31 -1.75 67.52
N GLY D 169 9.55 -2.88 66.87
CA GLY D 169 9.13 -3.11 65.49
C GLY D 169 10.10 -2.60 64.42
N ARG D 170 11.31 -2.19 64.87
CA ARG D 170 12.32 -1.61 63.97
C ARG D 170 13.14 -2.70 63.28
N ILE D 171 13.38 -2.51 61.98
CA ILE D 171 14.27 -3.40 61.23
C ILE D 171 15.76 -3.21 61.57
N ARG D 172 16.43 -4.34 61.80
CA ARG D 172 17.81 -4.38 62.28
C ARG D 172 18.73 -5.18 61.35
N LYS D 173 18.24 -6.36 60.92
CA LYS D 173 18.97 -7.28 60.04
C LYS D 173 18.05 -7.85 58.93
N GLY D 174 18.64 -8.19 57.78
CA GLY D 174 17.92 -8.78 56.67
C GLY D 174 17.48 -7.75 55.62
N PRO D 175 16.55 -8.14 54.72
CA PRO D 175 16.29 -7.36 53.49
C PRO D 175 15.34 -6.16 53.62
N ALA D 176 14.41 -6.19 54.59
CA ALA D 176 13.28 -5.24 54.67
C ALA D 176 13.71 -3.75 54.82
N PRO D 177 13.12 -2.84 54.01
CA PRO D 177 13.59 -1.44 53.96
C PRO D 177 13.20 -0.57 55.17
N LEU D 178 12.06 -0.86 55.81
CA LEU D 178 11.40 0.07 56.75
C LEU D 178 10.94 -0.64 58.04
N ASN D 179 10.77 0.16 59.11
CA ASN D 179 10.16 -0.33 60.37
C ASN D 179 8.68 -0.62 60.19
N LEU D 180 8.16 -1.57 60.97
CA LEU D 180 6.77 -2.05 60.85
C LEU D 180 5.75 -0.92 61.01
N GLU D 181 4.66 -1.02 60.25
CA GLU D 181 3.62 0.02 60.17
C GLU D 181 2.97 0.28 61.54
N VAL D 182 3.24 1.48 62.07
CA VAL D 182 2.54 2.01 63.26
C VAL D 182 1.13 2.53 62.81
N PRO D 183 0.04 1.92 63.33
CA PRO D 183 -1.32 2.41 63.05
C PRO D 183 -1.68 3.69 63.82
N SER D 184 -2.72 4.39 63.38
CA SER D 184 -3.44 5.35 64.23
C SER D 184 -4.25 4.61 65.30
N TYR D 185 -4.01 4.98 66.56
CA TYR D 185 -4.71 4.40 67.73
C TYR D 185 -4.88 5.41 68.87
N GLU D 186 -5.83 5.13 69.77
CA GLU D 186 -5.92 5.79 71.10
C GLU D 186 -6.38 4.85 72.23
N PHE D 187 -5.98 5.20 73.46
CA PHE D 187 -6.52 4.59 74.67
C PHE D 187 -7.74 5.37 75.19
N THR D 188 -8.84 4.65 75.41
CA THR D 188 -10.13 5.26 75.82
C THR D 188 -10.13 5.73 77.28
N SER D 189 -9.53 4.92 78.16
CA SER D 189 -8.85 5.42 79.36
C SER D 189 -7.52 4.65 79.59
N ASP D 190 -7.58 3.51 80.30
CA ASP D 190 -6.47 2.55 80.39
C ASP D 190 -6.89 1.06 80.40
N ASP D 191 -8.20 0.80 80.23
CA ASP D 191 -8.76 -0.56 80.10
C ASP D 191 -8.74 -1.13 78.67
N MET D 192 -9.00 -0.26 77.68
CA MET D 192 -9.23 -0.65 76.28
C MET D 192 -8.38 0.18 75.31
N VAL D 193 -8.02 -0.42 74.16
CA VAL D 193 -7.40 0.28 73.04
C VAL D 193 -8.18 0.15 71.71
N ILE D 194 -8.53 1.30 71.12
CA ILE D 194 -9.25 1.37 69.85
C ILE D 194 -8.34 1.87 68.71
N VAL D 195 -8.31 1.08 67.62
CA VAL D 195 -7.27 1.20 66.59
C VAL D 195 -7.90 1.48 65.20
N GLY D 196 -7.62 2.67 64.67
CA GLY D 196 -7.98 3.03 63.31
C GLY D 196 -8.35 4.50 63.13
N SER E 1 -58.37 -18.46 31.77
CA SER E 1 -57.39 -19.21 32.63
C SER E 1 -56.04 -19.47 31.92
N ASP E 2 -56.09 -19.64 30.60
CA ASP E 2 -54.90 -19.56 29.73
C ASP E 2 -54.80 -18.20 29.02
N LEU E 3 -55.95 -17.52 28.91
CA LEU E 3 -56.05 -16.17 28.32
C LEU E 3 -55.19 -15.14 29.07
N GLU E 4 -54.54 -14.27 28.31
CA GLU E 4 -53.56 -13.32 28.85
C GLU E 4 -53.95 -11.85 28.60
N LEU E 5 -53.55 -10.98 29.52
CA LEU E 5 -53.52 -9.52 29.29
C LEU E 5 -52.11 -8.96 29.54
N HIS E 6 -51.66 -8.10 28.62
CA HIS E 6 -50.32 -7.52 28.61
C HIS E 6 -50.35 -6.03 29.02
N PRO E 7 -49.37 -5.60 29.85
CA PRO E 7 -49.34 -4.23 30.41
C PRO E 7 -49.29 -3.08 29.36
N PRO E 8 -49.90 -1.92 29.66
CA PRO E 8 -49.77 -0.73 28.78
C PRO E 8 -48.47 0.05 29.03
N SER E 9 -48.14 0.95 28.11
CA SER E 9 -46.91 1.75 28.18
C SER E 9 -47.09 2.96 29.09
N TYR E 10 -46.67 2.81 30.35
CA TYR E 10 -46.60 3.95 31.28
C TYR E 10 -45.38 4.83 30.98
N PRO E 11 -45.57 6.17 30.92
CA PRO E 11 -44.47 7.08 30.56
C PRO E 11 -43.60 7.39 31.77
N TRP E 12 -42.82 6.38 32.18
CA TRP E 12 -41.75 6.52 33.17
C TRP E 12 -40.78 7.64 32.79
N SER E 13 -40.30 8.37 33.80
CA SER E 13 -39.26 9.38 33.63
C SER E 13 -37.91 8.82 33.08
N HIS E 14 -37.78 7.49 33.13
CA HIS E 14 -36.60 6.76 32.64
C HIS E 14 -36.89 5.84 31.41
N ARG E 15 -38.10 5.94 30.85
CA ARG E 15 -38.51 5.23 29.62
C ARG E 15 -37.77 5.72 28.36
N GLY E 16 -37.47 7.03 28.31
CA GLY E 16 -36.71 7.64 27.22
C GLY E 16 -35.26 7.17 27.10
N LEU E 17 -34.66 7.44 25.94
CA LEU E 17 -33.37 6.83 25.54
C LEU E 17 -32.15 7.35 26.32
N LEU E 18 -32.14 8.65 26.61
CA LEU E 18 -31.02 9.33 27.28
C LEU E 18 -31.44 9.84 28.69
N SER E 19 -32.31 9.05 29.36
CA SER E 19 -33.12 9.54 30.49
C SER E 19 -32.77 8.88 31.82
N SER E 20 -32.35 9.72 32.78
CA SER E 20 -32.11 9.34 34.19
C SER E 20 -33.29 8.62 34.82
N LEU E 21 -32.98 7.72 35.75
CA LEU E 21 -33.89 7.40 36.85
C LEU E 21 -34.11 8.64 37.74
N ASP E 22 -35.35 8.79 38.25
CA ASP E 22 -35.65 9.78 39.27
C ASP E 22 -35.19 9.29 40.64
N HIS E 23 -34.09 9.88 41.12
CA HIS E 23 -33.48 9.51 42.39
C HIS E 23 -34.30 9.94 43.62
N THR E 24 -35.11 11.00 43.46
CA THR E 24 -36.14 11.38 44.44
C THR E 24 -37.24 10.32 44.56
N SER E 25 -37.51 9.64 43.43
CA SER E 25 -38.50 8.55 43.35
C SER E 25 -37.94 7.17 43.74
N ILE E 26 -36.61 6.98 43.60
CA ILE E 26 -35.91 5.78 44.11
C ILE E 26 -35.93 5.77 45.65
N ARG E 27 -35.71 6.95 46.25
CA ARG E 27 -35.77 7.18 47.71
C ARG E 27 -37.10 6.72 48.31
N ARG E 28 -38.20 7.30 47.78
CA ARG E 28 -39.58 6.98 48.22
C ARG E 28 -39.94 5.51 47.99
N GLY E 29 -39.30 4.90 46.98
CA GLY E 29 -39.53 3.51 46.61
C GLY E 29 -38.81 2.49 47.49
N PHE E 30 -37.59 2.84 47.95
CA PHE E 30 -36.93 2.11 49.04
C PHE E 30 -37.77 2.11 50.32
N GLN E 31 -38.38 3.27 50.63
CA GLN E 31 -39.29 3.41 51.76
C GLN E 31 -40.49 2.46 51.68
N VAL E 32 -41.00 2.26 50.45
CA VAL E 32 -42.04 1.23 50.18
C VAL E 32 -41.51 -0.19 50.44
N TYR E 33 -40.25 -0.45 50.05
CA TYR E 33 -39.64 -1.76 50.26
C TYR E 33 -39.44 -2.13 51.74
N LYS E 34 -38.84 -1.21 52.51
CA LYS E 34 -38.52 -1.43 53.93
C LYS E 34 -39.76 -1.68 54.80
N GLN E 35 -40.86 -0.99 54.47
CA GLN E 35 -42.06 -0.95 55.32
C GLN E 35 -43.14 -1.98 54.98
N VAL E 36 -43.29 -2.28 53.67
CA VAL E 36 -44.35 -3.17 53.17
C VAL E 36 -43.79 -4.54 52.71
N CYS E 37 -42.83 -4.51 51.77
CA CYS E 37 -42.42 -5.69 51.00
C CYS E 37 -41.44 -6.60 51.74
N SER E 38 -40.54 -5.98 52.54
CA SER E 38 -39.44 -6.70 53.23
C SER E 38 -39.89 -7.67 54.34
N SER E 39 -41.16 -7.53 54.76
CA SER E 39 -41.88 -8.56 55.57
C SER E 39 -42.04 -9.91 54.86
N CYS E 40 -42.06 -9.87 53.51
CA CYS E 40 -42.34 -11.06 52.70
C CYS E 40 -41.26 -11.36 51.66
N HIS E 41 -40.62 -10.29 51.14
CA HIS E 41 -39.72 -10.37 49.98
C HIS E 41 -38.27 -10.16 50.33
N SER E 42 -37.45 -11.16 49.99
CA SER E 42 -35.98 -11.03 49.97
C SER E 42 -35.47 -10.02 48.93
N MET E 43 -34.37 -9.35 49.27
CA MET E 43 -33.56 -8.58 48.33
C MET E 43 -32.07 -8.81 48.62
N ASP E 44 -31.61 -10.04 48.32
CA ASP E 44 -30.27 -10.53 48.74
C ASP E 44 -29.07 -9.84 48.07
N TYR E 45 -29.31 -9.19 46.91
CA TYR E 45 -28.25 -8.66 46.06
C TYR E 45 -28.10 -7.11 46.13
N VAL E 46 -28.87 -6.48 47.02
CA VAL E 46 -28.69 -5.05 47.36
C VAL E 46 -28.25 -4.88 48.82
N ALA E 47 -27.17 -4.11 49.01
CA ALA E 47 -26.65 -3.70 50.32
C ALA E 47 -26.92 -2.21 50.58
N TYR E 48 -26.75 -1.79 51.86
CA TYR E 48 -27.00 -0.40 52.29
C TYR E 48 -26.07 0.63 51.63
N ARG E 49 -24.80 0.25 51.43
CA ARG E 49 -23.81 1.08 50.70
C ARG E 49 -24.18 1.44 49.24
N HIS E 50 -25.01 0.60 48.59
CA HIS E 50 -25.52 0.87 47.24
C HIS E 50 -26.37 2.15 47.16
N LEU E 51 -27.03 2.50 48.27
CA LEU E 51 -27.87 3.70 48.35
C LEU E 51 -27.09 5.02 48.42
N VAL E 52 -25.80 4.93 48.80
CA VAL E 52 -24.97 6.10 49.20
C VAL E 52 -24.69 7.08 48.02
N GLY E 53 -24.37 6.53 46.86
CA GLY E 53 -24.35 7.29 45.62
C GLY E 53 -25.74 7.82 45.24
N VAL E 54 -26.76 7.00 45.49
CA VAL E 54 -27.93 6.91 44.62
C VAL E 54 -29.06 7.83 45.07
N CYS E 55 -29.47 7.70 46.33
CA CYS E 55 -30.55 8.52 46.91
C CYS E 55 -30.19 9.15 48.27
N TYR E 56 -29.51 8.36 49.13
CA TYR E 56 -29.17 8.77 50.49
C TYR E 56 -27.76 9.40 50.59
N THR E 57 -27.43 9.95 51.77
CA THR E 57 -26.03 10.19 52.14
C THR E 57 -25.42 8.97 52.86
N GLU E 58 -24.08 8.97 52.96
CA GLU E 58 -23.30 8.09 53.84
C GLU E 58 -23.88 7.96 55.26
N ASP E 59 -24.17 9.11 55.89
CA ASP E 59 -24.75 9.17 57.24
C ASP E 59 -26.20 8.68 57.32
N GLU E 60 -27.00 9.02 56.30
CA GLU E 60 -28.41 8.56 56.18
C GLU E 60 -28.51 7.04 56.11
N ALA E 61 -27.64 6.43 55.29
CA ALA E 61 -27.64 4.99 55.03
C ALA E 61 -27.04 4.17 56.19
N LYS E 62 -26.06 4.76 56.89
CA LYS E 62 -25.49 4.18 58.11
C LYS E 62 -26.50 4.12 59.25
N ALA E 63 -27.32 5.18 59.39
CA ALA E 63 -28.41 5.23 60.38
C ALA E 63 -29.56 4.27 60.04
N LEU E 64 -29.78 4.05 58.74
CA LEU E 64 -30.78 3.09 58.25
C LEU E 64 -30.34 1.63 58.44
N ALA E 65 -29.05 1.36 58.22
CA ALA E 65 -28.42 0.07 58.52
C ALA E 65 -28.46 -0.27 60.03
N GLU E 66 -28.32 0.77 60.86
CA GLU E 66 -28.28 0.66 62.33
C GLU E 66 -29.69 0.52 62.98
N GLU E 67 -30.63 -0.07 62.22
CA GLU E 67 -32.03 -0.24 62.65
C GLU E 67 -32.41 -1.72 62.81
N VAL E 68 -31.76 -2.59 62.03
CA VAL E 68 -31.99 -4.04 62.08
C VAL E 68 -30.95 -4.71 62.98
N GLU E 69 -31.29 -5.90 63.50
CA GLU E 69 -30.33 -6.79 64.16
C GLU E 69 -29.84 -7.86 63.17
N VAL E 70 -28.52 -7.88 62.96
CA VAL E 70 -27.86 -8.86 62.08
C VAL E 70 -26.95 -9.77 62.93
N GLN E 71 -27.05 -11.09 62.69
CA GLN E 71 -26.08 -12.07 63.21
C GLN E 71 -24.67 -11.85 62.65
N ASP E 72 -23.67 -11.80 63.54
CA ASP E 72 -22.27 -11.68 63.16
C ASP E 72 -21.42 -12.91 63.53
N GLY E 73 -20.37 -13.13 62.73
CA GLY E 73 -19.46 -14.26 62.89
C GLY E 73 -18.66 -14.24 64.18
N PRO E 74 -18.14 -15.41 64.60
CA PRO E 74 -18.12 -15.80 66.02
C PRO E 74 -17.20 -14.94 66.90
N ASN E 75 -17.66 -14.65 68.13
CA ASN E 75 -16.78 -14.17 69.20
C ASN E 75 -15.74 -15.22 69.61
N GLU E 76 -14.63 -14.75 70.19
CA GLU E 76 -13.48 -15.61 70.57
C GLU E 76 -13.77 -16.61 71.73
N ASP E 77 -15.05 -16.78 72.07
CA ASP E 77 -15.54 -17.90 72.89
C ASP E 77 -16.28 -18.97 72.05
N GLY E 78 -16.86 -18.57 70.92
CA GLY E 78 -17.31 -19.49 69.88
C GLY E 78 -18.81 -19.56 69.69
N GLU E 79 -19.45 -18.39 69.72
CA GLU E 79 -20.92 -18.28 69.74
C GLU E 79 -21.40 -17.11 68.87
N MET E 80 -22.62 -17.25 68.34
CA MET E 80 -23.13 -16.33 67.32
C MET E 80 -23.98 -15.20 67.93
N PHE E 81 -23.38 -14.01 68.04
CA PHE E 81 -24.02 -12.82 68.64
C PHE E 81 -24.79 -11.98 67.60
N MET E 82 -25.42 -10.89 68.07
CA MET E 82 -26.09 -9.91 67.20
C MET E 82 -25.53 -8.48 67.36
N ARG E 83 -25.51 -7.74 66.24
CA ARG E 83 -24.93 -6.39 66.18
C ARG E 83 -25.84 -5.40 65.36
N PRO E 84 -25.73 -4.06 65.62
CA PRO E 84 -26.44 -3.02 64.83
C PRO E 84 -26.31 -3.12 63.29
N GLY E 85 -25.13 -3.53 62.80
CA GLY E 85 -24.95 -3.84 61.38
C GLY E 85 -24.60 -2.64 60.53
N LYS E 86 -23.75 -2.87 59.53
CA LYS E 86 -23.06 -1.81 58.79
C LYS E 86 -23.61 -1.65 57.36
N LEU E 87 -22.99 -0.75 56.57
CA LEU E 87 -23.30 -0.53 55.15
C LEU E 87 -23.02 -1.76 54.25
N SER E 88 -22.07 -2.60 54.69
CA SER E 88 -21.67 -3.85 54.01
C SER E 88 -22.73 -4.97 54.03
N ASP E 89 -23.70 -4.84 54.96
CA ASP E 89 -24.79 -5.81 55.10
C ASP E 89 -25.78 -5.72 53.94
N TYR E 90 -26.07 -6.87 53.33
CA TYR E 90 -27.20 -7.00 52.41
C TYR E 90 -28.54 -6.95 53.15
N PHE E 91 -29.58 -6.51 52.45
CA PHE E 91 -30.90 -6.27 53.03
C PHE E 91 -31.49 -7.53 53.68
N PRO E 92 -32.12 -7.37 54.88
CA PRO E 92 -32.33 -8.51 55.79
C PRO E 92 -33.37 -9.48 55.25
N LYS E 93 -33.10 -10.77 55.42
CA LYS E 93 -33.98 -11.85 54.98
C LYS E 93 -35.08 -12.10 56.03
N PRO E 94 -36.37 -12.01 55.64
CA PRO E 94 -37.42 -12.78 56.30
C PRO E 94 -37.31 -14.25 55.88
N TYR E 95 -37.64 -15.17 56.80
CA TYR E 95 -37.56 -16.64 56.58
C TYR E 95 -36.12 -17.17 56.32
N PRO E 96 -35.62 -18.06 57.20
CA PRO E 96 -34.35 -18.80 56.94
C PRO E 96 -34.36 -19.69 55.69
N ASN E 97 -35.52 -20.28 55.35
CA ASN E 97 -35.66 -21.20 54.19
C ASN E 97 -36.66 -20.66 53.12
N PRO E 98 -36.64 -21.22 51.90
CA PRO E 98 -37.83 -21.21 51.02
C PRO E 98 -39.09 -21.92 51.62
N GLU E 99 -38.87 -22.96 52.43
CA GLU E 99 -39.95 -23.73 53.05
C GLU E 99 -40.68 -22.94 54.14
N ALA E 100 -39.92 -22.14 54.91
CA ALA E 100 -40.46 -21.16 55.85
C ALA E 100 -41.13 -19.95 55.16
N ALA E 101 -40.70 -19.65 53.94
CA ALA E 101 -41.39 -18.69 53.07
C ALA E 101 -42.77 -19.18 52.61
N ARG E 102 -42.82 -20.46 52.21
CA ARG E 102 -44.03 -21.15 51.76
C ARG E 102 -45.05 -21.34 52.90
N ALA E 103 -44.54 -21.56 54.12
CA ALA E 103 -45.36 -21.84 55.31
C ALA E 103 -46.16 -20.64 55.80
N ALA E 104 -45.55 -19.43 55.76
CA ALA E 104 -46.20 -18.20 56.21
C ALA E 104 -47.18 -17.61 55.20
N ASN E 105 -46.88 -17.77 53.90
CA ASN E 105 -47.66 -17.16 52.81
C ASN E 105 -48.66 -18.13 52.11
N ASN E 106 -49.08 -19.16 52.85
CA ASN E 106 -50.10 -20.16 52.44
C ASN E 106 -49.79 -20.96 51.16
N GLY E 107 -48.66 -21.68 51.20
CA GLY E 107 -48.20 -22.51 50.08
C GLY E 107 -47.30 -21.78 49.08
N ALA E 108 -47.63 -20.51 48.81
CA ALA E 108 -46.98 -19.70 47.78
C ALA E 108 -45.63 -19.13 48.24
N LEU E 109 -44.63 -19.20 47.34
CA LEU E 109 -43.31 -18.60 47.56
C LEU E 109 -43.30 -17.17 46.96
N PRO E 110 -43.09 -16.13 47.80
CA PRO E 110 -42.71 -14.80 47.31
C PRO E 110 -41.22 -14.78 46.84
N PRO E 111 -40.97 -14.55 45.52
CA PRO E 111 -39.59 -14.52 44.99
C PRO E 111 -38.83 -13.24 45.36
N ASP E 112 -37.51 -13.24 45.16
CA ASP E 112 -36.64 -12.08 45.39
C ASP E 112 -37.05 -10.87 44.57
N LEU E 113 -36.82 -9.68 45.11
CA LEU E 113 -37.15 -8.43 44.42
C LEU E 113 -35.93 -7.66 43.91
N SER E 114 -34.74 -8.21 44.15
CA SER E 114 -33.47 -7.73 43.58
C SER E 114 -33.45 -7.71 42.04
N TYR E 115 -34.11 -8.69 41.42
CA TYR E 115 -34.08 -8.87 39.97
C TYR E 115 -35.35 -8.45 39.21
N ILE E 116 -36.46 -8.25 39.95
CA ILE E 116 -37.83 -8.53 39.46
C ILE E 116 -38.31 -7.77 38.21
N VAL E 117 -37.77 -6.55 38.00
CA VAL E 117 -38.05 -5.74 36.79
C VAL E 117 -37.44 -6.37 35.51
N ARG E 118 -36.20 -6.85 35.62
CA ARG E 118 -35.53 -7.53 34.52
C ARG E 118 -36.00 -8.99 34.33
N ALA E 119 -36.64 -9.54 35.37
CA ALA E 119 -37.09 -10.96 35.40
C ALA E 119 -38.56 -11.19 34.97
N ARG E 120 -39.30 -10.11 34.71
CA ARG E 120 -40.66 -10.22 34.16
C ARG E 120 -40.82 -9.39 32.90
N HIS E 121 -41.44 -10.01 31.88
CA HIS E 121 -41.81 -9.34 30.63
C HIS E 121 -42.71 -8.12 30.89
N GLY E 122 -42.37 -6.99 30.26
CA GLY E 122 -42.99 -5.70 30.54
C GLY E 122 -42.27 -4.84 31.56
N GLY E 123 -41.49 -5.48 32.45
CA GLY E 123 -40.62 -4.80 33.40
C GLY E 123 -41.40 -4.13 34.53
N GLU E 124 -41.11 -2.84 34.75
CA GLU E 124 -41.85 -2.01 35.74
C GLU E 124 -43.34 -1.84 35.40
N ASP E 125 -43.65 -1.75 34.10
CA ASP E 125 -45.04 -1.67 33.60
C ASP E 125 -45.92 -2.80 34.11
N TYR E 126 -45.39 -4.04 34.09
CA TYR E 126 -46.05 -5.22 34.65
C TYR E 126 -46.24 -5.15 36.17
N VAL E 127 -45.16 -4.83 36.88
CA VAL E 127 -45.18 -4.73 38.35
C VAL E 127 -46.12 -3.59 38.81
N PHE E 128 -46.11 -2.47 38.06
CA PHE E 128 -47.10 -1.38 38.25
C PHE E 128 -48.54 -1.83 38.00
N SER E 129 -48.76 -2.54 36.88
CA SER E 129 -50.08 -3.06 36.53
C SER E 129 -50.58 -4.16 37.48
N LEU E 130 -49.67 -4.98 37.99
CA LEU E 130 -49.99 -5.99 39.02
C LEU E 130 -50.30 -5.36 40.38
N LEU E 131 -49.54 -4.32 40.73
CA LEU E 131 -49.85 -3.53 41.93
C LEU E 131 -51.14 -2.69 41.77
N THR E 132 -51.06 -1.63 40.96
CA THR E 132 -52.14 -0.61 40.84
C THR E 132 -53.46 -1.15 40.26
N GLY E 133 -53.40 -2.31 39.60
CA GLY E 133 -54.55 -2.88 38.90
C GLY E 133 -55.21 -4.08 39.56
N TYR E 134 -55.10 -4.16 40.89
CA TYR E 134 -55.81 -5.17 41.70
C TYR E 134 -57.31 -4.99 41.62
N CYS E 135 -58.02 -6.08 41.27
CA CYS E 135 -59.46 -6.03 40.98
C CYS E 135 -60.27 -7.26 41.41
N GLU E 136 -61.60 -7.10 41.32
CA GLU E 136 -62.62 -8.06 41.75
C GLU E 136 -62.84 -9.16 40.67
N PRO E 137 -63.17 -10.42 41.09
CA PRO E 137 -63.44 -11.52 40.14
C PRO E 137 -64.64 -11.25 39.19
N PRO E 138 -64.65 -11.84 37.98
CA PRO E 138 -65.87 -11.90 37.16
C PRO E 138 -66.75 -13.12 37.50
N THR E 139 -68.01 -13.09 37.04
CA THR E 139 -68.98 -14.16 37.30
C THR E 139 -68.66 -15.41 36.49
N GLY E 140 -68.71 -16.57 37.16
CA GLY E 140 -68.31 -17.85 36.58
C GLY E 140 -67.16 -18.55 37.27
N VAL E 141 -66.20 -17.77 37.80
CA VAL E 141 -65.03 -18.32 38.49
C VAL E 141 -64.93 -17.87 39.96
N SER E 142 -64.62 -18.84 40.83
CA SER E 142 -64.30 -18.59 42.24
C SER E 142 -62.89 -19.08 42.62
N LEU E 143 -62.30 -18.40 43.61
CA LEU E 143 -60.98 -18.78 44.15
C LEU E 143 -61.10 -19.56 45.47
N ARG E 144 -60.19 -20.52 45.66
CA ARG E 144 -59.90 -21.09 46.99
C ARG E 144 -59.08 -20.09 47.83
N GLU E 145 -59.78 -19.26 48.61
CA GLU E 145 -59.34 -17.87 48.89
C GLU E 145 -58.25 -17.70 49.99
N GLY E 146 -57.27 -18.61 49.98
CA GLY E 146 -55.88 -18.26 50.22
C GLY E 146 -55.27 -17.49 49.06
N LEU E 147 -55.79 -17.73 47.84
CA LEU E 147 -55.41 -17.00 46.62
C LEU E 147 -56.44 -15.93 46.25
N TYR E 148 -55.96 -14.85 45.62
CA TYR E 148 -56.74 -13.63 45.33
C TYR E 148 -56.81 -13.41 43.81
N PHE E 149 -57.68 -12.48 43.38
CA PHE E 149 -57.80 -12.12 41.96
C PHE E 149 -56.85 -10.98 41.55
N ASN E 150 -56.01 -11.26 40.55
CA ASN E 150 -55.38 -10.23 39.71
C ASN E 150 -55.41 -10.60 38.22
N PRO E 151 -55.95 -9.71 37.38
CA PRO E 151 -56.02 -9.96 35.92
C PRO E 151 -54.64 -10.03 35.22
N TYR E 152 -53.67 -9.27 35.73
CA TYR E 152 -52.36 -9.16 35.12
C TYR E 152 -51.45 -10.37 35.36
N PHE E 153 -51.66 -11.04 36.50
CA PHE E 153 -51.05 -12.35 36.80
C PHE E 153 -51.50 -13.41 35.79
N PRO E 154 -50.57 -14.25 35.31
CA PRO E 154 -50.92 -15.42 34.49
C PRO E 154 -51.78 -16.44 35.24
N GLY E 155 -52.88 -16.85 34.62
CA GLY E 155 -53.86 -17.74 35.23
C GLY E 155 -54.87 -17.06 36.14
N GLN E 156 -54.62 -15.78 36.45
CA GLN E 156 -55.55 -14.85 37.17
C GLN E 156 -55.67 -15.00 38.70
N ALA E 157 -55.22 -16.15 39.24
CA ALA E 157 -55.22 -16.43 40.68
C ALA E 157 -53.81 -16.32 41.32
N ILE E 158 -53.58 -15.22 42.04
CA ILE E 158 -52.31 -14.89 42.70
C ILE E 158 -52.37 -15.12 44.23
N GLY E 159 -51.29 -15.69 44.80
CA GLY E 159 -51.17 -15.89 46.25
C GLY E 159 -50.97 -14.63 47.10
N MET E 160 -50.68 -13.51 46.43
CA MET E 160 -50.36 -12.23 47.09
C MET E 160 -51.62 -11.45 47.41
N ALA E 161 -51.79 -11.10 48.69
CA ALA E 161 -52.84 -10.16 49.15
C ALA E 161 -52.49 -8.73 48.72
N PRO E 162 -53.50 -7.91 48.30
CA PRO E 162 -53.24 -6.67 47.55
C PRO E 162 -52.56 -5.57 48.41
N PRO E 163 -51.22 -5.49 48.35
CA PRO E 163 -50.43 -4.99 49.50
C PRO E 163 -50.29 -3.45 49.54
N ILE E 164 -50.96 -2.78 48.60
CA ILE E 164 -50.84 -1.34 48.39
C ILE E 164 -52.22 -0.69 48.35
N TYR E 165 -52.34 0.42 49.06
CA TYR E 165 -53.59 1.20 49.18
C TYR E 165 -53.22 2.65 49.50
N ASN E 166 -54.23 3.50 49.67
CA ASN E 166 -54.02 4.89 50.04
C ASN E 166 -53.44 5.01 51.47
N GLU E 167 -52.24 5.60 51.56
CA GLU E 167 -51.56 5.98 52.83
C GLU E 167 -51.04 4.81 53.70
N VAL E 168 -50.46 3.79 53.05
CA VAL E 168 -49.53 2.85 53.72
C VAL E 168 -48.21 3.55 54.00
N LEU E 169 -48.08 4.08 55.21
CA LEU E 169 -46.98 4.96 55.65
C LEU E 169 -46.79 6.28 54.85
N GLU E 170 -46.02 7.20 55.46
CA GLU E 170 -45.81 8.55 54.93
C GLU E 170 -44.45 8.66 54.21
N PHE E 171 -44.36 9.62 53.29
CA PHE E 171 -43.10 9.93 52.61
C PHE E 171 -42.36 11.10 53.31
N ASP E 172 -41.03 10.94 53.43
CA ASP E 172 -40.19 11.78 54.31
C ASP E 172 -40.14 13.27 53.93
N ASP E 173 -40.21 13.55 52.62
CA ASP E 173 -40.16 14.92 52.06
C ASP E 173 -41.48 15.68 52.23
N GLY E 174 -42.56 14.94 52.51
CA GLY E 174 -43.91 15.41 52.27
C GLY E 174 -44.29 15.09 50.85
N THR E 175 -44.92 13.94 50.66
CA THR E 175 -45.58 13.57 49.40
C THR E 175 -46.87 12.78 49.73
N PRO E 176 -48.01 13.14 49.09
CA PRO E 176 -49.25 12.35 49.20
C PRO E 176 -49.04 10.88 48.81
N ALA E 177 -49.28 9.99 49.78
CA ALA E 177 -49.04 8.55 49.61
C ALA E 177 -50.30 7.79 49.13
N THR E 178 -50.95 8.34 48.08
CA THR E 178 -51.85 7.61 47.17
C THR E 178 -51.22 6.33 46.62
N MET E 179 -52.06 5.29 46.44
CA MET E 179 -51.63 3.95 45.94
C MET E 179 -50.88 4.01 44.60
N SER E 180 -51.36 4.86 43.69
CA SER E 180 -50.72 5.17 42.40
C SER E 180 -49.27 5.65 42.53
N GLN E 181 -49.04 6.56 43.48
CA GLN E 181 -47.69 7.09 43.75
C GLN E 181 -46.82 6.14 44.55
N VAL E 182 -47.44 5.38 45.47
CA VAL E 182 -46.77 4.28 46.19
C VAL E 182 -46.29 3.18 45.20
N ALA E 183 -47.12 2.86 44.20
CA ALA E 183 -46.76 1.92 43.12
C ALA E 183 -45.72 2.48 42.13
N LYS E 184 -45.85 3.78 41.79
CA LYS E 184 -44.90 4.49 40.89
C LYS E 184 -43.48 4.50 41.44
N ASP E 185 -43.35 4.87 42.72
CA ASP E 185 -42.05 5.03 43.37
C ASP E 185 -41.33 3.69 43.58
N VAL E 186 -42.07 2.67 44.01
CA VAL E 186 -41.52 1.30 44.21
C VAL E 186 -40.98 0.66 42.91
N CYS E 187 -41.72 0.87 41.82
CA CYS E 187 -41.33 0.38 40.50
C CYS E 187 -40.13 1.15 39.94
N THR E 188 -40.04 2.45 40.30
CA THR E 188 -38.87 3.29 39.99
C THR E 188 -37.63 2.85 40.77
N PHE E 189 -37.83 2.41 42.01
CA PHE E 189 -36.78 1.83 42.84
C PHE E 189 -36.38 0.41 42.39
N LEU E 190 -37.36 -0.41 42.03
CA LEU E 190 -37.10 -1.79 41.60
C LEU E 190 -36.37 -1.90 40.24
N ARG E 191 -36.55 -0.87 39.39
CA ARG E 191 -35.73 -0.68 38.18
C ARG E 191 -34.26 -0.46 38.54
N TRP E 192 -34.01 0.45 39.50
CA TRP E 192 -32.66 0.68 40.03
C TRP E 192 -32.10 -0.57 40.71
N ALA E 193 -32.95 -1.28 41.46
CA ALA E 193 -32.58 -2.54 42.12
C ALA E 193 -32.15 -3.63 41.11
N ALA E 194 -32.86 -3.74 39.99
CA ALA E 194 -32.52 -4.69 38.91
C ALA E 194 -31.28 -4.28 38.12
N GLU E 195 -31.03 -2.97 38.04
CA GLU E 195 -30.11 -2.37 37.10
C GLU E 195 -29.56 -1.02 37.64
N PRO E 196 -28.56 -1.07 38.55
CA PRO E 196 -27.96 0.16 39.13
C PRO E 196 -27.06 0.92 38.14
N GLU E 197 -26.63 0.23 37.08
CA GLU E 197 -25.84 0.78 36.00
C GLU E 197 -26.62 1.73 35.06
N HIS E 198 -27.96 1.70 35.17
CA HIS E 198 -28.93 2.35 34.25
C HIS E 198 -28.54 3.76 33.77
N ASP E 199 -28.19 4.63 34.72
CA ASP E 199 -27.84 6.03 34.43
C ASP E 199 -26.46 6.19 33.81
N HIS E 200 -25.53 5.32 34.20
CA HIS E 200 -24.17 5.30 33.66
C HIS E 200 -24.14 4.83 32.18
N ARG E 201 -24.86 3.74 31.87
CA ARG E 201 -24.98 3.24 30.48
C ARG E 201 -25.59 4.21 29.48
N LYS E 202 -26.56 5.00 29.94
CA LYS E 202 -27.17 6.05 29.12
C LYS E 202 -26.27 7.29 28.93
N ARG E 203 -25.46 7.60 29.95
CA ARG E 203 -24.40 8.62 29.82
C ARG E 203 -23.33 8.23 28.79
N MET E 204 -22.86 6.98 28.87
CA MET E 204 -21.87 6.45 27.92
C MET E 204 -22.45 6.30 26.52
N GLY E 205 -23.74 5.96 26.45
CA GLY E 205 -24.52 5.91 25.22
C GLY E 205 -24.55 7.21 24.41
N LEU E 206 -24.84 8.34 25.09
CA LEU E 206 -24.77 9.68 24.48
C LEU E 206 -23.36 10.02 23.97
N LYS E 207 -22.35 9.64 24.74
CA LYS E 207 -20.95 9.77 24.34
C LYS E 207 -20.63 8.88 23.10
N MET E 208 -21.08 7.61 23.15
CA MET E 208 -21.01 6.67 22.04
C MET E 208 -21.64 7.20 20.75
N LEU E 209 -22.88 7.69 20.83
CA LEU E 209 -23.59 8.29 19.69
C LEU E 209 -22.89 9.53 19.10
N LEU E 210 -22.44 10.44 19.98
CA LEU E 210 -21.73 11.67 19.55
C LEU E 210 -20.35 11.38 18.94
N MET E 211 -19.61 10.45 19.57
CA MET E 211 -18.31 9.99 19.05
C MET E 211 -18.46 9.33 17.70
N MET E 212 -19.46 8.45 17.57
CA MET E 212 -19.75 7.74 16.33
C MET E 212 -20.22 8.69 15.22
N GLY E 213 -20.92 9.77 15.60
CA GLY E 213 -21.28 10.85 14.70
C GLY E 213 -20.11 11.68 14.16
N LEU E 214 -18.99 11.67 14.90
CA LEU E 214 -17.70 12.15 14.38
C LEU E 214 -16.95 11.07 13.58
N LEU E 215 -16.74 9.90 14.19
CA LEU E 215 -15.85 8.86 13.66
C LEU E 215 -16.36 8.14 12.40
N LEU E 216 -17.68 7.89 12.32
CA LEU E 216 -18.26 7.25 11.15
C LEU E 216 -18.10 8.03 9.83
N PRO E 217 -18.39 9.36 9.78
CA PRO E 217 -18.07 10.14 8.57
C PRO E 217 -16.57 10.37 8.33
N LEU E 218 -15.78 10.46 9.39
CA LEU E 218 -14.32 10.62 9.28
C LEU E 218 -13.58 9.39 8.71
N VAL E 219 -13.85 8.20 9.28
CA VAL E 219 -13.28 6.91 8.76
C VAL E 219 -13.80 6.62 7.33
N TYR E 220 -15.05 6.98 7.06
CA TYR E 220 -15.64 6.95 5.72
C TYR E 220 -14.86 7.77 4.71
N ALA E 221 -14.47 9.00 5.10
CA ALA E 221 -13.67 9.89 4.26
C ALA E 221 -12.25 9.32 4.05
N MET E 222 -11.64 8.81 5.13
CA MET E 222 -10.36 8.07 5.09
C MET E 222 -10.38 6.89 4.10
N LYS E 223 -11.45 6.09 4.16
CA LYS E 223 -11.61 4.95 3.25
C LYS E 223 -11.90 5.38 1.81
N ARG E 224 -12.77 6.38 1.63
CA ARG E 224 -13.03 6.97 0.32
C ARG E 224 -11.78 7.59 -0.32
N HIS E 225 -11.00 8.34 0.48
CA HIS E 225 -9.71 8.97 0.06
C HIS E 225 -8.73 7.98 -0.56
N LYS E 226 -8.58 6.82 0.09
CA LYS E 226 -7.74 5.76 -0.44
C LYS E 226 -8.37 5.04 -1.67
N TRP E 227 -9.68 4.82 -1.62
CA TRP E 227 -10.38 4.17 -2.73
C TRP E 227 -10.59 5.06 -3.98
N SER E 228 -10.38 6.38 -3.81
CA SER E 228 -10.26 7.39 -4.90
C SER E 228 -9.53 6.94 -6.17
N VAL E 229 -8.34 6.35 -5.97
CA VAL E 229 -7.41 5.93 -7.05
C VAL E 229 -8.04 4.87 -7.92
N LEU E 230 -8.77 3.94 -7.30
CA LEU E 230 -9.52 2.91 -8.01
C LEU E 230 -10.87 3.39 -8.57
N LYS E 231 -11.63 4.13 -7.76
CA LYS E 231 -13.01 4.50 -8.13
C LYS E 231 -13.11 5.46 -9.33
N SER E 232 -12.05 6.25 -9.54
CA SER E 232 -11.98 7.17 -10.69
C SER E 232 -11.08 6.71 -11.86
N ARG E 233 -10.46 5.52 -11.72
CA ARG E 233 -9.58 4.97 -12.73
C ARG E 233 -10.24 4.77 -14.08
N LYS E 234 -9.47 4.99 -15.12
CA LYS E 234 -9.95 4.79 -16.48
C LYS E 234 -9.13 3.72 -17.21
N LEU E 235 -9.85 2.79 -17.83
CA LEU E 235 -9.26 1.73 -18.65
C LEU E 235 -9.38 2.04 -20.13
N ALA E 236 -8.30 1.73 -20.85
CA ALA E 236 -8.32 1.62 -22.31
C ALA E 236 -7.73 0.29 -22.74
N TYR E 237 -8.33 -0.29 -23.77
CA TYR E 237 -7.84 -1.52 -24.40
C TYR E 237 -7.30 -1.17 -25.75
N ARG E 238 -6.01 -1.47 -25.94
CA ARG E 238 -5.33 -1.12 -27.19
C ARG E 238 -4.61 -2.30 -27.89
N PRO E 239 -5.40 -3.26 -28.46
CA PRO E 239 -4.82 -4.46 -29.12
C PRO E 239 -4.14 -4.13 -30.48
N PRO E 240 -3.16 -4.94 -30.94
CA PRO E 240 -2.44 -4.64 -32.20
C PRO E 240 -3.29 -4.79 -33.46
N LYS E 241 -2.80 -4.18 -34.55
CA LYS E 241 -3.30 -4.31 -35.94
C LYS E 241 -4.79 -3.95 -36.17
N GLY F 1 -0.77 -18.54 -1.33
CA GLY F 1 0.55 -18.71 -2.01
C GLY F 1 0.67 -17.96 -3.34
N ARG F 2 -0.26 -17.03 -3.60
CA ARG F 2 -0.35 -16.26 -4.86
C ARG F 2 0.27 -14.88 -4.69
N GLN F 3 1.10 -14.46 -5.65
CA GLN F 3 1.85 -13.18 -5.57
C GLN F 3 1.68 -12.38 -6.83
N PHE F 4 1.65 -11.05 -6.69
CA PHE F 4 1.75 -10.13 -7.83
C PHE F 4 3.00 -10.39 -8.65
N GLY F 5 2.86 -10.40 -9.97
CA GLY F 5 3.91 -10.84 -10.89
C GLY F 5 3.81 -12.32 -11.28
N HIS F 6 2.93 -13.08 -10.60
CA HIS F 6 2.71 -14.52 -10.88
C HIS F 6 1.26 -14.92 -11.09
N LEU F 7 0.34 -13.95 -11.11
CA LEU F 7 -1.10 -14.24 -11.09
C LEU F 7 -1.62 -14.78 -12.40
N THR F 8 -1.63 -13.93 -13.43
CA THR F 8 -2.11 -14.28 -14.79
C THR F 8 -1.42 -13.43 -15.90
N ARG F 9 -1.77 -13.69 -17.16
CA ARG F 9 -1.25 -13.00 -18.33
C ARG F 9 -2.28 -11.97 -18.86
N VAL F 10 -1.84 -10.71 -18.99
CA VAL F 10 -2.65 -9.62 -19.51
C VAL F 10 -1.80 -8.82 -20.49
N ARG F 11 -2.38 -8.51 -21.65
CA ARG F 11 -1.74 -7.73 -22.71
C ARG F 11 -2.67 -6.64 -23.20
N HIS F 12 -2.11 -5.46 -23.50
CA HIS F 12 -2.75 -4.38 -24.29
C HIS F 12 -3.81 -3.54 -23.54
N VAL F 13 -3.63 -3.41 -22.22
CA VAL F 13 -4.59 -2.73 -21.34
C VAL F 13 -3.90 -1.59 -20.59
N ILE F 14 -4.36 -0.36 -20.86
CA ILE F 14 -3.84 0.86 -20.22
C ILE F 14 -4.78 1.30 -19.09
N THR F 15 -4.19 1.57 -17.91
CA THR F 15 -4.92 2.09 -16.74
C THR F 15 -4.40 3.49 -16.36
N TYR F 16 -5.32 4.46 -16.43
CA TYR F 16 -5.07 5.81 -15.96
C TYR F 16 -5.61 5.96 -14.54
N SER F 17 -4.74 6.41 -13.62
CA SER F 17 -5.12 6.64 -12.22
C SER F 17 -4.72 8.02 -11.80
N LEU F 18 -5.47 8.58 -10.85
CA LEU F 18 -5.12 9.83 -10.19
C LEU F 18 -4.77 9.62 -8.72
N SER F 19 -3.83 10.44 -8.23
CA SER F 19 -3.51 10.55 -6.80
C SER F 19 -4.76 10.89 -5.96
N PRO F 20 -4.85 10.32 -4.72
CA PRO F 20 -5.93 10.66 -3.76
C PRO F 20 -5.98 12.13 -3.39
N PHE F 21 -4.84 12.81 -3.50
CA PHE F 21 -4.69 14.20 -3.08
C PHE F 21 -5.02 15.16 -4.24
N GLU F 22 -5.24 14.58 -5.43
CA GLU F 22 -5.64 15.33 -6.64
C GLU F 22 -7.17 15.39 -6.82
N GLN F 23 -7.87 14.52 -6.09
CA GLN F 23 -9.27 14.21 -6.36
C GLN F 23 -10.17 14.17 -5.08
N ARG F 24 -11.49 14.33 -5.29
CA ARG F 24 -12.45 14.33 -4.18
C ARG F 24 -12.84 12.94 -3.77
N ALA F 25 -12.96 12.75 -2.45
CA ALA F 25 -13.47 11.50 -1.86
C ALA F 25 -14.97 11.27 -2.13
N PHE F 26 -15.73 12.38 -2.22
CA PHE F 26 -17.17 12.34 -2.50
C PHE F 26 -17.47 13.19 -3.76
N PRO F 27 -17.13 12.64 -4.96
CA PRO F 27 -16.98 13.44 -6.19
C PRO F 27 -18.27 14.17 -6.59
N HIS F 28 -19.37 13.41 -6.75
CA HIS F 28 -20.70 13.99 -6.96
C HIS F 28 -21.71 13.12 -6.18
N TYR F 29 -21.66 13.27 -4.84
CA TYR F 29 -22.08 12.23 -3.90
C TYR F 29 -23.59 11.96 -3.89
N PHE F 30 -24.39 13.04 -3.90
CA PHE F 30 -25.86 12.93 -3.96
C PHE F 30 -26.41 12.96 -5.39
N SER F 31 -25.82 13.83 -6.23
CA SER F 31 -26.24 14.03 -7.63
C SER F 31 -26.20 12.74 -8.48
N LYS F 32 -25.15 11.93 -8.29
CA LYS F 32 -25.00 10.64 -8.96
C LYS F 32 -25.34 9.44 -8.07
N GLY F 33 -25.19 9.63 -6.75
CA GLY F 33 -25.38 8.56 -5.77
C GLY F 33 -26.81 8.06 -5.65
N ILE F 34 -27.75 8.98 -5.36
CA ILE F 34 -29.20 8.67 -5.34
C ILE F 34 -29.72 7.94 -6.62
N PRO F 35 -29.52 8.50 -7.85
CA PRO F 35 -29.93 7.79 -9.10
C PRO F 35 -29.46 6.34 -9.18
N ASN F 36 -28.26 6.07 -8.65
CA ASN F 36 -27.67 4.73 -8.63
C ASN F 36 -28.40 3.75 -7.72
N VAL F 37 -28.61 4.15 -6.45
CA VAL F 37 -29.32 3.29 -5.44
C VAL F 37 -30.72 2.88 -5.88
N LEU F 38 -31.47 3.83 -6.43
CA LEU F 38 -32.77 3.58 -7.06
C LEU F 38 -32.67 2.54 -8.22
N ARG F 39 -31.66 2.72 -9.07
CA ARG F 39 -31.37 1.78 -10.19
C ARG F 39 -31.02 0.36 -9.68
N ARG F 40 -30.20 0.30 -8.61
CA ARG F 40 -29.82 -0.97 -7.96
C ARG F 40 -31.04 -1.65 -7.30
N THR F 41 -31.91 -0.83 -6.70
CA THR F 41 -33.16 -1.28 -6.04
C THR F 41 -34.14 -1.91 -7.06
N ARG F 42 -34.46 -1.15 -8.13
CA ARG F 42 -35.27 -1.59 -9.29
C ARG F 42 -34.81 -2.94 -9.87
N ALA F 43 -33.48 -3.06 -10.03
CA ALA F 43 -32.79 -4.26 -10.52
C ALA F 43 -33.07 -5.53 -9.69
N CYS F 44 -33.23 -5.36 -8.37
CA CYS F 44 -33.28 -6.51 -7.45
C CYS F 44 -34.60 -6.72 -6.67
N ILE F 45 -35.48 -5.70 -6.60
CA ILE F 45 -36.75 -5.77 -5.82
C ILE F 45 -37.62 -6.98 -6.09
N LEU F 46 -37.74 -7.38 -7.36
CA LEU F 46 -38.55 -8.52 -7.76
C LEU F 46 -37.97 -9.87 -7.34
N ARG F 47 -36.66 -9.87 -7.07
CA ARG F 47 -35.94 -11.06 -6.60
C ARG F 47 -35.90 -11.16 -5.09
N VAL F 48 -35.75 -10.01 -4.41
CA VAL F 48 -35.57 -9.97 -2.93
C VAL F 48 -36.92 -9.85 -2.17
N ALA F 49 -37.78 -8.90 -2.57
CA ALA F 49 -39.02 -8.56 -1.81
C ALA F 49 -40.15 -9.65 -1.72
N PRO F 50 -40.57 -10.29 -2.85
CA PRO F 50 -41.72 -11.23 -2.81
C PRO F 50 -41.68 -12.43 -1.82
N PRO F 51 -40.53 -13.04 -1.48
CA PRO F 51 -40.49 -13.99 -0.34
C PRO F 51 -40.78 -13.35 1.01
N PHE F 52 -40.35 -12.09 1.22
CA PHE F 52 -40.52 -11.39 2.51
C PHE F 52 -41.94 -10.85 2.77
N VAL F 53 -42.61 -10.35 1.71
CA VAL F 53 -44.07 -10.18 1.76
C VAL F 53 -44.82 -11.49 1.96
N ALA F 54 -44.38 -12.56 1.29
CA ALA F 54 -44.89 -13.92 1.56
C ALA F 54 -44.68 -14.39 3.01
N PHE F 55 -43.54 -14.02 3.63
CA PHE F 55 -43.37 -14.14 5.10
C PHE F 55 -44.39 -13.26 5.85
N TYR F 56 -44.47 -11.99 5.45
CA TYR F 56 -45.36 -10.99 6.09
C TYR F 56 -46.86 -11.41 6.12
N LEU F 57 -47.35 -11.94 5.00
CA LEU F 57 -48.74 -12.42 4.90
C LEU F 57 -49.03 -13.62 5.80
N VAL F 58 -48.09 -14.59 5.82
CA VAL F 58 -48.19 -15.79 6.68
C VAL F 58 -48.02 -15.41 8.19
N TYR F 59 -47.18 -14.39 8.45
CA TYR F 59 -47.06 -13.79 9.80
C TYR F 59 -48.38 -13.17 10.28
N THR F 60 -48.95 -12.28 9.46
CA THR F 60 -50.14 -11.50 9.80
C THR F 60 -51.33 -12.42 9.99
N TRP F 61 -51.51 -13.36 9.04
CA TRP F 61 -52.57 -14.38 9.11
C TRP F 61 -52.42 -15.33 10.31
N GLY F 62 -51.19 -15.78 10.57
CA GLY F 62 -50.88 -16.77 11.60
C GLY F 62 -51.11 -16.27 13.01
N THR F 63 -50.65 -15.04 13.29
CA THR F 63 -50.90 -14.32 14.54
C THR F 63 -52.41 -14.09 14.78
N GLN F 64 -53.11 -13.66 13.71
CA GLN F 64 -54.57 -13.41 13.72
C GLN F 64 -55.37 -14.68 14.02
N GLU F 65 -55.01 -15.76 13.31
CA GLU F 65 -55.66 -17.08 13.41
C GLU F 65 -55.49 -17.72 14.80
N PHE F 66 -54.27 -17.62 15.35
CA PHE F 66 -53.96 -18.07 16.72
C PHE F 66 -54.75 -17.31 17.79
N GLU F 67 -54.84 -15.98 17.64
CA GLU F 67 -55.63 -15.08 18.51
C GLU F 67 -57.12 -15.45 18.55
N LYS F 68 -57.72 -15.62 17.36
CA LYS F 68 -59.15 -15.93 17.19
C LYS F 68 -59.51 -17.32 17.73
N SER F 69 -58.57 -18.28 17.59
CA SER F 69 -58.79 -19.69 17.96
C SER F 69 -58.94 -19.95 19.47
N LYS F 70 -58.30 -19.09 20.28
CA LYS F 70 -58.42 -19.15 21.74
C LYS F 70 -59.50 -18.17 22.28
N ARG F 71 -60.54 -17.97 21.47
CA ARG F 71 -61.84 -17.42 21.89
C ARG F 71 -62.93 -18.43 21.57
N LYS F 72 -63.96 -18.49 22.42
CA LYS F 72 -65.18 -19.25 22.15
C LYS F 72 -66.31 -18.33 21.63
N ASN F 73 -67.47 -18.95 21.28
CA ASN F 73 -68.79 -18.26 21.30
C ASN F 73 -70.06 -19.06 21.80
N PRO F 74 -70.58 -20.07 21.03
CA PRO F 74 -71.85 -20.73 21.40
C PRO F 74 -71.68 -22.13 22.06
N ALA F 75 -71.63 -22.16 23.40
CA ALA F 75 -71.31 -23.38 24.19
C ALA F 75 -71.87 -23.30 25.62
N MET G 1 47.70 9.35 -39.13
CA MET G 1 46.23 8.99 -39.03
C MET G 1 46.07 7.52 -38.57
N LEU G 2 46.84 7.16 -37.55
CA LEU G 2 47.06 5.75 -37.21
C LEU G 2 46.21 5.43 -36.00
N SER G 3 45.07 4.79 -36.28
CA SER G 3 43.99 4.43 -35.31
C SER G 3 42.88 3.74 -36.11
N VAL G 4 42.49 2.54 -35.68
CA VAL G 4 41.53 1.70 -36.43
C VAL G 4 40.08 2.25 -36.39
N ALA G 5 39.65 2.70 -35.20
CA ALA G 5 38.32 3.29 -34.99
C ALA G 5 38.17 4.73 -35.55
N ALA G 6 39.26 5.49 -35.56
CA ALA G 6 39.31 6.79 -36.24
C ALA G 6 39.34 6.68 -37.78
N ARG G 7 39.87 5.55 -38.28
CA ARG G 7 39.71 5.14 -39.69
C ARG G 7 38.26 4.75 -40.06
N SER G 8 37.50 4.34 -39.02
CA SER G 8 36.02 4.26 -39.02
C SER G 8 35.43 3.14 -39.88
N GLY G 9 35.12 2.03 -39.22
CA GLY G 9 34.90 0.76 -39.89
C GLY G 9 35.06 -0.42 -38.93
N PRO G 10 36.30 -0.76 -38.52
CA PRO G 10 36.55 -1.93 -37.64
C PRO G 10 36.04 -1.73 -36.24
N PHE G 11 35.99 -2.81 -35.47
CA PHE G 11 35.22 -2.83 -34.24
C PHE G 11 36.08 -2.57 -33.00
N ALA G 12 35.55 -1.70 -32.13
CA ALA G 12 36.14 -1.40 -30.81
C ALA G 12 35.11 -1.65 -29.68
N PRO G 13 35.46 -2.44 -28.65
CA PRO G 13 34.69 -2.48 -27.41
C PRO G 13 35.33 -1.81 -26.20
N VAL G 14 34.48 -1.13 -25.44
CA VAL G 14 34.86 -0.38 -24.26
C VAL G 14 34.12 -1.02 -23.08
N LEU G 15 34.86 -1.32 -22.03
CA LEU G 15 34.31 -1.52 -20.69
C LEU G 15 34.66 -0.36 -19.78
N SER G 16 33.86 -0.14 -18.73
CA SER G 16 34.25 0.78 -17.63
C SER G 16 33.82 0.33 -16.24
N ALA G 17 34.42 0.97 -15.19
CA ALA G 17 33.82 1.05 -13.84
C ALA G 17 32.37 1.68 -13.80
N THR G 18 32.21 2.94 -14.25
CA THR G 18 30.96 3.74 -14.00
C THR G 18 30.03 3.93 -15.21
N SER G 19 30.48 3.54 -16.40
CA SER G 19 29.83 3.90 -17.67
C SER G 19 29.52 2.66 -18.49
N ARG G 20 28.44 2.75 -19.27
CA ARG G 20 27.92 1.65 -20.08
C ARG G 20 28.95 1.15 -21.14
N GLY G 21 28.94 -0.16 -21.40
CA GLY G 21 29.70 -0.78 -22.49
C GLY G 21 29.38 -0.21 -23.87
N VAL G 22 30.42 -0.03 -24.69
CA VAL G 22 30.28 0.41 -26.09
C VAL G 22 30.79 -0.71 -27.05
N ALA G 23 30.20 -0.72 -28.27
CA ALA G 23 30.74 -1.46 -29.42
C ALA G 23 30.89 -0.54 -30.67
N GLY G 24 31.96 -0.78 -31.43
CA GLY G 24 31.98 -0.66 -32.89
C GLY G 24 32.07 0.72 -33.50
N ALA G 25 32.15 0.74 -34.85
CA ALA G 25 32.43 1.97 -35.62
C ALA G 25 31.57 2.17 -36.93
N LEU G 26 32.17 2.02 -38.12
CA LEU G 26 31.53 2.52 -39.36
C LEU G 26 31.28 1.53 -40.55
N ARG G 27 30.83 0.35 -40.18
CA ARG G 27 29.51 -0.20 -40.57
C ARG G 27 28.35 0.90 -40.60
N PRO G 28 27.44 0.81 -41.59
CA PRO G 28 26.26 1.70 -41.63
C PRO G 28 25.12 1.30 -40.66
N LEU G 29 24.56 2.31 -39.98
CA LEU G 29 23.16 2.31 -39.49
C LEU G 29 22.73 3.75 -39.03
N VAL G 30 23.31 4.76 -39.69
CA VAL G 30 22.86 6.16 -39.50
C VAL G 30 22.08 6.69 -40.75
N GLN G 31 22.48 6.23 -41.94
CA GLN G 31 21.66 6.39 -43.18
C GLN G 31 20.76 5.15 -43.46
N ALA G 32 20.50 4.37 -42.40
CA ALA G 32 19.73 3.11 -42.47
C ALA G 32 18.45 3.13 -41.64
N ALA G 33 18.45 3.95 -40.59
CA ALA G 33 17.23 4.35 -39.87
C ALA G 33 16.50 5.55 -40.54
N VAL G 34 17.02 5.97 -41.69
CA VAL G 34 16.56 7.16 -42.42
C VAL G 34 15.55 6.83 -43.59
N PRO G 35 15.78 5.74 -44.36
CA PRO G 35 14.66 4.90 -44.84
C PRO G 35 14.33 3.78 -43.85
N ALA G 36 13.07 3.72 -43.46
CA ALA G 36 12.69 3.38 -42.09
C ALA G 36 12.22 1.90 -41.89
N THR G 37 11.53 1.64 -40.77
CA THR G 37 11.32 0.29 -40.17
C THR G 37 12.61 -0.53 -39.93
N SER G 38 13.63 0.15 -39.40
CA SER G 38 14.55 -0.46 -38.45
C SER G 38 14.01 -0.23 -37.03
N GLU G 39 13.20 -1.20 -36.57
CA GLU G 39 12.69 -1.22 -35.19
C GLU G 39 13.82 -1.32 -34.14
N SER G 40 14.85 -2.14 -34.47
CA SER G 40 15.93 -2.58 -33.56
C SER G 40 15.52 -2.87 -32.08
N PRO G 41 15.60 -4.16 -31.65
CA PRO G 41 14.98 -4.60 -30.39
C PRO G 41 15.60 -3.90 -29.15
N VAL G 42 14.96 -2.79 -28.76
CA VAL G 42 15.48 -1.88 -27.74
C VAL G 42 14.58 -1.89 -26.47
N LEU G 43 14.63 -3.05 -25.81
CA LEU G 43 15.18 -3.21 -24.43
C LEU G 43 14.92 -4.62 -23.86
N ASP G 44 15.83 -5.55 -24.22
CA ASP G 44 15.63 -7.01 -24.01
C ASP G 44 16.93 -7.70 -23.50
N LEU G 45 16.88 -8.19 -22.25
CA LEU G 45 18.06 -8.33 -21.34
C LEU G 45 19.37 -7.53 -21.71
N LYS G 46 19.35 -6.20 -21.46
CA LYS G 46 20.12 -5.19 -22.22
C LYS G 46 20.53 -3.92 -21.39
N ARG G 47 21.67 -3.32 -21.77
CA ARG G 47 22.20 -2.06 -21.22
C ARG G 47 21.43 -0.75 -21.64
N SER G 48 21.95 0.42 -21.24
CA SER G 48 21.40 1.73 -21.60
C SER G 48 22.00 2.32 -22.89
N VAL G 49 21.11 2.84 -23.74
CA VAL G 49 21.48 3.61 -24.96
C VAL G 49 21.99 5.00 -24.55
N LEU G 50 22.84 5.60 -25.41
CA LEU G 50 23.26 7.03 -25.36
C LEU G 50 24.36 7.39 -24.34
N CYS G 51 24.55 6.51 -23.34
CA CYS G 51 25.49 6.69 -22.19
C CYS G 51 25.18 7.86 -21.24
N ARG G 52 25.60 7.71 -19.98
CA ARG G 52 25.49 8.78 -18.99
C ARG G 52 26.66 8.85 -18.01
N GLU G 53 27.63 9.71 -18.36
CA GLU G 53 28.13 10.73 -17.44
C GLU G 53 28.33 12.06 -18.21
N SER G 54 27.21 12.75 -18.42
CA SER G 54 27.10 13.95 -19.27
C SER G 54 25.93 14.87 -18.78
N LEU G 55 25.96 15.15 -17.47
CA LEU G 55 24.89 15.85 -16.75
C LEU G 55 25.19 17.35 -16.62
N ARG G 56 24.13 18.16 -16.54
CA ARG G 56 24.23 19.62 -16.59
C ARG G 56 24.46 20.24 -15.18
N GLY G 57 24.63 21.57 -15.14
CA GLY G 57 24.57 22.35 -13.91
C GLY G 57 23.20 22.27 -13.26
N VAL H 6 -39.02 -21.15 -38.84
CA VAL H 6 -40.38 -20.93 -39.42
C VAL H 6 -41.51 -21.14 -38.38
N SER H 7 -41.11 -21.33 -37.11
CA SER H 7 -42.04 -21.70 -36.03
C SER H 7 -42.40 -20.51 -35.10
N ALA H 8 -43.70 -20.36 -34.83
CA ALA H 8 -44.21 -19.47 -33.77
C ALA H 8 -43.75 -19.86 -32.35
N SER H 9 -43.64 -21.17 -32.10
CA SER H 9 -43.20 -21.75 -30.81
C SER H 9 -41.67 -21.66 -30.57
N SER H 10 -40.87 -21.85 -31.63
CA SER H 10 -39.41 -21.67 -31.55
C SER H 10 -39.00 -20.19 -31.39
N ARG H 11 -39.81 -19.30 -31.98
CA ARG H 11 -39.75 -17.86 -31.71
C ARG H 11 -40.14 -17.52 -30.27
N TRP H 12 -41.03 -18.33 -29.68
CA TRP H 12 -41.48 -18.18 -28.30
C TRP H 12 -40.41 -18.59 -27.30
N LEU H 13 -39.83 -19.79 -27.50
CA LEU H 13 -38.66 -20.26 -26.73
C LEU H 13 -37.47 -19.30 -26.84
N GLU H 14 -37.22 -18.79 -28.05
CA GLU H 14 -36.18 -17.77 -28.29
C GLU H 14 -36.45 -16.47 -27.53
N GLY H 15 -37.74 -16.06 -27.49
CA GLY H 15 -38.16 -14.87 -26.72
C GLY H 15 -38.09 -15.03 -25.18
N ILE H 16 -38.36 -16.26 -24.67
CA ILE H 16 -38.08 -16.62 -23.24
C ILE H 16 -36.57 -16.58 -22.95
N ARG H 17 -35.79 -17.12 -23.90
CA ARG H 17 -34.32 -17.12 -23.83
C ARG H 17 -33.74 -15.72 -23.83
N LYS H 18 -34.22 -14.86 -24.75
CA LYS H 18 -33.83 -13.44 -24.78
C LYS H 18 -34.21 -12.70 -23.50
N TRP H 19 -35.44 -12.98 -23.01
CA TRP H 19 -35.91 -12.48 -21.71
C TRP H 19 -34.95 -12.86 -20.59
N TYR H 20 -34.62 -14.15 -20.51
CA TYR H 20 -33.69 -14.66 -19.50
C TYR H 20 -32.32 -14.00 -19.61
N TYR H 21 -31.76 -13.99 -20.83
CA TYR H 21 -30.53 -13.24 -21.17
C TYR H 21 -30.54 -11.83 -20.58
N ASN H 22 -31.59 -11.05 -20.86
CA ASN H 22 -31.70 -9.68 -20.32
C ASN H 22 -31.81 -9.63 -18.78
N ALA H 23 -32.51 -10.63 -18.21
CA ALA H 23 -32.71 -10.74 -16.76
C ALA H 23 -31.40 -11.09 -16.03
N ALA H 24 -30.66 -12.08 -16.59
CA ALA H 24 -29.31 -12.43 -16.16
C ALA H 24 -28.36 -11.22 -16.06
N GLY H 25 -28.41 -10.33 -17.06
CA GLY H 25 -27.80 -9.01 -16.97
C GLY H 25 -26.29 -8.97 -16.87
N PHE H 26 -25.61 -10.01 -17.39
CA PHE H 26 -24.15 -9.94 -17.61
C PHE H 26 -23.77 -9.08 -18.79
N ASN H 27 -24.70 -9.01 -19.75
CA ASN H 27 -24.61 -8.09 -20.88
C ASN H 27 -24.60 -6.61 -20.50
N LYS H 28 -25.17 -6.29 -19.34
CA LYS H 28 -25.17 -4.94 -18.76
C LYS H 28 -23.75 -4.43 -18.40
N LEU H 29 -22.88 -5.39 -18.06
CA LEU H 29 -21.46 -5.16 -17.77
C LEU H 29 -20.57 -5.35 -19.02
N GLY H 30 -21.19 -5.58 -20.17
CA GLY H 30 -20.47 -5.85 -21.41
C GLY H 30 -19.90 -7.25 -21.56
N LEU H 31 -20.26 -8.15 -20.64
CA LEU H 31 -19.85 -9.55 -20.71
C LEU H 31 -20.56 -10.32 -21.81
N MET H 32 -19.86 -11.31 -22.34
CA MET H 32 -20.48 -12.39 -23.12
C MET H 32 -20.76 -13.57 -22.19
N ARG H 33 -21.68 -14.47 -22.60
CA ARG H 33 -22.01 -15.66 -21.80
C ARG H 33 -20.79 -16.45 -21.30
N ASP H 34 -19.84 -16.69 -22.22
CA ASP H 34 -18.69 -17.54 -21.98
C ASP H 34 -17.64 -16.88 -21.04
N ASP H 35 -17.75 -15.55 -20.84
CA ASP H 35 -17.00 -14.82 -19.81
C ASP H 35 -17.42 -15.17 -18.39
N THR H 36 -18.65 -15.68 -18.24
CA THR H 36 -19.26 -15.87 -16.92
C THR H 36 -19.15 -17.32 -16.44
N ILE H 37 -18.73 -18.22 -17.33
CA ILE H 37 -18.59 -19.66 -16.99
C ILE H 37 -17.63 -19.93 -15.80
N HIS H 38 -18.01 -20.88 -14.95
CA HIS H 38 -17.19 -21.35 -13.83
C HIS H 38 -15.91 -22.03 -14.31
N GLU H 39 -14.77 -21.57 -13.79
CA GLU H 39 -13.46 -22.13 -14.13
C GLU H 39 -13.16 -23.42 -13.35
N ASN H 40 -13.59 -24.56 -13.93
CA ASN H 40 -13.05 -25.86 -13.59
C ASN H 40 -11.88 -26.30 -14.53
N ASP H 41 -11.41 -27.55 -14.39
CA ASP H 41 -10.26 -28.06 -15.15
C ASP H 41 -10.49 -28.15 -16.66
N ASP H 42 -11.70 -28.57 -17.04
CA ASP H 42 -12.14 -28.52 -18.44
C ASP H 42 -12.08 -27.09 -18.98
N VAL H 43 -12.53 -26.12 -18.17
CA VAL H 43 -12.73 -24.74 -18.61
C VAL H 43 -11.41 -23.97 -18.67
N LYS H 44 -10.50 -24.28 -17.72
CA LYS H 44 -9.20 -23.64 -17.60
C LYS H 44 -8.35 -24.01 -18.81
N GLU H 45 -8.48 -25.27 -19.26
CA GLU H 45 -7.81 -25.78 -20.46
C GLU H 45 -8.36 -25.17 -21.77
N ALA H 46 -9.70 -25.08 -21.87
CA ALA H 46 -10.35 -24.41 -23.02
C ALA H 46 -9.85 -22.96 -23.18
N ILE H 47 -9.79 -22.22 -22.06
CA ILE H 47 -9.17 -20.88 -21.98
C ILE H 47 -7.70 -20.88 -22.42
N ARG H 48 -6.95 -21.91 -22.00
CA ARG H 48 -5.54 -22.08 -22.39
C ARG H 48 -5.41 -22.27 -23.90
N ARG H 49 -6.36 -23.00 -24.47
CA ARG H 49 -6.37 -23.32 -25.89
C ARG H 49 -6.81 -22.17 -26.81
N LEU H 50 -7.26 -21.05 -26.23
CA LEU H 50 -7.89 -19.96 -27.04
C LEU H 50 -6.80 -19.21 -27.78
N PRO H 51 -7.06 -18.74 -29.01
CA PRO H 51 -6.05 -17.99 -29.74
C PRO H 51 -5.85 -16.60 -29.14
N GLU H 52 -4.73 -15.97 -29.52
CA GLU H 52 -4.27 -14.71 -28.93
C GLU H 52 -5.41 -13.64 -28.80
N ASN H 53 -6.07 -13.37 -29.92
CA ASN H 53 -7.12 -12.34 -30.01
C ASN H 53 -8.32 -12.56 -29.07
N LEU H 54 -8.78 -13.81 -29.01
CA LEU H 54 -9.90 -14.18 -28.17
C LEU H 54 -9.54 -14.18 -26.72
N TYR H 55 -8.34 -14.68 -26.40
CA TYR H 55 -7.75 -14.51 -25.08
C TYR H 55 -7.72 -13.02 -24.63
N ASP H 56 -7.12 -12.14 -25.44
CA ASP H 56 -6.94 -10.75 -25.00
C ASP H 56 -8.26 -9.95 -24.85
N ASP H 57 -9.24 -10.26 -25.72
CA ASP H 57 -10.60 -9.71 -25.64
C ASP H 57 -11.30 -10.14 -24.35
N ARG H 58 -11.25 -11.44 -24.05
CA ARG H 58 -11.80 -12.03 -22.82
C ARG H 58 -11.29 -11.36 -21.53
N VAL H 59 -9.96 -11.22 -21.39
CA VAL H 59 -9.42 -10.51 -20.21
C VAL H 59 -9.89 -9.07 -20.05
N PHE H 60 -10.01 -8.34 -21.17
CA PHE H 60 -10.47 -6.97 -21.09
C PHE H 60 -11.92 -6.87 -20.70
N ARG H 61 -12.74 -7.78 -21.23
CA ARG H 61 -14.16 -7.81 -20.91
C ARG H 61 -14.35 -8.09 -19.44
N ILE H 62 -13.63 -9.10 -18.94
CA ILE H 62 -13.65 -9.43 -17.52
C ILE H 62 -13.09 -8.30 -16.63
N LYS H 63 -11.99 -7.67 -17.08
CA LYS H 63 -11.46 -6.43 -16.45
C LYS H 63 -12.51 -5.33 -16.34
N ARG H 64 -13.17 -5.04 -17.46
CA ARG H 64 -14.20 -4.01 -17.55
C ARG H 64 -15.39 -4.31 -16.60
N ALA H 65 -15.81 -5.59 -16.56
CA ALA H 65 -16.88 -6.07 -15.65
C ALA H 65 -16.52 -5.99 -14.17
N LEU H 66 -15.32 -6.48 -13.80
CA LEU H 66 -14.85 -6.36 -12.41
C LEU H 66 -14.64 -4.92 -11.96
N ASP H 67 -14.19 -4.06 -12.87
CA ASP H 67 -14.20 -2.61 -12.65
C ASP H 67 -15.58 -2.02 -12.37
N LEU H 68 -16.58 -2.39 -13.19
CA LEU H 68 -17.97 -1.91 -13.02
C LEU H 68 -18.59 -2.43 -11.73
N SER H 69 -18.36 -3.72 -11.47
CA SER H 69 -18.86 -4.41 -10.27
C SER H 69 -18.32 -3.84 -8.98
N MET H 70 -17.13 -3.24 -9.04
CA MET H 70 -16.55 -2.50 -7.90
C MET H 70 -17.23 -1.13 -7.72
N ARG H 71 -17.38 -0.39 -8.82
CA ARG H 71 -18.11 0.89 -8.83
C ARG H 71 -19.63 0.74 -8.61
N GLN H 72 -20.09 -0.53 -8.63
CA GLN H 72 -21.51 -0.90 -8.59
C GLN H 72 -22.35 -0.20 -9.66
N GLN H 73 -21.70 0.03 -10.79
CA GLN H 73 -22.26 0.70 -11.94
C GLN H 73 -22.34 -0.26 -13.12
N ILE H 74 -22.86 0.26 -14.23
CA ILE H 74 -23.29 -0.52 -15.37
C ILE H 74 -23.04 0.29 -16.66
N LEU H 75 -22.89 -0.40 -17.80
CA LEU H 75 -22.60 0.31 -19.05
C LEU H 75 -23.86 1.04 -19.57
N PRO H 76 -23.68 2.19 -20.26
CA PRO H 76 -24.76 2.75 -21.09
C PRO H 76 -25.41 1.67 -21.96
N LYS H 77 -26.74 1.71 -22.04
CA LYS H 77 -27.59 0.68 -22.68
C LYS H 77 -27.14 0.32 -24.11
N GLU H 78 -26.67 1.35 -24.85
CA GLU H 78 -26.15 1.23 -26.23
C GLU H 78 -24.99 0.25 -26.33
N GLN H 79 -24.24 0.13 -25.22
CA GLN H 79 -23.03 -0.68 -25.11
C GLN H 79 -23.21 -2.05 -24.42
N TRP H 80 -24.45 -2.36 -23.99
CA TRP H 80 -24.82 -3.73 -23.57
C TRP H 80 -24.65 -4.69 -24.73
N THR H 81 -24.15 -5.90 -24.43
CA THR H 81 -24.07 -6.94 -25.46
C THR H 81 -25.45 -7.48 -25.84
N LYS H 82 -25.83 -7.21 -27.08
CA LYS H 82 -27.04 -7.73 -27.69
C LYS H 82 -26.97 -9.25 -27.77
N TYR H 83 -28.06 -9.89 -27.35
CA TYR H 83 -28.21 -11.36 -27.30
C TYR H 83 -27.87 -12.07 -28.63
N GLU H 84 -28.28 -11.44 -29.73
CA GLU H 84 -28.03 -11.92 -31.11
C GLU H 84 -26.55 -11.79 -31.49
N GLU H 85 -25.85 -10.86 -30.84
CA GLU H 85 -24.45 -10.58 -31.13
C GLU H 85 -23.49 -11.33 -30.18
N ASP H 86 -24.07 -12.15 -29.29
CA ASP H 86 -23.32 -12.88 -28.28
C ASP H 86 -22.58 -14.09 -28.89
N LYS H 87 -21.25 -13.96 -28.97
CA LYS H 87 -20.38 -14.96 -29.62
C LYS H 87 -20.05 -16.08 -28.64
N SER H 88 -20.39 -17.31 -29.03
CA SER H 88 -20.17 -18.49 -28.19
C SER H 88 -18.71 -19.01 -28.27
N TYR H 89 -17.74 -18.10 -28.10
CA TYR H 89 -16.33 -18.29 -28.52
C TYR H 89 -15.56 -19.41 -27.79
N LEU H 90 -15.96 -19.68 -26.53
CA LEU H 90 -15.32 -20.73 -25.72
C LEU H 90 -15.86 -22.13 -26.00
N GLU H 91 -17.16 -22.21 -26.30
CA GLU H 91 -17.90 -23.50 -26.42
C GLU H 91 -17.23 -24.62 -27.31
N PRO H 92 -16.80 -24.32 -28.57
CA PRO H 92 -16.16 -25.36 -29.40
C PRO H 92 -14.88 -25.99 -28.78
N TYR H 93 -14.05 -25.16 -28.10
CA TYR H 93 -12.85 -25.63 -27.39
C TYR H 93 -13.22 -26.50 -26.18
N LEU H 94 -14.21 -26.03 -25.41
CA LEU H 94 -14.75 -26.76 -24.27
C LEU H 94 -15.34 -28.12 -24.64
N LYS H 95 -16.09 -28.18 -25.74
CA LYS H 95 -16.66 -29.45 -26.24
C LYS H 95 -15.55 -30.47 -26.55
N GLU H 96 -14.47 -29.98 -27.19
CA GLU H 96 -13.30 -30.79 -27.53
C GLU H 96 -12.52 -31.29 -26.29
N VAL H 97 -12.39 -30.41 -25.28
CA VAL H 97 -11.75 -30.76 -24.00
C VAL H 97 -12.58 -31.77 -23.21
N ILE H 98 -13.91 -31.59 -23.19
CA ILE H 98 -14.84 -32.59 -22.65
C ILE H 98 -14.76 -33.91 -23.42
N ARG H 99 -14.70 -33.82 -24.76
CA ARG H 99 -14.61 -34.98 -25.64
C ARG H 99 -13.34 -35.82 -25.43
N GLU H 100 -12.22 -35.12 -25.19
CA GLU H 100 -10.92 -35.76 -24.92
C GLU H 100 -10.86 -36.45 -23.55
N ARG H 101 -11.49 -35.82 -22.54
CA ARG H 101 -11.54 -36.36 -21.17
C ARG H 101 -12.36 -37.64 -21.09
N LYS H 102 -13.49 -37.63 -21.81
CA LYS H 102 -14.42 -38.76 -21.81
C LYS H 102 -13.85 -39.98 -22.54
N GLU H 103 -13.00 -39.73 -23.55
CA GLU H 103 -12.21 -40.77 -24.19
C GLU H 103 -11.19 -41.45 -23.22
N ARG H 104 -10.45 -40.62 -22.48
CA ARG H 104 -9.56 -41.08 -21.39
C ARG H 104 -10.32 -41.94 -20.38
N GLU H 105 -11.50 -41.46 -19.96
CA GLU H 105 -12.36 -42.14 -18.97
C GLU H 105 -12.94 -43.45 -19.49
N GLU H 106 -13.22 -43.50 -20.80
CA GLU H 106 -13.57 -44.75 -21.48
C GLU H 106 -12.41 -45.76 -21.53
N TRP H 107 -11.18 -45.26 -21.69
CA TRP H 107 -9.97 -46.10 -21.65
C TRP H 107 -9.64 -46.61 -20.24
N ALA H 108 -9.88 -45.77 -19.22
CA ALA H 108 -9.65 -46.12 -17.81
C ALA H 108 -10.59 -47.24 -17.33
N LYS H 109 -11.71 -47.40 -18.03
CA LYS H 109 -12.71 -48.43 -17.74
C LYS H 109 -12.26 -49.84 -18.13
N LYS H 110 -11.50 -49.96 -19.22
CA LYS H 110 -11.21 -51.25 -19.89
C LYS H 110 -10.35 -52.18 -19.02
N MET I 1 33.31 -4.06 23.04
CA MET I 1 33.75 -3.88 21.63
C MET I 1 32.58 -3.51 20.70
N LEU I 2 32.58 -2.25 20.23
CA LEU I 2 31.51 -1.70 19.34
C LEU I 2 32.02 -0.63 18.32
N THR I 3 33.33 -0.69 18.03
CA THR I 3 34.09 0.46 17.47
C THR I 3 33.83 0.73 15.97
N ARG I 4 33.21 -0.26 15.30
CA ARG I 4 32.59 -0.13 13.95
C ARG I 4 31.85 1.19 13.73
N PHE I 5 31.01 1.57 14.71
CA PHE I 5 30.05 2.69 14.57
C PHE I 5 30.59 4.06 15.11
N LEU I 6 31.93 4.20 15.19
CA LEU I 6 32.57 5.46 15.62
C LEU I 6 33.45 6.16 14.57
N GLY I 7 32.94 7.29 14.07
CA GLY I 7 33.58 8.08 13.01
C GLY I 7 32.70 9.24 12.52
N PRO I 8 33.27 10.14 11.68
CA PRO I 8 32.58 11.39 11.24
C PRO I 8 31.17 11.21 10.63
N ARG I 9 30.93 10.11 9.91
CA ARG I 9 29.63 9.86 9.24
C ARG I 9 28.54 9.50 10.25
N TYR I 10 28.89 8.64 11.22
CA TYR I 10 27.99 8.25 12.29
C TYR I 10 27.69 9.37 13.29
N ARG I 11 28.65 10.28 13.46
CA ARG I 11 28.47 11.54 14.20
C ARG I 11 27.45 12.47 13.49
N GLN I 12 27.52 12.53 12.15
CA GLN I 12 26.54 13.29 11.33
C GLN I 12 25.18 12.64 11.33
N LEU I 13 25.16 11.30 11.21
CA LEU I 13 23.93 10.50 11.23
C LEU I 13 23.16 10.58 12.55
N ALA I 14 23.90 10.60 13.67
CA ALA I 14 23.29 10.82 15.00
C ALA I 14 22.70 12.24 15.13
N ARG I 15 23.47 13.25 14.68
CA ARG I 15 23.06 14.67 14.66
C ARG I 15 21.77 14.92 13.85
N ASN I 16 21.63 14.20 12.73
CA ASN I 16 20.43 14.28 11.88
C ASN I 16 19.18 13.75 12.56
N TRP I 17 19.35 12.65 13.31
CA TRP I 17 18.25 11.94 13.95
C TRP I 17 17.88 12.44 15.35
N VAL I 18 18.62 13.45 15.83
CA VAL I 18 18.42 13.99 17.19
C VAL I 18 17.09 14.76 17.39
N PRO I 19 16.72 15.75 16.51
CA PRO I 19 15.40 16.41 16.58
C PRO I 19 14.21 15.42 16.52
N THR I 20 14.34 14.38 15.69
CA THR I 20 13.35 13.31 15.57
C THR I 20 13.22 12.47 16.87
N ALA I 21 14.35 12.00 17.41
CA ALA I 21 14.37 11.18 18.65
C ALA I 21 13.89 11.97 19.89
N SER I 22 14.19 13.27 19.90
CA SER I 22 13.69 14.24 20.88
C SER I 22 12.13 14.38 20.79
N LEU I 23 11.63 14.55 19.58
CA LEU I 23 10.19 14.65 19.33
C LEU I 23 9.42 13.34 19.61
N TRP I 24 10.04 12.18 19.37
CA TRP I 24 9.45 10.87 19.72
C TRP I 24 9.39 10.61 21.24
N GLY I 25 10.35 11.18 21.98
CA GLY I 25 10.30 11.24 23.44
C GLY I 25 9.20 12.16 23.96
N ALA I 26 9.11 13.36 23.37
CA ALA I 26 8.02 14.32 23.59
C ALA I 26 6.61 13.77 23.27
N VAL I 27 6.50 12.97 22.20
CA VAL I 27 5.27 12.19 21.90
C VAL I 27 4.93 11.21 23.05
N GLY I 28 5.93 10.43 23.50
CA GLY I 28 5.74 9.33 24.43
C GLY I 28 5.49 9.79 25.87
N ALA I 29 6.10 10.93 26.25
CA ALA I 29 5.95 11.51 27.58
C ALA I 29 4.50 11.98 27.80
N VAL I 30 3.99 12.74 26.82
CA VAL I 30 2.62 13.27 26.84
C VAL I 30 1.60 12.11 26.78
N GLY I 31 1.89 11.10 25.94
CA GLY I 31 1.09 9.89 25.81
C GLY I 31 0.99 9.03 27.05
N LEU I 32 2.10 8.88 27.78
CA LEU I 32 2.10 8.27 29.13
C LEU I 32 1.31 9.11 30.14
N VAL I 33 1.54 10.43 30.11
CA VAL I 33 0.87 11.41 31.00
C VAL I 33 -0.67 11.43 30.78
N TRP I 34 -1.06 11.41 29.50
CA TRP I 34 -2.45 11.35 29.08
C TRP I 34 -3.13 10.00 29.46
N ALA I 35 -2.44 8.88 29.21
CA ALA I 35 -3.03 7.54 29.42
C ALA I 35 -3.31 7.21 30.89
N THR I 36 -2.43 7.69 31.79
CA THR I 36 -2.48 7.37 33.23
C THR I 36 -3.26 8.41 34.05
N ASP I 37 -3.62 9.52 33.39
CA ASP I 37 -3.94 10.82 34.03
C ASP I 37 -2.95 11.20 35.12
N TRP I 38 -1.67 11.32 34.73
CA TRP I 38 -0.57 11.59 35.67
C TRP I 38 -0.76 12.94 36.36
N ARG I 39 -1.30 12.82 37.57
CA ARG I 39 -1.69 13.91 38.46
C ARG I 39 -0.58 14.95 38.72
N LEU I 40 0.67 14.47 38.91
CA LEU I 40 1.86 15.31 39.17
C LEU I 40 2.12 16.39 38.09
N ILE I 41 1.94 16.01 36.83
CA ILE I 41 2.28 16.88 35.68
C ILE I 41 1.04 17.70 35.22
N LEU I 42 -0.14 17.08 35.26
CA LEU I 42 -1.37 17.68 34.74
C LEU I 42 -2.00 18.79 35.61
N ASP I 43 -1.59 18.85 36.89
CA ASP I 43 -1.88 19.98 37.80
C ASP I 43 -1.32 21.33 37.28
N TRP I 44 -0.16 21.26 36.61
CA TRP I 44 0.48 22.40 35.94
C TRP I 44 -0.29 22.92 34.70
N VAL I 45 -0.91 21.98 33.95
CA VAL I 45 -1.53 22.29 32.64
C VAL I 45 -2.83 23.15 32.80
N PRO I 46 -2.81 24.42 32.32
CA PRO I 46 -3.68 25.50 32.85
C PRO I 46 -5.21 25.34 32.66
N TYR I 47 -5.65 24.35 31.86
CA TYR I 47 -7.08 24.13 31.58
C TYR I 47 -7.57 22.69 31.85
N ILE I 48 -6.67 21.70 31.67
CA ILE I 48 -6.91 20.29 32.04
C ILE I 48 -6.91 20.15 33.58
N ASN I 49 -8.10 20.31 34.19
CA ASN I 49 -8.28 20.22 35.66
C ASN I 49 -9.60 19.54 36.08
N GLY I 50 -9.53 18.21 36.28
CA GLY I 50 -10.64 17.40 36.76
C GLY I 50 -10.90 17.57 38.26
N LYS I 51 -9.81 17.73 39.02
CA LYS I 51 -9.87 18.13 40.45
C LYS I 51 -10.31 19.60 40.56
N PHE I 52 -11.37 19.84 41.35
CA PHE I 52 -11.87 21.19 41.66
C PHE I 52 -10.85 22.03 42.44
N LYS I 53 -10.92 23.36 42.26
CA LYS I 53 -10.20 24.38 43.07
C LYS I 53 -8.68 24.20 43.12
N GLU J 12 -61.61 11.49 52.54
CA GLU J 12 -60.54 12.53 52.58
C GLU J 12 -59.51 12.33 51.45
N LEU J 13 -58.97 11.10 51.35
CA LEU J 13 -57.70 10.83 50.61
C LEU J 13 -57.92 10.54 49.12
N VAL J 14 -57.40 11.44 48.26
CA VAL J 14 -57.66 11.42 46.81
C VAL J 14 -56.55 10.68 46.02
N ASP J 15 -56.84 9.43 45.64
CA ASP J 15 -56.07 8.70 44.62
C ASP J 15 -56.43 9.24 43.21
N PRO J 16 -55.44 9.74 42.46
CA PRO J 16 -55.65 10.20 41.07
C PRO J 16 -56.06 9.09 40.07
N LEU J 17 -55.78 7.81 40.41
CA LEU J 17 -56.24 6.66 39.62
C LEU J 17 -57.77 6.54 39.58
N THR J 18 -58.43 6.84 40.71
CA THR J 18 -59.90 6.93 40.79
C THR J 18 -60.49 8.00 39.84
N THR J 19 -59.89 9.20 39.84
CA THR J 19 -60.22 10.31 38.90
C THR J 19 -60.00 9.95 37.41
N VAL J 20 -58.91 9.21 37.13
CA VAL J 20 -58.50 8.83 35.77
C VAL J 20 -59.32 7.63 35.22
N ARG J 21 -59.47 6.56 36.03
CA ARG J 21 -60.28 5.37 35.67
C ARG J 21 -61.75 5.70 35.31
N GLU J 22 -62.38 6.59 36.10
CA GLU J 22 -63.73 7.12 35.82
C GLU J 22 -63.78 7.90 34.50
N GLN J 23 -62.75 8.73 34.26
CA GLN J 23 -62.58 9.51 33.03
C GLN J 23 -62.28 8.65 31.80
N CYS J 24 -61.67 7.48 32.03
CA CYS J 24 -61.33 6.51 30.97
C CYS J 24 -62.52 5.66 30.54
N GLU J 25 -63.32 5.26 31.53
CA GLU J 25 -64.51 4.42 31.33
C GLU J 25 -65.62 5.11 30.52
N GLN J 26 -65.67 6.45 30.62
CA GLN J 26 -66.59 7.27 29.81
C GLN J 26 -66.16 7.49 28.33
N LEU J 27 -64.95 7.01 27.96
CA LEU J 27 -64.49 7.02 26.56
C LEU J 27 -65.02 5.83 25.73
N GLU J 28 -65.11 6.05 24.42
CA GLU J 28 -66.05 5.36 23.52
C GLU J 28 -65.83 3.84 23.38
N LYS J 29 -64.55 3.43 23.35
CA LYS J 29 -64.14 2.00 23.31
C LYS J 29 -64.60 1.23 24.56
N CYS J 30 -64.48 1.88 25.73
CA CYS J 30 -64.76 1.25 27.04
C CYS J 30 -66.25 0.99 27.26
N VAL J 31 -67.08 1.90 26.73
CA VAL J 31 -68.55 1.84 26.81
C VAL J 31 -69.10 0.55 26.18
N LYS J 32 -68.55 0.18 25.02
CA LYS J 32 -68.92 -1.05 24.29
C LYS J 32 -68.42 -2.33 24.99
N ALA J 33 -67.26 -2.24 25.65
CA ALA J 33 -66.60 -3.38 26.29
C ALA J 33 -67.09 -3.65 27.73
N ARG J 34 -67.51 -2.57 28.42
CA ARG J 34 -68.34 -2.67 29.64
C ARG J 34 -69.73 -3.27 29.33
N GLU J 35 -70.31 -2.89 28.17
CA GLU J 35 -71.63 -3.39 27.70
C GLU J 35 -71.66 -4.92 27.53
N ARG J 36 -70.69 -5.46 26.79
CA ARG J 36 -70.60 -6.90 26.49
C ARG J 36 -70.15 -7.75 27.70
N LEU J 37 -69.49 -7.10 28.67
CA LEU J 37 -69.21 -7.69 29.98
C LEU J 37 -70.47 -7.77 30.85
N GLU J 38 -71.27 -6.69 30.85
CA GLU J 38 -72.58 -6.65 31.53
C GLU J 38 -73.59 -7.66 30.94
N LEU J 39 -73.56 -7.80 29.61
CA LEU J 39 -74.36 -8.81 28.89
C LEU J 39 -73.90 -10.24 29.21
N CYS J 40 -72.60 -10.40 29.47
CA CYS J 40 -72.03 -11.63 30.02
C CYS J 40 -72.43 -11.84 31.49
N ASP J 41 -72.49 -10.74 32.27
CA ASP J 41 -72.85 -10.77 33.71
C ASP J 41 -74.25 -11.37 33.97
N GLU J 42 -75.22 -10.98 33.13
CA GLU J 42 -76.59 -11.48 33.21
C GLU J 42 -76.75 -12.94 32.73
N ARG J 43 -75.87 -13.36 31.81
CA ARG J 43 -75.95 -14.68 31.14
C ARG J 43 -75.58 -15.88 32.05
N VAL J 44 -74.78 -15.62 33.10
CA VAL J 44 -73.99 -16.65 33.81
C VAL J 44 -74.71 -17.15 35.09
N SER J 45 -75.23 -16.21 35.88
CA SER J 45 -76.17 -16.51 36.98
C SER J 45 -77.49 -17.16 36.49
N SER J 46 -77.83 -16.91 35.22
CA SER J 46 -79.05 -17.41 34.57
C SER J 46 -79.09 -18.95 34.38
N ARG J 47 -78.03 -19.51 33.80
CA ARG J 47 -78.00 -20.93 33.40
C ARG J 47 -77.71 -21.90 34.58
N SER J 48 -78.04 -23.18 34.36
CA SER J 48 -78.11 -24.22 35.41
C SER J 48 -76.76 -24.47 36.11
N GLN J 49 -75.74 -24.85 35.33
CA GLN J 49 -74.36 -24.94 35.81
C GLN J 49 -73.35 -24.62 34.68
N THR J 50 -73.46 -23.41 34.14
CA THR J 50 -72.58 -22.94 33.04
C THR J 50 -71.12 -22.77 33.49
N GLU J 51 -70.20 -23.24 32.63
CA GLU J 51 -68.76 -23.00 32.80
C GLU J 51 -68.28 -21.71 32.11
N GLU J 52 -69.17 -21.10 31.31
CA GLU J 52 -68.81 -20.02 30.38
C GLU J 52 -68.45 -18.69 31.09
N ASP J 53 -67.16 -18.34 31.00
CA ASP J 53 -66.55 -17.32 31.85
C ASP J 53 -66.79 -15.89 31.37
N CYS J 54 -66.70 -14.94 32.30
CA CYS J 54 -66.53 -13.53 31.96
C CYS J 54 -65.09 -13.02 32.19
N THR J 55 -64.12 -13.96 32.18
CA THR J 55 -62.69 -13.65 32.11
C THR J 55 -62.37 -12.86 30.82
N GLU J 56 -62.89 -13.37 29.69
CA GLU J 56 -62.62 -12.83 28.34
C GLU J 56 -63.09 -11.38 28.16
N GLU J 57 -64.28 -11.07 28.71
CA GLU J 57 -64.93 -9.77 28.51
C GLU J 57 -64.47 -8.71 29.50
N LEU J 58 -64.02 -9.16 30.69
CA LEU J 58 -63.37 -8.29 31.68
C LEU J 58 -61.99 -7.80 31.17
N LEU J 59 -61.17 -8.75 30.73
CA LEU J 59 -59.80 -8.45 30.23
C LEU J 59 -59.80 -7.60 28.97
N ASP J 60 -60.78 -7.85 28.07
CA ASP J 60 -61.13 -6.98 26.91
C ASP J 60 -61.39 -5.50 27.31
N PHE J 61 -62.13 -5.32 28.42
CA PHE J 61 -62.49 -3.99 28.92
C PHE J 61 -61.30 -3.31 29.60
N LEU J 62 -60.56 -4.09 30.40
CA LEU J 62 -59.32 -3.63 31.04
C LEU J 62 -58.23 -3.25 30.03
N HIS J 63 -58.14 -4.01 28.93
CA HIS J 63 -57.29 -3.70 27.76
C HIS J 63 -57.48 -2.25 27.27
N ALA J 64 -58.74 -1.89 26.97
CA ALA J 64 -59.10 -0.53 26.50
C ALA J 64 -59.00 0.54 27.60
N ARG J 65 -59.26 0.14 28.85
CA ARG J 65 -59.23 1.05 29.99
C ARG J 65 -57.79 1.43 30.39
N ASP J 66 -56.96 0.41 30.63
CA ASP J 66 -55.58 0.61 31.11
C ASP J 66 -54.66 1.26 30.07
N HIS J 67 -54.90 0.96 28.79
CA HIS J 67 -54.30 1.70 27.65
C HIS J 67 -54.50 3.22 27.81
N CYS J 68 -55.75 3.61 28.11
CA CYS J 68 -56.13 5.00 28.29
C CYS J 68 -55.60 5.59 29.63
N VAL J 69 -55.65 4.77 30.70
CA VAL J 69 -55.06 5.09 32.03
C VAL J 69 -53.57 5.52 31.91
N ALA J 70 -52.79 4.72 31.15
CA ALA J 70 -51.34 4.92 30.99
C ALA J 70 -50.96 6.22 30.28
N HIS J 71 -51.78 6.62 29.30
CA HIS J 71 -51.63 7.88 28.53
C HIS J 71 -51.79 9.16 29.39
N LYS J 72 -52.36 9.02 30.60
CA LYS J 72 -52.90 10.16 31.37
C LYS J 72 -52.38 10.28 32.81
N LEU J 73 -52.29 9.13 33.49
CA LEU J 73 -52.13 9.04 34.96
C LEU J 73 -50.90 9.77 35.55
N PHE J 74 -49.76 9.68 34.85
CA PHE J 74 -48.48 10.15 35.36
C PHE J 74 -48.30 11.69 35.31
N ASN J 75 -49.18 12.36 34.57
CA ASN J 75 -49.25 13.84 34.52
C ASN J 75 -49.67 14.50 35.85
N SER J 76 -50.34 13.72 36.71
CA SER J 76 -50.79 14.18 38.04
C SER J 76 -49.81 13.85 39.16
N LEU J 77 -49.22 12.64 39.09
CA LEU J 77 -48.35 12.08 40.15
C LEU J 77 -46.99 12.79 40.19
N LYS J 78 -46.44 12.94 41.40
CA LYS J 78 -45.16 13.64 41.62
C LYS J 78 -43.94 12.74 41.36
N ALA K 2 -1.13 29.73 0.34
CA ALA K 2 -0.04 30.15 1.29
C ALA K 2 -0.50 31.06 2.49
N PRO K 3 -1.49 31.98 2.30
CA PRO K 3 -2.35 32.44 3.41
C PRO K 3 -3.21 31.35 4.10
N THR K 4 -3.61 30.31 3.36
CA THR K 4 -4.63 29.33 3.82
C THR K 4 -4.16 28.44 5.00
N LEU K 5 -5.13 28.02 5.81
CA LEU K 5 -4.89 27.56 7.19
C LEU K 5 -4.54 26.08 7.30
N THR K 6 -5.19 25.27 6.47
CA THR K 6 -4.81 23.86 6.26
C THR K 6 -3.35 23.70 5.80
N ALA K 7 -2.89 24.67 4.98
CA ALA K 7 -1.50 24.77 4.54
C ALA K 7 -0.51 24.97 5.70
N ARG K 8 -0.77 25.97 6.54
CA ARG K 8 0.04 26.25 7.74
C ARG K 8 -0.06 25.14 8.80
N LEU K 9 -1.24 24.50 8.88
CA LEU K 9 -1.42 23.29 9.69
C LEU K 9 -0.53 22.15 9.25
N TYR K 10 -0.43 21.97 7.91
CA TYR K 10 0.44 20.95 7.31
C TYR K 10 1.92 21.30 7.44
N SER K 11 2.27 22.55 7.12
CA SER K 11 3.65 23.06 7.15
C SER K 11 4.29 22.96 8.54
N LEU K 12 3.55 23.36 9.58
CA LEU K 12 4.05 23.41 10.96
C LEU K 12 3.93 22.07 11.71
N LEU K 13 2.88 21.30 11.41
CA LEU K 13 2.49 20.17 12.27
C LEU K 13 2.35 18.78 11.63
N PHE K 14 1.92 18.73 10.35
CA PHE K 14 1.59 17.46 9.70
C PHE K 14 2.73 16.83 8.87
N ARG K 15 3.59 17.68 8.29
CA ARG K 15 4.69 17.27 7.37
C ARG K 15 5.61 16.17 7.97
N ARG K 16 6.02 16.36 9.23
CA ARG K 16 6.79 15.37 9.97
C ARG K 16 5.87 14.48 10.76
N THR K 17 6.13 13.17 10.70
CA THR K 17 5.32 12.16 11.38
C THR K 17 5.37 12.23 12.92
N SER K 18 6.54 12.59 13.47
CA SER K 18 6.71 12.83 14.91
C SER K 18 5.88 14.04 15.42
N THR K 19 5.98 15.18 14.72
CA THR K 19 5.13 16.37 14.93
C THR K 19 3.63 16.06 14.73
N PHE K 20 3.31 15.30 13.68
CA PHE K 20 1.97 14.72 13.45
C PHE K 20 1.44 13.90 14.62
N ALA K 21 2.31 13.05 15.20
CA ALA K 21 1.95 12.25 16.37
C ALA K 21 1.79 13.12 17.63
N LEU K 22 2.73 14.08 17.81
CA LEU K 22 2.69 15.04 18.91
C LEU K 22 1.44 15.91 18.90
N THR K 23 1.04 16.37 17.72
CA THR K 23 -0.20 17.12 17.55
C THR K 23 -1.49 16.30 17.77
N ILE K 24 -1.42 15.00 17.51
CA ILE K 24 -2.50 14.07 17.86
C ILE K 24 -2.64 13.83 19.39
N VAL K 25 -1.53 13.59 20.07
CA VAL K 25 -1.54 13.27 21.52
C VAL K 25 -1.91 14.50 22.38
N VAL K 26 -1.28 15.65 22.08
CA VAL K 26 -1.71 16.98 22.60
C VAL K 26 -3.20 17.29 22.24
N GLY K 27 -3.58 16.97 20.99
CA GLY K 27 -4.97 17.04 20.55
C GLY K 27 -5.95 16.16 21.31
N ALA K 28 -5.48 14.98 21.75
CA ALA K 28 -6.32 14.00 22.46
C ALA K 28 -6.59 14.38 23.92
N LEU K 29 -5.57 14.99 24.55
CA LEU K 29 -5.67 15.52 25.92
C LEU K 29 -6.79 16.58 26.04
N PHE K 30 -6.68 17.62 25.19
CA PHE K 30 -7.62 18.73 25.15
C PHE K 30 -9.00 18.38 24.59
N PHE K 31 -9.07 17.33 23.74
CA PHE K 31 -10.37 16.78 23.32
C PHE K 31 -11.10 16.06 24.44
N GLU K 32 -10.39 15.24 25.22
CA GLU K 32 -10.98 14.48 26.32
C GLU K 32 -11.61 15.39 27.38
N ARG K 33 -10.94 16.51 27.69
CA ARG K 33 -11.49 17.54 28.57
C ARG K 33 -12.78 18.15 27.95
N ALA K 34 -12.66 18.66 26.72
CA ALA K 34 -13.69 19.47 26.07
C ALA K 34 -14.95 18.67 25.72
N PHE K 35 -14.75 17.38 25.38
CA PHE K 35 -15.86 16.47 25.09
C PHE K 35 -16.58 15.99 26.36
N ASP K 36 -15.82 15.55 27.36
CA ASP K 36 -16.40 15.14 28.67
C ASP K 36 -17.08 16.29 29.41
N GLN K 37 -16.51 17.50 29.28
CA GLN K 37 -17.15 18.75 29.74
C GLN K 37 -18.53 18.94 29.08
N GLY K 38 -18.56 18.84 27.74
CA GLY K 38 -19.76 19.07 26.95
C GLY K 38 -20.81 17.99 27.13
N ALA K 39 -20.41 16.73 26.93
CA ALA K 39 -21.31 15.57 26.95
C ALA K 39 -21.96 15.30 28.32
N ASP K 40 -21.23 15.61 29.41
CA ASP K 40 -21.81 15.62 30.76
C ASP K 40 -22.82 16.75 30.96
N ALA K 41 -22.45 17.97 30.55
CA ALA K 41 -23.33 19.16 30.61
C ALA K 41 -24.61 19.05 29.77
N ILE K 42 -24.54 18.32 28.64
CA ILE K 42 -25.74 17.99 27.83
C ILE K 42 -26.65 16.98 28.57
N TYR K 43 -26.03 15.90 29.09
CA TYR K 43 -26.72 14.84 29.84
C TYR K 43 -27.37 15.33 31.14
N GLU K 44 -26.67 16.23 31.84
CA GLU K 44 -27.17 16.87 33.05
C GLU K 44 -28.33 17.83 32.80
N HIS K 45 -28.25 18.60 31.70
CA HIS K 45 -29.32 19.53 31.28
C HIS K 45 -30.59 18.83 30.77
N ILE K 46 -30.43 17.70 30.09
CA ILE K 46 -31.57 16.85 29.65
C ILE K 46 -32.23 16.06 30.81
N ASN K 47 -31.55 15.98 31.95
CA ASN K 47 -32.11 15.44 33.17
C ASN K 47 -32.09 16.45 34.35
N GLU K 48 -33.03 17.42 34.29
CA GLU K 48 -32.86 18.77 34.86
C GLU K 48 -32.59 18.81 36.37
N GLY K 49 -33.49 18.17 37.13
CA GLY K 49 -33.25 17.83 38.53
C GLY K 49 -32.67 16.44 38.63
N LYS K 50 -33.48 15.51 39.13
CA LYS K 50 -33.37 14.05 38.86
C LYS K 50 -32.17 13.30 39.47
N LEU K 51 -30.95 13.76 39.18
CA LEU K 51 -29.72 13.13 39.70
C LEU K 51 -29.28 13.67 41.06
N TRP K 52 -28.57 12.82 41.81
CA TRP K 52 -28.09 13.11 43.17
C TRP K 52 -27.18 14.36 43.29
N LYS K 53 -26.59 14.78 42.15
CA LYS K 53 -25.87 16.06 42.03
C LYS K 53 -26.78 17.30 42.18
N HIS K 54 -28.05 17.17 41.77
CA HIS K 54 -29.05 18.26 41.86
C HIS K 54 -29.91 18.18 43.14
N ILE K 55 -30.07 16.96 43.66
CA ILE K 55 -30.69 16.66 44.96
C ILE K 55 -29.82 17.12 46.16
N LYS K 56 -28.48 17.08 45.96
CA LYS K 56 -27.43 17.21 47.01
C LYS K 56 -27.73 18.20 48.15
N HIS K 57 -28.17 19.40 47.77
CA HIS K 57 -28.31 20.56 48.67
C HIS K 57 -29.43 20.42 49.73
N LYS K 58 -30.39 19.52 49.47
CA LYS K 58 -31.50 19.19 50.40
C LYS K 58 -31.03 18.59 51.74
N TYR K 59 -29.95 17.80 51.69
CA TYR K 59 -29.37 17.15 52.88
C TYR K 59 -27.95 17.69 53.17
N GLU K 60 -27.74 18.11 54.42
CA GLU K 60 -26.89 19.29 54.75
C GLU K 60 -25.35 19.05 54.76
N ASN K 61 -24.62 20.03 55.31
CA ASN K 61 -23.14 20.13 55.15
C ASN K 61 -22.37 19.34 56.21
C1 UQ2 L . -9.86 -10.31 5.41
C2 UQ2 L . -10.00 -10.89 4.02
C3 UQ2 L . -9.21 -12.11 3.62
C4 UQ2 L . -8.49 -12.87 4.70
C5 UQ2 L . -8.34 -12.29 6.09
C6 UQ2 L . -9.05 -11.00 6.48
CM2 UQ2 L . -12.06 -10.14 3.09
CM3 UQ2 L . -8.34 -13.09 1.57
CM5 UQ2 L . -7.47 -13.03 7.08
C7 UQ2 L . -8.92 -10.35 7.89
C8 UQ2 L . -9.32 -11.31 9.04
C9 UQ2 L . -9.12 -11.12 10.43
C10 UQ2 L . -8.63 -9.80 11.02
C11 UQ2 L . -9.52 -12.24 11.37
C12 UQ2 L . -8.30 -13.02 11.87
C13 UQ2 L . -8.72 -14.26 12.68
C14 UQ2 L . -7.97 -14.77 13.76
C15 UQ2 L . -8.44 -16.02 14.46
C16 UQ2 L . -6.69 -14.12 14.27
O1 UQ2 L . -10.44 -9.23 5.66
O2 UQ2 L . -10.64 -10.16 3.01
O3 UQ2 L . -9.47 -12.65 2.35
O4 UQ2 L . -7.88 -13.94 4.42
FE HEC M . -15.18 -18.05 6.85
CHA HEC M . -13.96 -16.50 4.02
CHB HEC M . -13.11 -16.23 8.88
CHC HEC M . -17.09 -18.94 9.63
CHD HEC M . -16.90 -20.31 4.85
NA HEC M . -13.78 -16.64 6.52
C1A HEC M . -13.59 -16.03 5.29
C2A HEC M . -12.67 -14.92 5.54
C3A HEC M . -12.41 -14.88 6.88
C4A HEC M . -13.24 -15.90 7.54
CMA HEC M . -11.50 -13.90 7.57
CAA HEC M . -11.98 -13.95 4.55
CBA HEC M . -12.85 -13.41 3.37
CGA HEC M . -14.13 -12.97 3.76
O1A HEC M . -14.26 -11.99 4.49
O2A HEC M . -15.14 -13.57 3.37
NB HEC M . -15.12 -17.67 8.83
C1B HEC M . -14.15 -16.90 9.46
C2B HEC M . -14.37 -16.92 10.89
C3B HEC M . -15.46 -17.72 11.12
C4B HEC M . -15.91 -18.23 9.81
CMB HEC M . -13.51 -16.20 11.93
CAB HEC M . -16.13 -17.94 12.46
CBB HEC M . -15.26 -18.82 13.40
NC HEC M . -16.67 -19.37 7.18
C1C HEC M . -17.39 -19.50 8.37
C2C HEC M . -18.50 -20.43 8.15
C3C HEC M . -18.47 -20.80 6.82
C4C HEC M . -17.38 -20.03 6.20
CMC HEC M . -19.47 -20.84 9.23
CAC HEC M . -19.39 -21.73 6.02
CBC HEC M . -20.19 -22.82 6.78
ND HEC M . -15.35 -18.36 4.87
C1D HEC M . -16.06 -19.38 4.26
C2D HEC M . -15.86 -19.28 2.83
C3D HEC M . -15.01 -18.23 2.60
C4D HEC M . -14.67 -17.68 3.87
CMD HEC M . -16.45 -20.23 1.80
CAD HEC M . -14.56 -17.76 1.20
CBD HEC M . -15.43 -16.55 0.74
CGD HEC M . -15.14 -16.02 -0.55
O1D HEC M . -16.07 -15.51 -1.20
O2D HEC M . -13.97 -15.95 -0.98
FE HEC N . -18.40 -16.78 27.19
CHA HEC N . -20.95 -16.24 29.43
CHB HEC N . -20.66 -17.12 24.56
CHC HEC N . -15.77 -16.71 24.93
CHD HEC N . -16.16 -17.22 29.86
NA HEC N . -20.43 -16.75 27.03
C1A HEC N . -21.25 -16.49 28.10
C2A HEC N . -22.61 -16.46 27.56
C3A HEC N . -22.54 -16.71 26.22
C4A HEC N . -21.11 -16.83 25.84
CMA HEC N . -23.73 -16.81 25.28
CAA HEC N . -23.89 -16.20 28.36
CBA HEC N . -24.16 -14.67 28.34
CGA HEC N . -25.13 -14.32 29.31
O1A HEC N . -24.77 -13.78 30.39
O2A HEC N . -26.35 -14.48 29.07
NB HEC N . -18.25 -16.81 25.17
C1B HEC N . -19.29 -16.98 24.27
C2B HEC N . -18.76 -17.08 22.93
C3B HEC N . -17.40 -17.03 23.02
C4B HEC N . -17.06 -16.90 24.45
CMB HEC N . -19.57 -17.19 21.66
CAB HEC N . -16.39 -17.00 21.86
CBB HEC N . -16.37 -18.33 21.05
NC HEC N . -16.40 -16.84 27.35
C1C HEC N . -15.51 -16.98 26.28
C2C HEC N . -14.15 -17.18 26.81
C3C HEC N . -14.25 -17.25 28.19
C4C HEC N . -15.68 -17.15 28.50
CMC HEC N . -12.88 -17.22 25.98
CAC HEC N . -13.17 -17.62 29.20
CBC HEC N . -11.80 -16.89 29.10
ND HEC N . -18.54 -16.73 29.20
C1D HEC N . -17.51 -16.90 30.11
C2D HEC N . -18.07 -16.79 31.45
C3D HEC N . -19.39 -16.51 31.32
C4D HEC N . -19.70 -16.52 29.93
CMD HEC N . -17.32 -16.89 32.76
CAD HEC N . -20.36 -16.33 32.52
CBD HEC N . -20.69 -14.83 32.77
CGD HEC N . -21.88 -14.45 32.07
O1D HEC N . -21.88 -13.41 31.35
O2D HEC N . -22.93 -15.15 32.11
C2 SMA O . -31.68 -25.77 20.75
C3 SMA O . -32.70 -26.78 20.81
C3M SMA O . -32.92 -27.76 19.66
C4 SMA O . -33.54 -26.86 21.96
C4A SMA O . -33.37 -25.95 23.06
C5 SMA O . -34.17 -25.95 24.24
C5M SMA O . -36.46 -26.36 24.83
C6 SMA O . -33.86 -25.05 25.30
C7 SMA O . -32.90 -24.04 25.13
C7M SMA O . -33.25 -21.94 26.20
C8 SMA O . -32.11 -24.06 23.97
C8A SMA O . -32.34 -24.98 22.95
C9 SMA O . -30.76 -25.53 19.55
C10 SMA O . -29.59 -26.52 19.44
C11 SMA O . -28.30 -25.98 18.75
C12 SMA O . -27.21 -27.09 18.51
C13 SMA O . -26.43 -27.49 19.80
C14 SMA O . -25.42 -28.69 19.68
C15 SMA O . -24.51 -28.91 20.86
C16 SMA O . -24.32 -30.07 21.43
C17 SMA O . -23.29 -30.05 22.41
C18 SMA O . -22.94 -31.07 23.17
C19 SMA O . -21.86 -30.86 24.12
C20 SMA O . -21.48 -31.87 24.92
C21 SMA O . -20.34 -31.79 25.92
C22 SMA O . -28.49 -25.11 17.51
C23 SMA O . -27.34 -28.52 16.51
C24 SMA O . -25.90 -26.26 20.56
C25 SMA O . -23.44 -27.94 18.31
C26 SMA O . -21.19 -29.49 24.14
O1 SMA O . -31.56 -24.91 21.80
O4 SMA O . -34.42 -27.73 22.00
O5 SMA O . -35.18 -26.89 24.45
O7 SMA O . -32.60 -23.22 26.21
O8 SMA O . -31.10 -23.15 23.81
O12 SMA O . -27.80 -28.23 17.84
O14 SMA O . -24.65 -28.74 18.44
FE1 FES P . 9.95 -10.79 55.41
FE2 FES P . 11.11 -11.04 52.95
S1 FES P . 12.08 -11.14 54.93
S2 FES P . 8.96 -11.05 53.42
FE HEC Q . -45.44 -9.89 46.65
CHA HEC Q . -45.20 -12.50 44.39
CHB HEC Q . -44.29 -7.65 44.22
CHC HEC Q . -45.69 -7.26 48.90
CHD HEC Q . -46.95 -12.06 48.94
NA HEC Q . -44.86 -10.04 44.70
C1A HEC Q . -44.94 -11.21 43.97
C2A HEC Q . -44.45 -10.89 42.62
C3A HEC Q . -44.19 -9.54 42.58
C4A HEC Q . -44.49 -8.98 43.91
CMA HEC Q . -43.72 -8.77 41.38
CAA HEC Q . -44.24 -11.87 41.45
CBA HEC Q . -45.56 -12.10 40.67
CGA HEC Q . -45.28 -12.72 39.42
O1A HEC Q . -45.07 -13.95 39.34
O2A HEC Q . -45.29 -12.04 38.38
NB HEC Q . -45.05 -7.91 46.60
C1B HEC Q . -44.65 -7.18 45.48
C2B HEC Q . -44.56 -5.78 45.82
C3B HEC Q . -44.98 -5.66 47.11
C4B HEC Q . -45.36 -6.99 47.58
CMB HEC Q . -44.06 -4.68 44.92
CAB HEC Q . -45.10 -4.36 47.88
CBB HEC Q . -46.31 -3.51 47.38
NC HEC Q . -46.07 -9.71 48.54
C1C HEC Q . -46.22 -8.51 49.22
C2C HEC Q . -46.86 -8.77 50.50
C3C HEC Q . -47.22 -10.08 50.52
C4C HEC Q . -46.80 -10.65 49.23
CMC HEC Q . -47.09 -7.78 51.61
CAC HEC Q . -48.01 -10.80 51.62
CBC HEC Q . -49.52 -10.78 51.28
ND HEC Q . -45.92 -11.84 46.67
C1D HEC Q . -46.55 -12.53 47.70
C2D HEC Q . -46.77 -13.90 47.26
C3D HEC Q . -46.30 -13.99 46.00
C4D HEC Q . -45.83 -12.72 45.61
CMD HEC Q . -47.41 -14.99 48.07
CAD HEC Q . -46.31 -15.28 45.14
CBD HEC Q . -47.52 -15.26 44.14
CGD HEC Q . -47.74 -16.55 43.57
O1D HEC Q . -46.89 -17.09 42.82
O2D HEC Q . -48.83 -17.14 43.81
#